data_8TTK
#
_entry.id   8TTK
#
_cell.length_a   73.740
_cell.length_b   157.580
_cell.length_c   112.970
_cell.angle_alpha   90.000
_cell.angle_beta   104.250
_cell.angle_gamma   90.000
#
_symmetry.space_group_name_H-M   'P 1 21 1'
#
loop_
_entity.id
_entity.type
_entity.pdbx_description
1 polymer 'Tryptophan 6-halogenase'
2 non-polymer 'SULFATE ION'
3 water water
#
_entity_poly.entity_id   1
_entity_poly.type   'polypeptide(L)'
_entity_poly.pdbx_seq_one_letter_code
;MDNRINRIVILGGGTAGWMTASYLAKALGDTVTITLLEAPAIGRIGVGEATVPNLQRVFFDFLGLREEEWMPECNAAFKT
AVKFINWRTPGPGEAKARTIDGRPDHFYHPFGLLPEHGQVPLSHYWAYNRAAGTTDEPFDYACFAETAAMDAVRAPKWLD
GRPATRYAWHFDAHLVAEFLRRHATERLNVEHVQGEMQQVLRDERGFITALRTVEGRDLEGDLFIDCSGFRGLLINKAME
EPFIDMNDQLLCNRAVATAIKHDDDAHGVEPYTSAIAMRSGWSWKIPMLGRFGTGYVYSSRFAEKDEATLDFCRMWGLDP
ENTPLNQVAFRVGRNRRAWVKNCVSIGLASCFLEPLESTGIYFITAAIYQLTQHFPDRTFALALSDAFNHEIEAMFDDTR
DFIQAHFYVSPRTDTPFWKANKDLHLPEQMREKIAMYKAGLPINAPVTDESTYYGRFEAEFRNFWTNGSYYCIFAGLGLR
PDNPLPMLRHRPEQVREAQALFAGVKDKQRELVETLPSNLEFLRSLHGK
;
_entity_poly.pdbx_strand_id   A,B,C,D
#
# COMPACT_ATOMS: atom_id res chain seq x y z
N ASP A 2 26.54 47.45 25.14
CA ASP A 2 26.01 46.40 24.27
C ASP A 2 24.70 45.85 24.83
N ASN A 3 23.60 46.55 24.56
CA ASN A 3 22.30 46.21 25.12
C ASN A 3 21.39 45.44 24.16
N ARG A 4 21.95 44.91 23.07
CA ARG A 4 21.14 44.13 22.14
C ARG A 4 20.61 42.87 22.78
N ILE A 5 19.37 42.52 22.46
CA ILE A 5 18.88 41.17 22.72
C ILE A 5 19.81 40.18 22.03
N ASN A 6 20.26 39.17 22.78
CA ASN A 6 21.09 38.12 22.22
C ASN A 6 20.38 36.79 22.07
N ARG A 7 19.40 36.50 22.94
CA ARG A 7 18.75 35.21 22.96
C ARG A 7 17.25 35.37 23.10
N ILE A 8 16.50 34.62 22.29
CA ILE A 8 15.04 34.59 22.34
C ILE A 8 14.62 33.15 22.60
N VAL A 9 13.68 32.97 23.53
CA VAL A 9 13.11 31.66 23.83
C VAL A 9 11.60 31.73 23.57
N ILE A 10 11.11 30.81 22.74
CA ILE A 10 9.70 30.74 22.36
C ILE A 10 9.10 29.49 23.00
N LEU A 11 8.01 29.68 23.74
CA LEU A 11 7.27 28.58 24.37
C LEU A 11 6.05 28.26 23.52
N GLY A 12 6.06 27.09 22.90
CA GLY A 12 4.89 26.71 22.09
C GLY A 12 5.32 26.40 20.67
N GLY A 13 4.90 25.24 20.20
CA GLY A 13 5.34 24.77 18.91
C GLY A 13 4.23 24.45 17.93
N GLY A 14 3.18 25.26 17.93
CA GLY A 14 2.15 25.22 16.92
C GLY A 14 2.37 26.29 15.88
N THR A 15 1.28 26.66 15.21
CA THR A 15 1.36 27.63 14.12
C THR A 15 1.98 28.94 14.60
N ALA A 16 1.46 29.51 15.68
CA ALA A 16 2.01 30.76 16.20
C ALA A 16 3.48 30.62 16.56
N GLY A 17 3.86 29.51 17.20
CA GLY A 17 5.24 29.33 17.61
C GLY A 17 6.19 29.30 16.42
N TRP A 18 5.86 28.52 15.40
CA TRP A 18 6.78 28.36 14.29
C TRP A 18 6.70 29.50 13.28
N MET A 19 5.58 30.21 13.20
CA MET A 19 5.57 31.46 12.45
C MET A 19 6.46 32.50 13.12
N THR A 20 6.38 32.61 14.45
CA THR A 20 7.21 33.56 15.17
C THR A 20 8.68 33.23 15.01
N ALA A 21 9.04 31.95 15.18
CA ALA A 21 10.45 31.55 15.09
C ALA A 21 10.98 31.75 13.67
N SER A 22 10.20 31.37 12.66
CA SER A 22 10.63 31.57 11.27
C SER A 22 10.90 33.03 10.98
N TYR A 23 9.94 33.90 11.30
CA TYR A 23 10.05 35.31 10.93
C TYR A 23 11.16 36.00 11.71
N LEU A 24 11.21 35.79 13.03
CA LEU A 24 12.23 36.45 13.84
C LEU A 24 13.63 36.01 13.43
N ALA A 25 13.80 34.74 13.08
CA ALA A 25 15.12 34.26 12.70
C ALA A 25 15.55 34.87 11.37
N LYS A 26 14.62 34.98 10.42
CA LYS A 26 14.93 35.66 9.16
C LYS A 26 15.20 37.15 9.41
N ALA A 27 14.48 37.75 10.35
CA ALA A 27 14.63 39.18 10.59
C ALA A 27 15.92 39.51 11.32
N LEU A 28 16.35 38.64 12.23
CA LEU A 28 17.50 38.92 13.09
C LEU A 28 18.77 38.18 12.70
N GLY A 29 18.66 37.10 11.93
CA GLY A 29 19.86 36.47 11.38
C GLY A 29 20.77 35.91 12.44
N ASP A 30 22.08 36.16 12.27
CA ASP A 30 23.10 35.65 13.18
C ASP A 30 23.10 36.37 14.52
N THR A 31 22.48 37.54 14.61
CA THR A 31 22.67 38.41 15.77
C THR A 31 21.99 37.89 17.02
N VAL A 32 21.05 36.95 16.88
CA VAL A 32 20.25 36.46 18.00
C VAL A 32 20.16 34.94 17.92
N THR A 33 20.30 34.28 19.06
CA THR A 33 19.99 32.86 19.16
C THR A 33 18.51 32.70 19.48
N ILE A 34 17.84 31.79 18.75
CA ILE A 34 16.42 31.55 18.92
C ILE A 34 16.22 30.08 19.26
N THR A 35 15.48 29.82 20.35
CA THR A 35 15.18 28.47 20.79
C THR A 35 13.68 28.34 21.02
N LEU A 36 13.08 27.28 20.50
CA LEU A 36 11.66 27.01 20.70
C LEU A 36 11.50 25.75 21.53
N LEU A 37 10.61 25.81 22.51
CA LEU A 37 10.36 24.68 23.41
C LEU A 37 8.98 24.12 23.09
N GLU A 38 8.97 22.89 22.58
CA GLU A 38 7.77 22.26 22.05
C GLU A 38 7.42 21.04 22.86
N ALA A 39 6.17 20.98 23.30
CA ALA A 39 5.69 19.88 24.12
C ALA A 39 4.87 18.88 23.29
N ILE A 45 -7.83 16.21 15.01
CA ILE A 45 -7.94 16.13 13.56
C ILE A 45 -7.84 17.52 12.94
N GLY A 46 -7.18 17.61 11.79
CA GLY A 46 -7.12 18.86 11.05
C GLY A 46 -8.50 19.30 10.62
N VAL A 47 -8.97 20.43 11.14
CA VAL A 47 -10.31 20.92 10.86
C VAL A 47 -10.28 22.14 9.94
N GLY A 48 -9.12 22.51 9.43
CA GLY A 48 -9.03 23.56 8.43
C GLY A 48 -8.87 24.94 9.03
N GLU A 49 -8.19 25.80 8.27
CA GLU A 49 -7.99 27.19 8.66
C GLU A 49 -8.05 28.07 7.43
N ALA A 50 -8.68 29.24 7.58
CA ALA A 50 -8.82 30.22 6.52
C ALA A 50 -8.04 31.48 6.92
N THR A 51 -7.75 32.31 5.92
CA THR A 51 -6.84 33.43 6.07
C THR A 51 -7.38 34.65 5.31
N VAL A 52 -6.60 35.72 5.30
CA VAL A 52 -6.93 36.94 4.56
C VAL A 52 -5.74 37.29 3.66
N PRO A 53 -5.97 38.13 2.64
CA PRO A 53 -5.02 38.18 1.51
C PRO A 53 -3.60 38.65 1.83
N ASN A 54 -3.35 39.32 2.95
CA ASN A 54 -2.00 39.86 3.13
C ASN A 54 -0.98 38.81 3.55
N LEU A 55 -1.39 37.56 3.79
CA LEU A 55 -0.49 36.57 4.39
C LEU A 55 0.75 36.35 3.54
N GLN A 56 0.58 36.23 2.23
CA GLN A 56 1.73 36.00 1.34
C GLN A 56 2.72 37.14 1.41
N ARG A 57 2.24 38.39 1.33
CA ARG A 57 3.13 39.54 1.29
C ARG A 57 3.77 39.80 2.65
N VAL A 58 3.03 39.61 3.74
CA VAL A 58 3.57 39.94 5.06
C VAL A 58 4.50 38.85 5.56
N PHE A 59 4.15 37.58 5.36
CA PHE A 59 4.84 36.48 6.02
C PHE A 59 5.66 35.66 5.04
N PHE A 60 5.03 34.98 4.08
CA PHE A 60 5.77 34.04 3.25
C PHE A 60 6.77 34.74 2.32
N ASP A 61 6.44 35.94 1.84
CA ASP A 61 7.40 36.69 1.03
C ASP A 61 8.60 37.12 1.86
N PHE A 62 8.39 37.43 3.13
CA PHE A 62 9.50 37.78 4.01
C PHE A 62 10.48 36.62 4.13
N LEU A 63 9.97 35.40 4.23
CA LEU A 63 10.83 34.22 4.29
C LEU A 63 11.36 33.82 2.92
N GLY A 64 10.82 34.38 1.84
CA GLY A 64 11.24 34.01 0.51
C GLY A 64 10.56 32.78 -0.04
N LEU A 65 9.37 32.45 0.44
CA LEU A 65 8.66 31.22 0.09
C LEU A 65 7.52 31.56 -0.86
N ARG A 66 7.66 31.16 -2.11
CA ARG A 66 6.60 31.38 -3.10
C ARG A 66 5.43 30.41 -2.87
N GLU A 67 4.26 30.81 -3.36
CA GLU A 67 3.06 29.98 -3.18
C GLU A 67 3.22 28.62 -3.84
N GLU A 68 3.93 28.58 -4.97
CA GLU A 68 4.18 27.30 -5.64
C GLU A 68 4.98 26.35 -4.78
N GLU A 69 5.69 26.87 -3.77
CA GLU A 69 6.50 26.05 -2.87
C GLU A 69 5.70 25.57 -1.66
N TRP A 70 5.14 26.50 -0.89
CA TRP A 70 4.56 26.12 0.40
C TRP A 70 3.14 25.58 0.31
N MET A 71 2.36 25.98 -0.70
CA MET A 71 1.00 25.46 -0.80
C MET A 71 0.93 23.94 -0.99
N PRO A 72 1.77 23.31 -1.83
CA PRO A 72 1.71 21.84 -1.93
C PRO A 72 2.11 21.12 -0.65
N GLU A 73 2.82 21.80 0.26
CA GLU A 73 3.27 21.18 1.50
C GLU A 73 2.20 21.15 2.59
N CYS A 74 1.06 21.81 2.40
CA CYS A 74 0.05 21.85 3.45
C CYS A 74 -1.37 21.73 2.89
N ASN A 75 -1.52 21.07 1.74
CA ASN A 75 -2.78 20.93 1.03
C ASN A 75 -3.58 22.24 0.96
N ALA A 76 -2.90 23.35 0.70
CA ALA A 76 -3.55 24.65 0.70
C ALA A 76 -4.50 24.77 -0.50
N ALA A 77 -5.55 25.58 -0.31
CA ALA A 77 -6.52 25.86 -1.37
C ALA A 77 -6.85 27.34 -1.33
N PHE A 78 -7.73 27.77 -2.23
CA PHE A 78 -7.98 29.19 -2.44
C PHE A 78 -9.29 29.64 -1.80
N LYS A 79 -9.30 30.91 -1.40
CA LYS A 79 -10.45 31.53 -0.76
C LYS A 79 -10.67 32.90 -1.39
N THR A 80 -11.82 33.07 -2.05
CA THR A 80 -12.19 34.33 -2.68
C THR A 80 -13.08 35.20 -1.81
N ALA A 81 -13.73 34.62 -0.81
CA ALA A 81 -14.64 35.36 0.06
C ALA A 81 -15.02 34.46 1.24
N VAL A 82 -15.75 35.04 2.18
CA VAL A 82 -16.58 34.29 3.10
C VAL A 82 -18.02 34.34 2.59
N LYS A 83 -18.66 33.18 2.52
CA LYS A 83 -20.05 33.09 2.06
C LYS A 83 -20.95 32.86 3.27
N PHE A 84 -21.85 33.81 3.51
CA PHE A 84 -22.73 33.80 4.67
C PHE A 84 -24.08 33.20 4.29
N ILE A 85 -24.44 32.09 4.92
CA ILE A 85 -25.59 31.29 4.51
C ILE A 85 -26.59 31.26 5.65
N ASN A 86 -27.83 31.69 5.36
CA ASN A 86 -28.99 31.59 6.25
C ASN A 86 -28.92 32.55 7.43
N TRP A 87 -28.26 33.69 7.27
CA TRP A 87 -28.22 34.70 8.33
C TRP A 87 -29.44 35.60 8.35
N ARG A 88 -30.32 35.52 7.35
CA ARG A 88 -31.54 36.32 7.34
C ARG A 88 -32.81 35.51 7.54
N THR A 89 -32.79 34.18 7.35
CA THR A 89 -34.01 33.39 7.42
C THR A 89 -34.00 32.45 8.63
N PRO A 90 -35.16 32.19 9.22
CA PRO A 90 -35.23 31.25 10.33
C PRO A 90 -35.24 29.81 9.84
N GLY A 91 -34.86 28.90 10.74
CA GLY A 91 -34.86 27.50 10.42
C GLY A 91 -33.74 26.74 11.08
N PRO A 92 -33.63 25.45 10.75
CA PRO A 92 -32.61 24.60 11.39
C PRO A 92 -31.22 24.92 10.86
N GLY A 93 -30.23 24.35 11.54
CA GLY A 93 -28.87 24.42 11.02
C GLY A 93 -28.74 23.52 9.81
N GLU A 94 -28.67 24.11 8.62
CA GLU A 94 -28.64 23.32 7.39
C GLU A 94 -27.65 23.89 6.39
N ALA A 95 -27.13 23.02 5.53
CA ALA A 95 -25.97 23.34 4.71
C ALA A 95 -26.32 24.17 3.47
N LYS A 96 -27.49 23.99 2.88
CA LYS A 96 -27.85 24.75 1.70
C LYS A 96 -28.77 25.90 2.08
N ALA A 97 -28.59 27.03 1.38
CA ALA A 97 -29.28 28.27 1.71
C ALA A 97 -30.79 28.13 1.57
N ARG A 98 -31.52 28.77 2.47
CA ARG A 98 -32.96 28.85 2.33
C ARG A 98 -33.32 29.89 1.27
N THR A 99 -34.60 29.91 0.91
CA THR A 99 -35.12 30.81 -0.11
C THR A 99 -35.77 32.01 0.56
N ILE A 100 -35.23 33.20 0.31
CA ILE A 100 -35.82 34.43 0.81
C ILE A 100 -36.21 35.27 -0.40
N ASP A 101 -37.52 35.33 -0.66
CA ASP A 101 -38.10 36.21 -1.68
C ASP A 101 -37.48 35.97 -3.05
N GLY A 102 -37.50 34.71 -3.49
CA GLY A 102 -37.05 34.34 -4.80
C GLY A 102 -35.58 33.99 -4.92
N ARG A 103 -34.75 34.45 -4.00
CA ARG A 103 -33.32 34.20 -4.09
C ARG A 103 -32.85 33.36 -2.91
N PRO A 104 -31.77 32.59 -3.09
CA PRO A 104 -31.15 31.92 -1.95
C PRO A 104 -30.69 32.92 -0.90
N ASP A 105 -30.80 32.52 0.37
CA ASP A 105 -30.32 33.35 1.49
C ASP A 105 -28.83 33.12 1.66
N HIS A 106 -28.05 33.77 0.79
CA HIS A 106 -26.61 33.83 1.01
C HIS A 106 -26.09 35.16 0.49
N PHE A 107 -24.98 35.60 1.06
CA PHE A 107 -24.25 36.73 0.53
C PHE A 107 -22.77 36.50 0.71
N TYR A 108 -21.99 37.17 -0.12
CA TYR A 108 -20.55 37.02 -0.13
C TYR A 108 -19.90 38.23 0.52
N HIS A 109 -18.78 37.98 1.20
CA HIS A 109 -17.87 39.03 1.66
C HIS A 109 -16.54 38.82 0.96
N PRO A 110 -16.33 39.41 -0.23
CA PRO A 110 -15.09 39.18 -0.97
C PRO A 110 -13.99 40.17 -0.62
N PHE A 111 -12.84 40.03 -1.28
CA PHE A 111 -11.65 40.76 -0.90
C PHE A 111 -11.34 41.96 -1.79
N GLY A 112 -11.98 42.07 -2.95
CA GLY A 112 -11.66 43.16 -3.86
C GLY A 112 -12.17 44.50 -3.34
N LEU A 113 -11.41 45.56 -3.61
CA LEU A 113 -11.83 46.91 -3.27
C LEU A 113 -12.80 47.43 -4.32
N LEU A 114 -13.75 48.24 -3.86
CA LEU A 114 -14.76 48.79 -4.76
C LEU A 114 -14.17 49.95 -5.54
N PRO A 115 -14.37 49.98 -6.86
CA PRO A 115 -13.98 51.17 -7.61
C PRO A 115 -14.76 52.38 -7.11
N GLU A 116 -14.24 53.56 -7.45
CA GLU A 116 -14.95 54.80 -7.20
C GLU A 116 -15.28 55.47 -8.53
N HIS A 117 -16.31 56.32 -8.50
CA HIS A 117 -16.59 57.24 -9.58
C HIS A 117 -17.05 58.54 -8.96
N GLY A 118 -16.43 59.64 -9.38
CA GLY A 118 -16.74 60.94 -8.78
C GLY A 118 -16.48 60.97 -7.30
N GLN A 119 -15.43 60.28 -6.85
CA GLN A 119 -15.03 60.23 -5.44
C GLN A 119 -16.07 59.53 -4.56
N VAL A 120 -16.93 58.71 -5.17
CA VAL A 120 -17.97 57.98 -4.47
C VAL A 120 -17.82 56.48 -4.76
N PRO A 121 -17.80 55.62 -3.75
CA PRO A 121 -17.63 54.19 -4.00
C PRO A 121 -18.83 53.60 -4.72
N LEU A 122 -18.55 52.52 -5.46
CA LEU A 122 -19.59 51.85 -6.24
C LEU A 122 -20.76 51.40 -5.37
N SER A 123 -20.52 51.13 -4.08
CA SER A 123 -21.59 50.73 -3.16
C SER A 123 -22.68 51.80 -3.09
N HIS A 124 -22.30 53.06 -3.18
CA HIS A 124 -23.28 54.14 -3.00
C HIS A 124 -24.13 54.36 -4.25
N TYR A 125 -23.61 54.01 -5.42
CA TYR A 125 -24.44 54.01 -6.61
C TYR A 125 -25.41 52.84 -6.60
N TRP A 126 -24.98 51.69 -6.06
CA TRP A 126 -25.89 50.57 -5.89
C TRP A 126 -27.04 50.95 -4.97
N ALA A 127 -26.73 51.60 -3.84
CA ALA A 127 -27.78 51.99 -2.91
C ALA A 127 -28.69 53.05 -3.52
N TYR A 128 -28.13 53.90 -4.38
CA TYR A 128 -28.95 54.89 -5.07
C TYR A 128 -29.91 54.21 -6.03
N ASN A 129 -29.43 53.23 -6.78
CA ASN A 129 -30.29 52.51 -7.71
C ASN A 129 -31.38 51.74 -6.98
N ARG A 130 -31.04 51.12 -5.84
CA ARG A 130 -32.04 50.41 -5.06
C ARG A 130 -33.11 51.36 -4.53
N ALA A 131 -32.68 52.51 -4.00
CA ALA A 131 -33.64 53.52 -3.55
C ALA A 131 -34.56 53.96 -4.67
N ALA A 132 -34.01 54.15 -5.87
CA ALA A 132 -34.79 54.59 -7.02
C ALA A 132 -35.73 53.49 -7.53
N GLY A 133 -35.56 52.25 -7.06
CA GLY A 133 -36.45 51.18 -7.46
C GLY A 133 -36.21 50.61 -8.85
N THR A 134 -35.10 50.96 -9.48
CA THR A 134 -34.80 50.48 -10.82
C THR A 134 -34.15 49.10 -10.83
N THR A 135 -33.52 48.69 -9.74
CA THR A 135 -32.93 47.36 -9.66
C THR A 135 -33.29 46.73 -8.33
N ASP A 136 -33.35 45.39 -8.33
CA ASP A 136 -33.54 44.59 -7.13
C ASP A 136 -32.33 43.74 -6.82
N GLU A 137 -31.22 43.96 -7.53
CA GLU A 137 -30.08 43.06 -7.43
C GLU A 137 -29.40 43.20 -6.06
N PRO A 138 -28.96 42.10 -5.47
CA PRO A 138 -28.23 42.20 -4.20
C PRO A 138 -26.92 42.94 -4.38
N PHE A 139 -26.49 43.60 -3.29
CA PHE A 139 -25.26 44.38 -3.34
C PHE A 139 -24.08 43.58 -3.88
N ASP A 140 -23.88 42.36 -3.38
CA ASP A 140 -22.67 41.64 -3.73
C ASP A 140 -22.66 41.24 -5.20
N TYR A 141 -23.82 40.90 -5.76
CA TYR A 141 -23.85 40.52 -7.17
C TYR A 141 -23.78 41.72 -8.11
N ALA A 142 -24.17 42.91 -7.66
CA ALA A 142 -24.10 44.08 -8.52
C ALA A 142 -22.70 44.67 -8.57
N CYS A 143 -21.93 44.56 -7.48
CA CYS A 143 -20.70 45.29 -7.32
C CYS A 143 -19.44 44.45 -7.43
N PHE A 144 -19.54 43.13 -7.29
CA PHE A 144 -18.38 42.25 -7.23
C PHE A 144 -18.44 41.23 -8.35
N ALA A 145 -17.45 41.26 -9.25
CA ALA A 145 -17.37 40.25 -10.29
C ALA A 145 -17.04 38.87 -9.72
N GLU A 146 -16.43 38.82 -8.53
CA GLU A 146 -16.06 37.55 -7.93
C GLU A 146 -17.25 36.67 -7.60
N THR A 147 -18.44 37.26 -7.42
CA THR A 147 -19.58 36.48 -6.98
C THR A 147 -19.97 35.44 -8.03
N ALA A 148 -19.94 35.81 -9.30
CA ALA A 148 -20.28 34.86 -10.35
C ALA A 148 -19.22 33.78 -10.49
N ALA A 149 -17.95 34.12 -10.25
CA ALA A 149 -16.89 33.11 -10.30
C ALA A 149 -17.02 32.11 -9.16
N MET A 150 -17.39 32.57 -7.96
CA MET A 150 -17.55 31.64 -6.84
C MET A 150 -18.76 30.74 -7.03
N ASP A 151 -19.86 31.26 -7.58
CA ASP A 151 -21.02 30.42 -7.83
C ASP A 151 -20.68 29.32 -8.85
N ALA A 152 -19.78 29.60 -9.79
CA ALA A 152 -19.34 28.62 -10.75
C ALA A 152 -18.10 27.85 -10.30
N VAL A 153 -17.74 27.98 -9.00
CA VAL A 153 -16.58 27.36 -8.36
C VAL A 153 -15.31 27.49 -9.22
N ARG A 154 -15.01 28.72 -9.64
CA ARG A 154 -13.80 29.00 -10.41
C ARG A 154 -12.59 29.19 -9.50
N ALA A 155 -11.42 28.91 -10.07
CA ALA A 155 -10.16 29.28 -9.43
C ALA A 155 -10.00 30.80 -9.50
N PRO A 156 -9.17 31.38 -8.62
CA PRO A 156 -8.92 32.83 -8.70
C PRO A 156 -7.83 33.19 -9.69
N LYS A 157 -7.22 32.20 -10.35
CA LYS A 157 -6.18 32.43 -11.34
C LYS A 157 -6.40 31.47 -12.49
N TRP A 158 -5.93 31.85 -13.67
CA TRP A 158 -5.82 30.86 -14.73
C TRP A 158 -4.69 29.89 -14.39
N LEU A 159 -4.69 28.73 -15.06
CA LEU A 159 -3.81 27.64 -14.68
C LEU A 159 -2.34 28.04 -14.77
N ASP A 160 -1.99 28.91 -15.72
CA ASP A 160 -0.59 29.28 -15.92
C ASP A 160 -0.14 30.40 -14.99
N GLY A 161 -0.99 30.83 -14.06
CA GLY A 161 -0.62 31.82 -13.08
C GLY A 161 -1.21 33.21 -13.31
N ARG A 162 -1.74 33.48 -14.49
CA ARG A 162 -2.36 34.76 -14.80
C ARG A 162 -3.37 35.15 -13.71
N PRO A 163 -3.18 36.31 -13.06
CA PRO A 163 -4.09 36.67 -11.96
C PRO A 163 -5.46 37.08 -12.47
N ALA A 164 -6.47 36.87 -11.64
CA ALA A 164 -7.84 37.19 -12.00
C ALA A 164 -8.55 37.94 -10.89
N THR A 165 -8.60 37.37 -9.68
CA THR A 165 -9.29 38.00 -8.57
C THR A 165 -8.45 37.88 -7.30
N ARG A 166 -8.61 38.87 -6.43
CA ARG A 166 -7.95 38.88 -5.13
C ARG A 166 -8.39 37.66 -4.31
N TYR A 167 -7.43 37.03 -3.62
CA TYR A 167 -7.72 35.76 -2.95
C TYR A 167 -6.84 35.60 -1.72
N ALA A 168 -7.25 34.68 -0.86
CA ALA A 168 -6.45 34.23 0.27
C ALA A 168 -6.44 32.70 0.27
N TRP A 169 -6.20 32.08 1.42
CA TRP A 169 -5.85 30.67 1.46
C TRP A 169 -6.66 29.89 2.48
N HIS A 170 -6.93 28.64 2.13
CA HIS A 170 -7.36 27.60 3.05
C HIS A 170 -6.21 26.62 3.22
N PHE A 171 -5.91 26.22 4.46
CA PHE A 171 -4.93 25.16 4.64
C PHE A 171 -5.17 24.43 5.95
N ASP A 172 -4.46 23.32 6.12
CA ASP A 172 -4.39 22.58 7.36
C ASP A 172 -3.26 23.18 8.19
N ALA A 173 -3.62 23.81 9.31
CA ALA A 173 -2.65 24.61 10.06
C ALA A 173 -1.52 23.76 10.63
N HIS A 174 -1.78 22.49 10.93
CA HIS A 174 -0.72 21.63 11.47
C HIS A 174 0.36 21.37 10.43
N LEU A 175 -0.04 21.13 9.17
CA LEU A 175 0.95 20.92 8.12
C LEU A 175 1.75 22.19 7.83
N VAL A 176 1.15 23.36 8.04
CA VAL A 176 1.88 24.62 7.90
C VAL A 176 2.94 24.74 8.99
N ALA A 177 2.57 24.46 10.23
CA ALA A 177 3.52 24.52 11.33
C ALA A 177 4.65 23.52 11.14
N GLU A 178 4.34 22.30 10.70
CA GLU A 178 5.39 21.32 10.41
C GLU A 178 6.29 21.82 9.29
N PHE A 179 5.71 22.41 8.26
CA PHE A 179 6.51 22.98 7.18
C PHE A 179 7.42 24.08 7.70
N LEU A 180 6.89 24.98 8.53
CA LEU A 180 7.70 26.09 9.05
C LEU A 180 8.73 25.61 10.06
N ARG A 181 8.40 24.57 10.84
CA ARG A 181 9.40 23.97 11.72
C ARG A 181 10.59 23.47 10.93
N ARG A 182 10.34 22.79 9.81
CA ARG A 182 11.43 22.29 8.98
C ARG A 182 12.23 23.43 8.38
N HIS A 183 11.55 24.50 7.96
CA HIS A 183 12.27 25.65 7.42
C HIS A 183 13.09 26.34 8.50
N ALA A 184 12.46 26.60 9.66
CA ALA A 184 13.14 27.33 10.72
C ALA A 184 14.37 26.60 11.23
N THR A 185 14.29 25.27 11.39
CA THR A 185 15.38 24.53 11.99
C THR A 185 16.46 24.14 10.99
N GLU A 186 16.09 23.85 9.75
CA GLU A 186 17.07 23.43 8.75
C GLU A 186 17.69 24.58 7.99
N ARG A 187 17.02 25.73 7.89
CA ARG A 187 17.49 26.84 7.08
C ARG A 187 17.77 28.12 7.85
N LEU A 188 17.15 28.30 9.03
CA LEU A 188 17.31 29.54 9.79
C LEU A 188 17.99 29.31 11.14
N ASN A 189 18.53 28.12 11.38
CA ASN A 189 19.30 27.82 12.60
C ASN A 189 18.49 28.08 13.88
N VAL A 190 17.20 27.76 13.83
CA VAL A 190 16.39 27.78 15.05
C VAL A 190 16.57 26.44 15.75
N GLU A 191 16.80 26.49 17.06
CA GLU A 191 16.97 25.27 17.85
C GLU A 191 15.60 24.79 18.35
N HIS A 192 15.25 23.57 17.98
CA HIS A 192 14.03 22.93 18.44
C HIS A 192 14.35 22.08 19.66
N VAL A 193 13.61 22.30 20.75
CA VAL A 193 13.81 21.57 22.00
C VAL A 193 12.49 20.89 22.35
N GLN A 194 12.48 19.56 22.31
CA GLN A 194 11.34 18.81 22.79
C GLN A 194 11.24 18.95 24.31
N GLY A 195 10.06 18.62 24.84
CA GLY A 195 9.85 18.51 26.26
C GLY A 195 8.81 19.48 26.77
N GLU A 196 8.54 19.37 28.06
CA GLU A 196 7.59 20.20 28.79
C GLU A 196 8.34 21.23 29.61
N MET A 197 7.69 22.36 29.87
CA MET A 197 8.29 23.37 30.73
C MET A 197 8.10 22.99 32.19
N GLN A 198 9.20 22.99 32.95
CA GLN A 198 9.13 22.63 34.36
C GLN A 198 8.77 23.83 35.23
N GLN A 199 9.41 24.97 34.99
CA GLN A 199 9.14 26.17 35.77
C GLN A 199 9.73 27.38 35.05
N VAL A 200 9.24 28.56 35.42
CA VAL A 200 9.66 29.83 34.85
C VAL A 200 10.58 30.53 35.84
N LEU A 201 11.81 30.82 35.44
CA LEU A 201 12.77 31.51 36.28
C LEU A 201 12.62 33.02 36.10
N ARG A 202 12.54 33.74 37.22
CA ARG A 202 12.31 35.18 37.21
C ARG A 202 13.26 35.86 38.19
N ASP A 203 13.85 36.98 37.76
CA ASP A 203 14.79 37.73 38.58
C ASP A 203 14.03 38.61 39.58
N GLU A 204 14.78 39.38 40.37
CA GLU A 204 14.20 40.21 41.42
C GLU A 204 13.40 41.40 40.90
N ARG A 205 13.17 41.55 39.60
CA ARG A 205 12.29 42.60 39.09
C ARG A 205 11.12 42.03 38.31
N GLY A 206 10.90 40.72 38.37
CA GLY A 206 9.81 40.08 37.66
C GLY A 206 10.08 39.75 36.21
N PHE A 207 11.30 39.97 35.73
CA PHE A 207 11.66 39.60 34.37
C PHE A 207 12.03 38.12 34.30
N ILE A 208 11.59 37.46 33.23
CA ILE A 208 11.95 36.07 33.02
C ILE A 208 13.42 35.97 32.65
N THR A 209 14.15 35.06 33.30
CA THR A 209 15.54 34.81 32.96
C THR A 209 15.75 33.54 32.15
N ALA A 210 14.97 32.50 32.42
CA ALA A 210 15.14 31.23 31.72
C ALA A 210 13.87 30.40 31.85
N LEU A 211 13.70 29.49 30.90
CA LEU A 211 12.70 28.43 31.00
C LEU A 211 13.43 27.14 31.32
N ARG A 212 12.93 26.40 32.29
CA ARG A 212 13.55 25.17 32.74
C ARG A 212 12.71 23.99 32.27
N THR A 213 13.32 23.09 31.51
CA THR A 213 12.61 21.92 31.00
C THR A 213 12.56 20.83 32.07
N VAL A 214 11.76 19.80 31.81
CA VAL A 214 11.62 18.72 32.78
C VAL A 214 12.88 17.87 32.86
N GLU A 215 13.78 17.97 31.87
CA GLU A 215 15.07 17.32 31.93
C GLU A 215 16.12 18.15 32.66
N GLY A 216 15.70 19.24 33.31
CA GLY A 216 16.62 20.06 34.07
C GLY A 216 17.42 21.06 33.27
N ARG A 217 17.13 21.21 31.98
CA ARG A 217 17.86 22.17 31.16
C ARG A 217 17.24 23.55 31.28
N ASP A 218 18.09 24.57 31.43
CA ASP A 218 17.65 25.96 31.53
C ASP A 218 17.81 26.62 30.17
N LEU A 219 16.68 27.01 29.57
CA LEU A 219 16.67 27.73 28.29
C LEU A 219 16.68 29.22 28.59
N GLU A 220 17.86 29.82 28.59
CA GLU A 220 18.02 31.20 29.00
C GLU A 220 17.85 32.15 27.81
N GLY A 221 17.30 33.33 28.10
CA GLY A 221 17.09 34.33 27.07
C GLY A 221 16.82 35.69 27.68
N ASP A 222 16.83 36.70 26.81
CA ASP A 222 16.50 38.06 27.20
C ASP A 222 15.06 38.43 26.87
N LEU A 223 14.47 37.77 25.89
CA LEU A 223 13.10 38.01 25.46
C LEU A 223 12.39 36.68 25.30
N PHE A 224 11.15 36.62 25.75
CA PHE A 224 10.40 35.37 25.77
C PHE A 224 9.07 35.57 25.06
N ILE A 225 8.75 34.67 24.15
CA ILE A 225 7.53 34.72 23.36
C ILE A 225 6.62 33.59 23.84
N ASP A 226 5.41 33.94 24.28
CA ASP A 226 4.44 32.96 24.76
C ASP A 226 3.51 32.60 23.59
N CYS A 227 3.72 31.43 23.02
CA CYS A 227 2.87 30.86 21.99
C CYS A 227 2.28 29.54 22.47
N SER A 228 1.94 29.47 23.75
CA SER A 228 1.48 28.24 24.38
C SER A 228 -0.01 28.01 24.21
N GLY A 229 -0.70 28.86 23.45
CA GLY A 229 -2.12 28.67 23.25
C GLY A 229 -2.95 29.24 24.39
N PHE A 230 -4.15 28.68 24.55
CA PHE A 230 -5.10 29.19 25.54
C PHE A 230 -4.51 29.14 26.96
N ARG A 231 -3.60 28.21 27.21
CA ARG A 231 -3.02 28.04 28.54
C ARG A 231 -2.32 29.30 29.01
N GLY A 232 -1.70 30.05 28.10
CA GLY A 232 -0.99 31.27 28.44
C GLY A 232 0.02 31.09 29.55
N LEU A 233 0.95 30.16 29.36
CA LEU A 233 1.79 29.71 30.45
C LEU A 233 2.71 30.82 30.96
N LEU A 234 3.20 31.68 30.07
CA LEU A 234 4.05 32.77 30.51
C LEU A 234 3.25 34.04 30.83
N ILE A 235 2.41 34.49 29.90
CA ILE A 235 1.79 35.80 30.04
C ILE A 235 0.73 35.80 31.14
N ASN A 236 -0.09 34.74 31.20
CA ASN A 236 -1.15 34.69 32.20
C ASN A 236 -0.73 34.02 33.50
N LYS A 237 0.01 32.91 33.42
CA LYS A 237 0.41 32.19 34.64
C LYS A 237 1.59 32.88 35.32
N ALA A 238 2.76 32.84 34.68
CA ALA A 238 3.97 33.35 35.30
C ALA A 238 3.89 34.87 35.50
N MET A 239 3.67 35.62 34.43
CA MET A 239 3.64 37.08 34.51
C MET A 239 2.37 37.60 35.18
N GLU A 240 1.35 36.77 35.35
CA GLU A 240 0.12 37.12 36.06
C GLU A 240 -0.67 38.24 35.39
N GLU A 241 -0.59 38.34 34.07
CA GLU A 241 -1.37 39.36 33.39
C GLU A 241 -2.81 38.88 33.22
N PRO A 242 -3.80 39.65 33.65
CA PRO A 242 -5.18 39.17 33.62
C PRO A 242 -5.74 39.15 32.20
N PHE A 243 -6.65 38.22 31.97
CA PHE A 243 -7.36 38.11 30.71
C PHE A 243 -8.66 38.89 30.80
N ILE A 244 -8.99 39.61 29.73
CA ILE A 244 -10.24 40.36 29.66
C ILE A 244 -11.23 39.51 28.88
N ASP A 245 -12.19 38.92 29.61
CA ASP A 245 -13.22 38.10 29.00
C ASP A 245 -14.24 39.00 28.30
N MET A 246 -14.48 38.74 27.01
CA MET A 246 -15.41 39.54 26.23
C MET A 246 -16.61 38.73 25.75
N ASN A 247 -16.92 37.65 26.49
CA ASN A 247 -18.14 36.88 26.26
C ASN A 247 -19.40 37.68 26.53
N ASP A 248 -19.27 38.92 26.98
CA ASP A 248 -20.39 39.84 27.18
C ASP A 248 -20.72 40.62 25.90
N GLN A 249 -20.20 40.17 24.77
CA GLN A 249 -20.34 40.90 23.51
C GLN A 249 -20.40 39.88 22.38
N LEU A 250 -19.66 38.78 22.55
CA LEU A 250 -19.66 37.65 21.63
C LEU A 250 -20.00 36.41 22.46
N LEU A 251 -21.16 35.80 22.17
CA LEU A 251 -21.71 34.78 23.04
C LEU A 251 -21.20 33.38 22.76
N CYS A 252 -20.67 33.12 21.57
CA CYS A 252 -20.17 31.79 21.26
C CYS A 252 -18.89 31.52 22.03
N ASN A 253 -18.80 30.32 22.62
CA ASN A 253 -17.67 29.97 23.47
C ASN A 253 -17.27 28.51 23.32
N ARG A 254 -17.75 27.83 22.29
CA ARG A 254 -17.55 26.40 22.13
C ARG A 254 -17.49 26.08 20.65
N ALA A 255 -16.86 24.95 20.34
CA ALA A 255 -16.83 24.45 18.98
C ALA A 255 -16.81 22.93 19.01
N VAL A 256 -17.47 22.33 18.01
CA VAL A 256 -17.35 20.91 17.71
C VAL A 256 -17.05 20.81 16.23
N ALA A 257 -16.00 20.07 15.88
CA ALA A 257 -15.42 20.19 14.55
C ALA A 257 -14.86 18.87 14.09
N THR A 258 -14.76 18.71 12.77
CA THR A 258 -14.17 17.53 12.16
C THR A 258 -13.78 17.90 10.72
N ALA A 259 -13.26 16.92 10.00
CA ALA A 259 -12.98 17.06 8.58
C ALA A 259 -13.68 15.92 7.84
N ILE A 260 -14.26 16.23 6.70
CA ILE A 260 -15.07 15.29 5.94
C ILE A 260 -14.42 15.06 4.58
N LYS A 261 -14.20 13.80 4.23
CA LYS A 261 -13.79 13.47 2.88
C LYS A 261 -14.89 13.89 1.90
N HIS A 262 -14.47 14.33 0.71
CA HIS A 262 -15.40 14.95 -0.22
C HIS A 262 -15.09 14.52 -1.64
N ASP A 263 -16.13 14.11 -2.36
CA ASP A 263 -15.99 13.79 -3.79
C ASP A 263 -16.01 15.11 -4.56
N ASP A 264 -14.83 15.61 -4.92
CA ASP A 264 -14.73 16.89 -5.60
C ASP A 264 -15.27 16.84 -7.02
N ASP A 265 -15.30 15.66 -7.63
CA ASP A 265 -15.77 15.55 -9.02
C ASP A 265 -17.27 15.73 -9.15
N ALA A 266 -18.01 15.70 -8.05
CA ALA A 266 -19.45 15.89 -8.11
C ALA A 266 -19.80 17.37 -8.24
N HIS A 267 -19.35 18.21 -7.30
CA HIS A 267 -19.68 19.63 -7.36
C HIS A 267 -18.48 20.55 -7.14
N GLY A 268 -17.26 20.06 -7.40
CA GLY A 268 -16.10 20.92 -7.30
C GLY A 268 -15.67 21.23 -5.86
N VAL A 269 -14.66 22.10 -5.78
CA VAL A 269 -14.17 22.63 -4.52
C VAL A 269 -14.55 24.11 -4.46
N GLU A 270 -15.38 24.46 -3.47
CA GLU A 270 -15.82 25.85 -3.34
C GLU A 270 -14.64 26.75 -3.01
N PRO A 271 -14.37 27.78 -3.82
CA PRO A 271 -13.24 28.69 -3.55
C PRO A 271 -13.59 29.76 -2.51
N TYR A 272 -14.17 29.33 -1.39
CA TYR A 272 -14.55 30.26 -0.35
C TYR A 272 -14.82 29.52 0.95
N THR A 273 -14.74 30.26 2.05
CA THR A 273 -15.20 29.80 3.34
C THR A 273 -16.70 30.04 3.47
N SER A 274 -17.41 29.06 4.00
CA SER A 274 -18.81 29.25 4.32
C SER A 274 -18.96 29.46 5.82
N ALA A 275 -19.81 30.41 6.19
CA ALA A 275 -20.24 30.62 7.57
C ALA A 275 -21.75 30.37 7.60
N ILE A 276 -22.14 29.21 8.09
CA ILE A 276 -23.51 28.73 7.98
C ILE A 276 -24.22 28.98 9.30
N ALA A 277 -25.25 29.83 9.27
CA ALA A 277 -25.98 30.16 10.48
C ALA A 277 -26.69 28.93 11.03
N MET A 278 -26.57 28.73 12.34
CA MET A 278 -27.19 27.61 13.05
C MET A 278 -28.20 28.15 14.05
N ARG A 279 -28.77 27.25 14.85
CA ARG A 279 -29.77 27.68 15.82
C ARG A 279 -29.13 28.43 16.99
N SER A 280 -27.90 28.08 17.38
CA SER A 280 -27.25 28.69 18.53
C SER A 280 -25.83 29.11 18.20
N GLY A 281 -25.58 29.51 16.96
CA GLY A 281 -24.26 29.92 16.54
C GLY A 281 -24.12 29.84 15.04
N TRP A 282 -22.96 29.38 14.58
CA TRP A 282 -22.71 29.30 13.15
C TRP A 282 -21.64 28.24 12.91
N SER A 283 -21.66 27.67 11.72
CA SER A 283 -20.70 26.62 11.33
C SER A 283 -19.83 27.13 10.19
N TRP A 284 -18.54 26.80 10.27
CA TRP A 284 -17.62 27.10 9.20
C TRP A 284 -17.50 25.90 8.27
N LYS A 285 -17.19 26.17 7.01
CA LYS A 285 -16.82 25.15 6.06
C LYS A 285 -15.57 25.62 5.32
N ILE A 286 -14.51 24.85 5.39
CA ILE A 286 -13.22 25.23 4.82
C ILE A 286 -12.81 24.16 3.82
N PRO A 287 -13.10 24.34 2.53
CA PRO A 287 -12.83 23.28 1.55
C PRO A 287 -11.39 23.26 1.07
N MET A 288 -10.85 22.05 0.97
CA MET A 288 -9.55 21.81 0.37
C MET A 288 -9.69 20.66 -0.62
N LEU A 289 -8.60 20.32 -1.30
CA LEU A 289 -8.65 19.20 -2.23
C LEU A 289 -8.94 17.91 -1.48
N GLY A 290 -10.01 17.24 -1.87
CA GLY A 290 -10.35 15.93 -1.33
C GLY A 290 -11.11 15.92 -0.01
N ARG A 291 -11.28 17.07 0.64
CA ARG A 291 -11.86 17.10 1.97
C ARG A 291 -12.12 18.55 2.36
N PHE A 292 -13.08 18.74 3.27
CA PHE A 292 -13.30 20.05 3.85
C PHE A 292 -13.33 19.95 5.37
N GLY A 293 -12.83 21.00 6.01
CA GLY A 293 -12.93 21.12 7.46
C GLY A 293 -14.21 21.88 7.83
N THR A 294 -14.82 21.46 8.93
CA THR A 294 -16.08 22.07 9.31
C THR A 294 -16.23 22.05 10.83
N GLY A 295 -16.78 23.13 11.38
CA GLY A 295 -16.94 23.24 12.81
C GLY A 295 -18.13 24.10 13.20
N TYR A 296 -18.95 23.60 14.14
CA TYR A 296 -20.07 24.36 14.67
C TYR A 296 -19.56 25.17 15.87
N VAL A 297 -19.58 26.49 15.75
CA VAL A 297 -19.22 27.40 16.83
C VAL A 297 -20.51 27.82 17.53
N TYR A 298 -20.62 27.58 18.82
CA TYR A 298 -21.89 27.77 19.49
C TYR A 298 -21.69 28.34 20.89
N SER A 299 -22.80 28.77 21.47
CA SER A 299 -22.84 29.37 22.80
C SER A 299 -23.39 28.37 23.79
N SER A 300 -22.55 27.95 24.75
CA SER A 300 -23.00 27.01 25.77
C SER A 300 -24.11 27.59 26.64
N ARG A 301 -24.29 28.92 26.62
CA ARG A 301 -25.42 29.52 27.32
C ARG A 301 -26.75 29.28 26.63
N PHE A 302 -26.72 28.75 25.40
CA PHE A 302 -27.95 28.57 24.63
C PHE A 302 -28.10 27.19 24.00
N ALA A 303 -27.07 26.35 24.02
CA ALA A 303 -27.17 25.00 23.50
C ALA A 303 -26.36 24.05 24.38
N GLU A 304 -26.90 22.86 24.61
CA GLU A 304 -26.16 21.82 25.31
C GLU A 304 -25.14 21.18 24.38
N LYS A 305 -24.16 20.53 24.98
CA LYS A 305 -23.07 19.93 24.23
C LYS A 305 -23.59 18.88 23.23
N ASP A 306 -24.43 17.96 23.71
CA ASP A 306 -24.96 16.92 22.83
C ASP A 306 -25.85 17.52 21.74
N GLU A 307 -26.64 18.54 22.10
CA GLU A 307 -27.44 19.28 21.14
C GLU A 307 -26.58 19.77 19.98
N ALA A 308 -25.51 20.49 20.29
CA ALA A 308 -24.65 21.05 19.25
C ALA A 308 -24.01 19.94 18.41
N THR A 309 -23.43 18.93 19.08
CA THR A 309 -22.85 17.79 18.40
C THR A 309 -23.82 17.18 17.39
N LEU A 310 -25.06 16.91 17.83
CA LEU A 310 -26.03 16.26 16.96
C LEU A 310 -26.49 17.21 15.86
N ASP A 311 -26.74 18.48 16.20
CA ASP A 311 -27.08 19.45 15.17
C ASP A 311 -25.99 19.54 14.11
N PHE A 312 -24.73 19.53 14.54
CA PHE A 312 -23.60 19.56 13.62
C PHE A 312 -23.54 18.32 12.75
N CYS A 313 -23.67 17.14 13.37
CA CYS A 313 -23.62 15.89 12.60
C CYS A 313 -24.83 15.75 11.68
N ARG A 314 -25.97 16.31 12.07
CA ARG A 314 -27.18 16.17 11.26
C ARG A 314 -27.05 16.96 9.97
N MET A 315 -26.47 18.16 10.04
CA MET A 315 -26.33 19.00 8.85
C MET A 315 -25.46 18.34 7.79
N TRP A 316 -24.40 17.64 8.20
CA TRP A 316 -23.52 16.98 7.26
C TRP A 316 -23.85 15.51 7.04
N GLY A 317 -24.92 15.00 7.67
CA GLY A 317 -25.27 13.61 7.50
C GLY A 317 -24.28 12.65 8.13
N LEU A 318 -23.64 13.05 9.22
CA LEU A 318 -22.65 12.23 9.88
C LEU A 318 -23.30 11.36 10.95
N ASP A 319 -22.79 10.14 11.09
CA ASP A 319 -23.14 9.26 12.18
C ASP A 319 -22.48 9.77 13.46
N PRO A 320 -23.23 10.35 14.41
CA PRO A 320 -22.58 10.93 15.59
C PRO A 320 -21.84 9.91 16.45
N GLU A 321 -22.26 8.65 16.44
CA GLU A 321 -21.63 7.63 17.27
C GLU A 321 -20.36 7.06 16.67
N ASN A 322 -20.08 7.31 15.39
CA ASN A 322 -18.93 6.74 14.70
C ASN A 322 -18.17 7.82 13.93
N THR A 323 -18.02 9.00 14.53
CA THR A 323 -17.32 10.10 13.89
C THR A 323 -16.32 10.72 14.86
N PRO A 324 -15.07 10.95 14.44
CA PRO A 324 -14.13 11.66 15.30
C PRO A 324 -14.47 13.14 15.37
N LEU A 325 -14.57 13.67 16.59
CA LEU A 325 -14.98 15.05 16.79
C LEU A 325 -14.03 15.74 17.75
N ASN A 326 -13.56 16.94 17.36
CA ASN A 326 -12.86 17.83 18.27
C ASN A 326 -13.89 18.64 19.05
N GLN A 327 -13.90 18.48 20.37
CA GLN A 327 -14.75 19.24 21.27
C GLN A 327 -13.85 20.21 22.02
N VAL A 328 -13.99 21.51 21.76
CA VAL A 328 -13.12 22.50 22.37
C VAL A 328 -13.97 23.65 22.93
N ALA A 329 -13.63 24.05 24.15
CA ALA A 329 -14.12 25.30 24.72
C ALA A 329 -13.05 26.36 24.50
N PHE A 330 -13.46 27.56 24.13
CA PHE A 330 -12.46 28.59 23.89
C PHE A 330 -12.76 29.84 24.71
N ARG A 331 -11.78 30.75 24.63
CA ARG A 331 -11.59 31.87 25.55
C ARG A 331 -11.65 33.14 24.72
N VAL A 332 -12.77 33.84 24.75
CA VAL A 332 -13.00 34.99 23.86
C VAL A 332 -12.62 36.26 24.61
N GLY A 333 -11.62 36.96 24.08
CA GLY A 333 -11.13 38.17 24.71
C GLY A 333 -9.67 38.37 24.36
N ARG A 334 -9.03 39.22 25.13
CA ARG A 334 -7.60 39.49 24.98
C ARG A 334 -7.02 39.77 26.35
N ASN A 335 -5.71 39.56 26.47
CA ASN A 335 -5.01 40.00 27.66
C ASN A 335 -5.16 41.50 27.81
N ARG A 336 -5.08 41.98 29.06
CA ARG A 336 -5.06 43.41 29.29
C ARG A 336 -3.90 44.06 28.54
N ARG A 337 -2.75 43.39 28.53
CA ARG A 337 -1.59 43.78 27.74
C ARG A 337 -1.03 42.54 27.06
N ALA A 338 -0.70 42.67 25.78
CA ALA A 338 -0.11 41.56 25.05
C ALA A 338 1.36 41.35 25.36
N TRP A 339 2.03 42.40 25.84
CA TRP A 339 3.46 42.36 26.12
C TRP A 339 3.67 42.93 27.51
N VAL A 340 4.21 42.12 28.42
CA VAL A 340 4.46 42.51 29.79
C VAL A 340 5.91 42.20 30.12
N LYS A 341 6.66 43.22 30.56
CA LYS A 341 8.09 43.11 30.81
C LYS A 341 8.80 42.57 29.59
N ASN A 342 9.48 41.42 29.70
CA ASN A 342 10.16 40.81 28.57
C ASN A 342 9.41 39.58 28.06
N CYS A 343 8.08 39.57 28.18
CA CYS A 343 7.25 38.45 27.73
C CYS A 343 6.22 38.99 26.74
N VAL A 344 6.24 38.48 25.52
CA VAL A 344 5.31 38.88 24.47
C VAL A 344 4.43 37.68 24.13
N SER A 345 3.11 37.86 24.23
CA SER A 345 2.16 36.80 23.90
C SER A 345 1.74 36.94 22.44
N ILE A 346 1.73 35.83 21.73
CA ILE A 346 1.36 35.80 20.32
C ILE A 346 0.37 34.66 20.10
N GLY A 347 -0.66 34.92 19.30
CA GLY A 347 -1.65 33.90 19.00
C GLY A 347 -2.67 33.70 20.11
N LEU A 348 -3.07 32.45 20.34
CA LEU A 348 -4.11 32.18 21.32
C LEU A 348 -3.72 32.63 22.72
N ALA A 349 -2.43 32.64 23.04
CA ALA A 349 -2.00 33.09 24.36
C ALA A 349 -2.29 34.57 24.56
N SER A 350 -2.50 35.31 23.48
CA SER A 350 -2.72 36.75 23.52
C SER A 350 -4.19 37.13 23.47
N CYS A 351 -4.94 36.53 22.55
CA CYS A 351 -6.32 36.92 22.30
C CYS A 351 -6.96 35.88 21.40
N PHE A 352 -8.30 35.89 21.37
CA PHE A 352 -9.03 34.99 20.48
C PHE A 352 -10.41 35.55 20.18
N LEU A 353 -10.81 35.42 18.92
CA LEU A 353 -12.18 35.63 18.47
C LEU A 353 -12.59 34.41 17.64
N GLU A 354 -13.89 34.13 17.61
CA GLU A 354 -14.37 33.09 16.73
C GLU A 354 -13.97 33.41 15.29
N PRO A 355 -13.66 32.41 14.48
CA PRO A 355 -13.06 32.68 13.16
C PRO A 355 -14.08 33.13 12.12
N LEU A 356 -15.01 34.03 12.49
CA LEU A 356 -16.07 34.38 11.56
C LEU A 356 -15.54 35.10 10.33
N GLU A 357 -14.46 35.86 10.48
CA GLU A 357 -13.86 36.54 9.34
C GLU A 357 -12.40 36.14 9.12
N SER A 358 -11.96 35.04 9.72
CA SER A 358 -10.66 34.41 9.41
C SER A 358 -9.49 35.32 9.79
N THR A 359 -9.53 35.86 11.00
CA THR A 359 -8.54 36.83 11.47
C THR A 359 -7.48 36.23 12.39
N GLY A 360 -7.57 34.94 12.70
CA GLY A 360 -6.63 34.30 13.60
C GLY A 360 -5.17 34.34 13.16
N ILE A 361 -4.89 33.82 11.96
CA ILE A 361 -3.53 33.92 11.42
C ILE A 361 -3.12 35.39 11.28
N TYR A 362 -4.07 36.24 10.88
CA TYR A 362 -3.78 37.66 10.70
C TYR A 362 -3.33 38.29 12.02
N PHE A 363 -3.99 37.98 13.13
CA PHE A 363 -3.54 38.47 14.43
C PHE A 363 -2.14 37.98 14.76
N ILE A 364 -1.77 36.78 14.31
CA ILE A 364 -0.43 36.27 14.59
C ILE A 364 0.61 37.04 13.80
N THR A 365 0.46 37.09 12.47
CA THR A 365 1.41 37.84 11.65
C THR A 365 1.45 39.30 12.03
N ALA A 366 0.32 39.87 12.42
CA ALA A 366 0.32 41.27 12.85
C ALA A 366 1.17 41.45 14.10
N ALA A 367 0.97 40.56 15.09
CA ALA A 367 1.78 40.65 16.31
C ALA A 367 3.26 40.50 16.01
N ILE A 368 3.60 39.59 15.09
CA ILE A 368 5.00 39.34 14.77
C ILE A 368 5.59 40.54 14.05
N TYR A 369 4.87 41.07 13.06
CA TYR A 369 5.34 42.26 12.37
C TYR A 369 5.50 43.42 13.34
N GLN A 370 4.48 43.66 14.18
CA GLN A 370 4.55 44.77 15.12
C GLN A 370 5.65 44.56 16.16
N LEU A 371 5.96 43.32 16.51
CA LEU A 371 7.08 43.07 17.41
C LEU A 371 8.38 43.55 16.79
N THR A 372 8.64 43.18 15.53
CA THR A 372 9.85 43.67 14.87
C THR A 372 9.82 45.18 14.70
N GLN A 373 8.62 45.77 14.55
CA GLN A 373 8.54 47.21 14.46
C GLN A 373 8.83 47.89 15.79
N HIS A 374 8.58 47.21 16.91
CA HIS A 374 8.84 47.74 18.23
C HIS A 374 9.88 46.90 18.98
N PHE A 375 10.81 46.30 18.26
CA PHE A 375 11.72 45.34 18.86
C PHE A 375 12.54 45.99 19.98
N PRO A 376 12.67 45.36 21.13
CA PRO A 376 13.36 45.98 22.25
C PRO A 376 14.86 45.70 22.24
N ASP A 377 15.56 46.47 23.08
CA ASP A 377 16.85 46.06 23.60
C ASP A 377 16.67 45.70 25.07
N ARG A 378 17.76 45.27 25.71
CA ARG A 378 17.67 44.71 27.06
C ARG A 378 17.24 45.72 28.12
N THR A 379 17.21 47.01 27.80
CA THR A 379 16.65 47.98 28.74
C THR A 379 15.13 47.96 28.74
N PHE A 380 14.51 47.43 27.68
CA PHE A 380 13.06 47.28 27.56
C PHE A 380 12.34 48.59 27.90
N ALA A 381 12.63 49.61 27.07
CA ALA A 381 11.96 50.89 27.22
C ALA A 381 10.46 50.71 27.14
N LEU A 382 9.74 51.29 28.12
CA LEU A 382 8.31 51.07 28.21
C LEU A 382 7.58 51.58 26.98
N ALA A 383 8.08 52.65 26.35
CA ALA A 383 7.41 53.19 25.16
C ALA A 383 7.29 52.16 24.05
N LEU A 384 8.21 51.20 23.99
CA LEU A 384 8.14 50.18 22.94
C LEU A 384 6.97 49.23 23.18
N SER A 385 6.85 48.70 24.40
CA SER A 385 5.79 47.74 24.68
C SER A 385 4.43 48.43 24.77
N ASP A 386 4.40 49.65 25.34
CA ASP A 386 3.16 50.43 25.36
C ASP A 386 2.64 50.65 23.95
N ALA A 387 3.52 51.07 23.03
CA ALA A 387 3.11 51.24 21.65
C ALA A 387 2.65 49.92 21.05
N PHE A 388 3.42 48.85 21.27
CA PHE A 388 3.02 47.53 20.78
C PHE A 388 1.64 47.14 21.30
N ASN A 389 1.43 47.27 22.61
CA ASN A 389 0.17 46.83 23.21
C ASN A 389 -1.00 47.64 22.67
N HIS A 390 -0.79 48.94 22.43
CA HIS A 390 -1.86 49.76 21.89
C HIS A 390 -2.27 49.30 20.49
N GLU A 391 -1.28 49.00 19.64
CA GLU A 391 -1.58 48.54 18.29
C GLU A 391 -2.31 47.21 18.30
N ILE A 392 -1.92 46.31 19.21
CA ILE A 392 -2.60 45.03 19.32
C ILE A 392 -4.01 45.21 19.84
N GLU A 393 -4.17 46.04 20.88
CA GLU A 393 -5.49 46.28 21.45
C GLU A 393 -6.43 46.94 20.44
N ALA A 394 -5.92 47.91 19.67
CA ALA A 394 -6.77 48.58 18.69
C ALA A 394 -7.21 47.64 17.59
N MET A 395 -6.30 46.80 17.11
CA MET A 395 -6.62 45.87 16.03
C MET A 395 -7.64 44.82 16.48
N PHE A 396 -7.50 44.33 17.71
CA PHE A 396 -8.41 43.28 18.20
C PHE A 396 -9.80 43.85 18.44
N ASP A 397 -9.89 44.98 19.14
CA ASP A 397 -11.19 45.56 19.45
C ASP A 397 -11.95 45.95 18.20
N ASP A 398 -11.24 46.37 17.15
CA ASP A 398 -11.90 46.79 15.91
C ASP A 398 -12.52 45.59 15.20
N THR A 399 -11.86 44.44 15.23
CA THR A 399 -12.44 43.25 14.59
C THR A 399 -13.50 42.62 15.48
N ARG A 400 -13.29 42.60 16.79
CA ARG A 400 -14.32 42.18 17.73
C ARG A 400 -15.64 42.89 17.44
N ASP A 401 -15.60 44.22 17.41
CA ASP A 401 -16.80 45.01 17.13
C ASP A 401 -17.39 44.65 15.78
N PHE A 402 -16.55 44.55 14.74
CA PHE A 402 -17.01 44.15 13.43
C PHE A 402 -17.74 42.80 13.48
N ILE A 403 -17.12 41.81 14.13
CA ILE A 403 -17.73 40.49 14.22
C ILE A 403 -19.07 40.54 14.93
N GLN A 404 -19.16 41.32 16.02
CA GLN A 404 -20.41 41.41 16.75
C GLN A 404 -21.54 41.98 15.89
N ALA A 405 -21.21 42.91 14.99
CA ALA A 405 -22.23 43.49 14.13
C ALA A 405 -22.84 42.45 13.19
N HIS A 406 -22.08 41.41 12.85
CA HIS A 406 -22.66 40.31 12.07
C HIS A 406 -23.89 39.72 12.75
N PHE A 407 -23.84 39.55 14.07
CA PHE A 407 -24.99 39.01 14.80
C PHE A 407 -25.99 40.09 15.15
N TYR A 408 -25.51 41.29 15.46
CA TYR A 408 -26.41 42.36 15.90
C TYR A 408 -27.33 42.83 14.77
N VAL A 409 -26.81 42.88 13.55
CA VAL A 409 -27.58 43.37 12.40
C VAL A 409 -28.43 42.29 11.76
N SER A 410 -28.11 41.02 12.00
CA SER A 410 -28.95 39.95 11.48
C SER A 410 -30.40 40.16 11.91
N PRO A 411 -31.37 39.99 11.01
CA PRO A 411 -32.78 40.14 11.42
C PRO A 411 -33.32 38.95 12.20
N ARG A 412 -32.56 37.86 12.30
CA ARG A 412 -33.11 36.65 12.90
C ARG A 412 -33.45 36.86 14.37
N THR A 413 -34.63 36.39 14.77
CA THR A 413 -35.07 36.39 16.17
C THR A 413 -35.72 35.06 16.52
N ASP A 414 -35.55 34.02 15.70
CA ASP A 414 -36.34 32.80 15.83
C ASP A 414 -35.88 31.89 16.96
N THR A 415 -34.65 32.01 17.44
CA THR A 415 -34.19 31.24 18.59
C THR A 415 -33.70 32.19 19.68
N PRO A 416 -33.54 31.70 20.92
CA PRO A 416 -33.04 32.58 21.98
C PRO A 416 -31.64 33.12 21.72
N PHE A 417 -30.80 32.38 21.00
CA PHE A 417 -29.46 32.89 20.68
C PHE A 417 -29.53 34.12 19.79
N TRP A 418 -30.24 34.00 18.66
CA TRP A 418 -30.33 35.12 17.73
C TRP A 418 -31.05 36.31 18.34
N LYS A 419 -31.98 36.07 19.26
CA LYS A 419 -32.68 37.16 19.92
C LYS A 419 -31.79 37.85 20.95
N ALA A 420 -31.02 37.06 21.72
CA ALA A 420 -30.17 37.63 22.75
C ALA A 420 -29.04 38.47 22.16
N ASN A 421 -28.64 38.23 20.92
CA ASN A 421 -27.63 39.08 20.30
C ASN A 421 -28.11 40.51 20.18
N LYS A 422 -29.39 40.70 19.88
CA LYS A 422 -29.96 42.04 19.74
C LYS A 422 -30.16 42.76 21.08
N ASP A 423 -29.93 42.08 22.20
CA ASP A 423 -30.04 42.71 23.51
C ASP A 423 -28.70 43.12 24.09
N LEU A 424 -27.60 42.73 23.45
CA LEU A 424 -26.29 43.06 23.95
C LEU A 424 -25.97 44.53 23.71
N HIS A 425 -25.08 45.07 24.53
CA HIS A 425 -24.67 46.45 24.37
C HIS A 425 -23.89 46.62 23.07
N LEU A 426 -24.34 47.53 22.25
CA LEU A 426 -23.63 47.86 21.02
C LEU A 426 -22.60 48.95 21.32
N PRO A 427 -21.33 48.75 20.96
CA PRO A 427 -20.32 49.77 21.24
C PRO A 427 -20.67 51.08 20.53
N GLU A 428 -20.28 52.18 21.16
CA GLU A 428 -20.65 53.51 20.64
C GLU A 428 -20.07 53.73 19.24
N GLN A 429 -18.85 53.25 19.00
CA GLN A 429 -18.25 53.47 17.68
C GLN A 429 -18.99 52.69 16.60
N MET A 430 -19.53 51.51 16.93
CA MET A 430 -20.30 50.76 15.95
C MET A 430 -21.71 51.33 15.78
N ARG A 431 -22.30 51.86 16.84
CA ARG A 431 -23.57 52.56 16.70
C ARG A 431 -23.44 53.78 15.79
N GLU A 432 -22.36 54.54 15.95
CA GLU A 432 -22.10 55.66 15.04
C GLU A 432 -21.94 55.19 13.61
N LYS A 433 -21.27 54.06 13.41
CA LYS A 433 -21.05 53.55 12.05
C LYS A 433 -22.36 53.16 11.39
N ILE A 434 -23.25 52.49 12.13
CA ILE A 434 -24.54 52.12 11.56
C ILE A 434 -25.34 53.36 11.21
N ALA A 435 -25.22 54.42 12.01
CA ALA A 435 -25.94 55.67 11.73
C ALA A 435 -25.38 56.37 10.50
N MET A 436 -24.04 56.39 10.35
CA MET A 436 -23.46 56.93 9.12
C MET A 436 -23.92 56.14 7.91
N TYR A 437 -23.90 54.81 8.04
CA TYR A 437 -24.34 53.95 6.96
C TYR A 437 -25.79 54.24 6.59
N LYS A 438 -26.66 54.37 7.59
CA LYS A 438 -28.07 54.64 7.31
C LYS A 438 -28.25 56.01 6.67
N ALA A 439 -27.41 56.99 7.03
CA ALA A 439 -27.48 58.31 6.41
C ALA A 439 -26.84 58.35 5.04
N GLY A 440 -26.29 57.24 4.55
CA GLY A 440 -25.71 57.18 3.22
C GLY A 440 -24.23 57.47 3.14
N LEU A 441 -23.56 57.71 4.26
CA LEU A 441 -22.13 57.97 4.24
C LEU A 441 -21.33 56.69 4.04
N PRO A 442 -20.16 56.79 3.42
CA PRO A 442 -19.23 55.66 3.43
C PRO A 442 -18.59 55.49 4.80
N ILE A 443 -18.27 54.25 5.13
CA ILE A 443 -17.59 53.92 6.38
C ILE A 443 -16.16 53.55 6.03
N ASN A 444 -15.20 54.33 6.50
CA ASN A 444 -13.79 54.00 6.34
C ASN A 444 -13.46 53.71 4.87
N ALA A 445 -13.83 54.64 4.00
CA ALA A 445 -13.60 54.45 2.59
C ALA A 445 -12.11 54.29 2.32
N PRO A 446 -11.70 53.35 1.47
CA PRO A 446 -10.28 53.15 1.21
C PRO A 446 -9.68 54.33 0.49
N VAL A 447 -8.41 54.60 0.82
CA VAL A 447 -7.68 55.72 0.24
C VAL A 447 -6.46 55.28 -0.55
N THR A 448 -6.19 53.99 -0.62
CA THR A 448 -5.09 53.48 -1.41
C THR A 448 -5.63 52.48 -2.42
N ASP A 449 -4.81 52.21 -3.44
CA ASP A 449 -5.21 51.18 -4.39
C ASP A 449 -5.00 49.79 -3.78
N GLU A 450 -5.55 48.78 -4.47
CA GLU A 450 -5.61 47.44 -3.91
C GLU A 450 -4.22 46.82 -3.76
N SER A 451 -3.38 46.95 -4.78
CA SER A 451 -2.06 46.33 -4.74
C SER A 451 -1.21 46.91 -3.62
N THR A 452 -1.27 48.22 -3.43
CA THR A 452 -0.60 48.81 -2.27
C THR A 452 -1.28 48.41 -0.97
N TYR A 453 -2.60 48.38 -0.94
CA TYR A 453 -3.36 48.02 0.26
C TYR A 453 -2.88 46.71 0.87
N TYR A 454 -2.85 45.64 0.07
CA TYR A 454 -2.33 44.35 0.54
C TYR A 454 -0.81 44.26 0.45
N GLY A 455 -0.15 45.32 -0.04
CA GLY A 455 1.29 45.31 -0.21
C GLY A 455 2.04 45.96 0.93
N ARG A 456 1.48 47.05 1.47
CA ARG A 456 2.05 47.71 2.63
C ARG A 456 1.22 47.33 3.86
N PHE A 457 1.89 46.71 4.85
CA PHE A 457 1.19 46.23 6.04
C PHE A 457 0.48 47.36 6.76
N GLU A 458 1.18 48.48 6.97
CA GLU A 458 0.61 49.57 7.75
C GLU A 458 -0.55 50.25 7.03
N ALA A 459 -0.65 50.12 5.72
CA ALA A 459 -1.81 50.65 5.02
C ALA A 459 -3.08 49.90 5.39
N GLU A 460 -3.03 48.56 5.30
CA GLU A 460 -4.19 47.76 5.68
C GLU A 460 -4.42 47.81 7.18
N PHE A 461 -3.34 47.86 7.97
CA PHE A 461 -3.45 47.75 9.42
C PHE A 461 -4.23 48.91 10.02
N ARG A 462 -4.13 50.10 9.44
CA ARG A 462 -4.85 51.25 9.98
C ARG A 462 -6.34 51.18 9.69
N ASN A 463 -6.69 50.80 8.46
CA ASN A 463 -8.08 50.70 8.02
C ASN A 463 -8.35 49.26 7.60
N PHE A 464 -8.46 48.37 8.58
CA PHE A 464 -8.54 46.94 8.24
C PHE A 464 -9.89 46.56 7.67
N TRP A 465 -10.98 47.11 8.23
CA TRP A 465 -12.32 46.88 7.69
C TRP A 465 -12.78 48.17 7.01
N THR A 466 -12.89 48.13 5.69
CA THR A 466 -13.17 49.30 4.88
C THR A 466 -14.65 49.32 4.48
N ASN A 467 -14.98 50.34 3.67
CA ASN A 467 -16.36 50.58 3.28
C ASN A 467 -16.98 49.38 2.58
N GLY A 468 -16.23 48.75 1.67
CA GLY A 468 -16.74 47.56 1.00
C GLY A 468 -17.14 46.46 1.98
N SER A 469 -16.36 46.27 3.04
CA SER A 469 -16.64 45.20 3.99
C SER A 469 -17.90 45.49 4.79
N TYR A 470 -18.09 46.74 5.24
CA TYR A 470 -19.29 47.07 6.00
C TYR A 470 -20.54 46.92 5.12
N TYR A 471 -20.46 47.32 3.86
CA TYR A 471 -21.59 47.13 2.96
C TYR A 471 -21.86 45.64 2.72
N CYS A 472 -20.81 44.84 2.54
CA CYS A 472 -20.99 43.39 2.40
C CYS A 472 -21.80 42.82 3.53
N ILE A 473 -21.53 43.27 4.75
CA ILE A 473 -22.19 42.74 5.94
C ILE A 473 -23.57 43.35 6.10
N PHE A 474 -23.64 44.69 6.12
CA PHE A 474 -24.91 45.38 6.38
C PHE A 474 -25.92 45.12 5.27
N ALA A 475 -25.50 45.26 4.01
CA ALA A 475 -26.42 45.07 2.91
C ALA A 475 -26.75 43.60 2.71
N GLY A 476 -25.76 42.72 2.91
CA GLY A 476 -26.02 41.29 2.83
C GLY A 476 -27.02 40.81 3.86
N LEU A 477 -27.01 41.42 5.04
CA LEU A 477 -27.94 41.08 6.11
C LEU A 477 -29.28 41.80 6.00
N GLY A 478 -29.50 42.56 4.93
CA GLY A 478 -30.77 43.20 4.69
C GLY A 478 -30.89 44.63 5.15
N LEU A 479 -29.79 45.27 5.54
CA LEU A 479 -29.82 46.64 6.01
C LEU A 479 -29.30 47.57 4.90
N ARG A 480 -30.17 48.45 4.42
CA ARG A 480 -29.85 49.46 3.43
C ARG A 480 -29.97 50.85 4.03
N PRO A 481 -29.28 51.85 3.48
CA PRO A 481 -29.40 53.20 4.01
C PRO A 481 -30.85 53.68 4.01
N ASP A 482 -31.17 54.60 4.92
CA ASP A 482 -32.46 55.26 4.89
C ASP A 482 -32.65 56.05 3.60
N ASN A 483 -31.56 56.54 3.01
CA ASN A 483 -31.60 57.29 1.77
C ASN A 483 -30.22 57.26 1.16
N PRO A 484 -30.09 57.42 -0.15
CA PRO A 484 -28.76 57.49 -0.76
C PRO A 484 -28.01 58.74 -0.30
N LEU A 485 -26.70 58.72 -0.53
CA LEU A 485 -25.83 59.83 -0.20
C LEU A 485 -26.38 61.13 -0.76
N PRO A 486 -26.65 62.14 0.08
CA PRO A 486 -27.40 63.32 -0.41
C PRO A 486 -26.73 64.07 -1.56
N MET A 487 -25.39 64.14 -1.58
CA MET A 487 -24.72 64.85 -2.66
C MET A 487 -25.03 64.26 -4.02
N LEU A 488 -25.35 62.96 -4.07
CA LEU A 488 -25.68 62.35 -5.37
C LEU A 488 -26.92 62.96 -5.99
N ARG A 489 -27.84 63.50 -5.17
CA ARG A 489 -28.98 64.23 -5.69
C ARG A 489 -28.58 65.48 -6.45
N HIS A 490 -27.39 66.01 -6.18
CA HIS A 490 -26.86 67.17 -6.87
C HIS A 490 -25.98 66.81 -8.05
N ARG A 491 -25.58 65.55 -8.18
CA ARG A 491 -24.69 65.10 -9.26
C ARG A 491 -25.38 64.03 -10.10
N PRO A 492 -26.48 64.36 -10.77
CA PRO A 492 -27.18 63.33 -11.56
C PRO A 492 -26.36 62.81 -12.72
N GLU A 493 -25.49 63.64 -13.31
CA GLU A 493 -24.65 63.16 -14.40
C GLU A 493 -23.64 62.13 -13.92
N GLN A 494 -23.18 62.22 -12.67
CA GLN A 494 -22.32 61.17 -12.11
C GLN A 494 -23.07 59.86 -11.99
N VAL A 495 -24.32 59.91 -11.52
CA VAL A 495 -25.12 58.70 -11.41
C VAL A 495 -25.27 58.04 -12.78
N ARG A 496 -25.60 58.84 -13.80
CA ARG A 496 -25.70 58.29 -15.16
C ARG A 496 -24.37 57.70 -15.62
N GLU A 497 -23.26 58.41 -15.36
CA GLU A 497 -21.96 57.90 -15.77
C GLU A 497 -21.58 56.63 -15.02
N ALA A 498 -21.90 56.57 -13.72
CA ALA A 498 -21.49 55.44 -12.90
C ALA A 498 -22.12 54.13 -13.33
N GLN A 499 -23.25 54.18 -14.03
CA GLN A 499 -23.94 52.96 -14.46
C GLN A 499 -23.07 52.10 -15.37
N ALA A 500 -22.15 52.72 -16.11
CA ALA A 500 -21.22 51.94 -16.92
C ALA A 500 -20.34 51.04 -16.07
N LEU A 501 -20.13 51.40 -14.79
CA LEU A 501 -19.36 50.53 -13.90
C LEU A 501 -20.11 49.25 -13.60
N PHE A 502 -21.44 49.34 -13.40
CA PHE A 502 -22.22 48.13 -13.17
C PHE A 502 -22.24 47.24 -14.41
N ALA A 503 -22.32 47.84 -15.60
CA ALA A 503 -22.23 47.07 -16.83
C ALA A 503 -20.85 46.47 -17.01
N GLY A 504 -19.83 47.10 -16.44
CA GLY A 504 -18.50 46.52 -16.49
C GLY A 504 -18.39 45.28 -15.61
N VAL A 505 -18.98 45.32 -14.42
CA VAL A 505 -18.97 44.15 -13.55
C VAL A 505 -19.68 42.98 -14.22
N LYS A 506 -20.80 43.25 -14.89
CA LYS A 506 -21.54 42.19 -15.57
C LYS A 506 -20.73 41.57 -16.69
N ASP A 507 -20.04 42.39 -17.47
CA ASP A 507 -19.12 41.86 -18.48
C ASP A 507 -18.07 40.98 -17.84
N LYS A 508 -17.48 41.43 -16.72
CA LYS A 508 -16.42 40.66 -16.08
C LYS A 508 -16.94 39.39 -15.45
N GLN A 509 -18.19 39.39 -14.96
CA GLN A 509 -18.78 38.18 -14.41
C GLN A 509 -18.91 37.10 -15.48
N ARG A 510 -19.45 37.47 -16.65
CA ARG A 510 -19.55 36.52 -17.76
C ARG A 510 -18.17 36.01 -18.17
N GLU A 511 -17.20 36.93 -18.31
CA GLU A 511 -15.87 36.54 -18.79
C GLU A 511 -15.14 35.63 -17.81
N LEU A 512 -15.25 35.93 -16.51
CA LEU A 512 -14.58 35.08 -15.52
C LEU A 512 -15.18 33.69 -15.49
N VAL A 513 -16.50 33.58 -15.63
CA VAL A 513 -17.15 32.28 -15.62
C VAL A 513 -16.80 31.49 -16.88
N GLU A 514 -16.70 32.16 -18.01
CA GLU A 514 -16.52 31.48 -19.28
C GLU A 514 -15.08 31.08 -19.58
N THR A 515 -14.09 31.72 -18.96
CA THR A 515 -12.69 31.44 -19.29
C THR A 515 -11.83 30.94 -18.12
N LEU A 516 -12.23 31.17 -16.88
CA LEU A 516 -11.37 30.69 -15.81
C LEU A 516 -11.47 29.18 -15.64
N PRO A 517 -10.39 28.54 -15.21
CA PRO A 517 -10.48 27.12 -14.88
C PRO A 517 -11.22 26.91 -13.55
N SER A 518 -11.62 25.67 -13.31
CA SER A 518 -12.26 25.37 -12.06
C SER A 518 -11.25 25.41 -10.92
N ASN A 519 -11.73 25.73 -9.72
CA ASN A 519 -10.87 25.65 -8.54
C ASN A 519 -10.31 24.24 -8.38
N LEU A 520 -11.10 23.22 -8.73
CA LEU A 520 -10.62 21.84 -8.69
C LEU A 520 -9.46 21.62 -9.64
N GLU A 521 -9.60 22.09 -10.89
CA GLU A 521 -8.54 21.92 -11.88
C GLU A 521 -7.23 22.52 -11.39
N PHE A 522 -7.27 23.73 -10.83
CA PHE A 522 -6.04 24.36 -10.37
C PHE A 522 -5.42 23.60 -9.22
N LEU A 523 -6.25 23.15 -8.27
CA LEU A 523 -5.72 22.43 -7.11
C LEU A 523 -5.02 21.15 -7.53
N ARG A 524 -5.59 20.41 -8.48
CA ARG A 524 -4.93 19.20 -8.96
C ARG A 524 -3.63 19.53 -9.69
N SER A 525 -3.60 20.65 -10.40
CA SER A 525 -2.35 21.09 -11.03
C SER A 525 -1.31 21.43 -9.97
N LEU A 526 -1.74 22.06 -8.88
CA LEU A 526 -0.84 22.51 -7.82
C LEU A 526 -0.38 21.36 -6.94
N HIS A 527 -1.25 20.38 -6.69
CA HIS A 527 -0.94 19.29 -5.76
C HIS A 527 -0.56 18.00 -6.48
N ASP B 2 -18.69 5.57 56.93
CA ASP B 2 -18.05 4.90 55.80
C ASP B 2 -16.63 5.42 55.60
N ASN B 3 -15.70 4.50 55.28
CA ASN B 3 -14.31 4.85 55.09
C ASN B 3 -13.69 4.33 53.80
N ARG B 4 -14.43 3.62 52.97
CA ARG B 4 -13.84 3.06 51.75
C ARG B 4 -13.35 4.17 50.83
N ILE B 5 -12.23 3.91 50.15
CA ILE B 5 -11.82 4.76 49.04
C ILE B 5 -12.87 4.69 47.95
N ASN B 6 -13.33 5.85 47.48
CA ASN B 6 -14.32 5.92 46.42
C ASN B 6 -13.72 6.26 45.06
N ARG B 7 -12.61 7.00 45.02
CA ARG B 7 -12.09 7.53 43.77
C ARG B 7 -10.58 7.46 43.76
N ILE B 8 -10.02 6.99 42.65
CA ILE B 8 -8.58 6.91 42.44
C ILE B 8 -8.23 7.68 41.19
N VAL B 9 -7.13 8.43 41.25
CA VAL B 9 -6.64 9.20 40.11
C VAL B 9 -5.18 8.83 39.88
N ILE B 10 -4.87 8.44 38.65
CA ILE B 10 -3.54 7.99 38.26
C ILE B 10 -2.95 9.03 37.31
N LEU B 11 -1.83 9.62 37.69
CA LEU B 11 -1.12 10.58 36.85
C LEU B 11 -0.09 9.84 36.01
N GLY B 12 -0.19 9.94 34.69
CA GLY B 12 0.74 9.28 33.81
C GLY B 12 0.13 8.08 33.12
N GLY B 13 0.35 7.96 31.80
CA GLY B 13 -0.33 6.92 31.04
C GLY B 13 0.53 6.16 30.05
N GLY B 14 1.69 5.72 30.49
CA GLY B 14 2.48 4.73 29.78
C GLY B 14 2.23 3.34 30.32
N THR B 15 3.29 2.53 30.37
CA THR B 15 3.17 1.16 30.83
C THR B 15 2.72 1.10 32.29
N ALA B 16 3.36 1.90 33.16
CA ALA B 16 3.01 1.87 34.57
C ALA B 16 1.57 2.31 34.81
N GLY B 17 1.16 3.42 34.19
CA GLY B 17 -0.17 3.95 34.44
C GLY B 17 -1.26 2.97 34.04
N TRP B 18 -1.11 2.31 32.90
CA TRP B 18 -2.18 1.48 32.39
C TRP B 18 -2.17 0.08 32.98
N MET B 19 -1.00 -0.43 33.36
CA MET B 19 -0.98 -1.62 34.19
C MET B 19 -1.65 -1.35 35.53
N THR B 20 -1.32 -0.21 36.15
CA THR B 20 -1.97 0.18 37.39
C THR B 20 -3.47 0.35 37.21
N ALA B 21 -3.88 1.03 36.13
CA ALA B 21 -5.30 1.30 35.91
C ALA B 21 -6.07 0.01 35.66
N SER B 22 -5.47 -0.92 34.92
CA SER B 22 -6.19 -2.14 34.56
C SER B 22 -6.28 -3.13 35.73
N TYR B 23 -5.21 -3.23 36.53
CA TYR B 23 -5.23 -4.18 37.65
C TYR B 23 -6.14 -3.68 38.77
N LEU B 24 -6.08 -2.38 39.09
CA LEU B 24 -6.91 -1.85 40.16
C LEU B 24 -8.38 -1.87 39.79
N ALA B 25 -8.70 -1.49 38.54
CA ALA B 25 -10.10 -1.53 38.10
C ALA B 25 -10.65 -2.95 38.16
N LYS B 26 -9.84 -3.93 37.75
CA LYS B 26 -10.30 -5.31 37.83
C LYS B 26 -10.34 -5.80 39.28
N ALA B 27 -9.44 -5.31 40.13
CA ALA B 27 -9.43 -5.73 41.53
C ALA B 27 -10.61 -5.16 42.29
N LEU B 28 -10.99 -3.92 42.00
CA LEU B 28 -12.02 -3.21 42.75
C LEU B 28 -13.37 -3.18 42.05
N GLY B 29 -13.39 -3.26 40.71
CA GLY B 29 -14.67 -3.33 40.01
C GLY B 29 -15.41 -2.01 40.08
N ASP B 30 -16.72 -2.11 40.34
CA ASP B 30 -17.59 -0.94 40.35
C ASP B 30 -17.54 -0.16 41.65
N THR B 31 -16.83 -0.63 42.67
CA THR B 31 -16.84 0.06 43.96
C THR B 31 -16.01 1.32 43.95
N VAL B 32 -15.07 1.46 43.01
CA VAL B 32 -14.15 2.60 42.98
C VAL B 32 -14.16 3.20 41.58
N THR B 33 -14.21 4.53 41.52
CA THR B 33 -14.05 5.25 40.26
C THR B 33 -12.56 5.48 40.00
N ILE B 34 -12.12 5.15 38.80
CA ILE B 34 -10.71 5.24 38.41
C ILE B 34 -10.62 6.10 37.17
N THR B 35 -9.83 7.17 37.25
CA THR B 35 -9.57 8.04 36.10
C THR B 35 -8.06 8.25 35.97
N LEU B 36 -7.53 8.01 34.77
CA LEU B 36 -6.12 8.22 34.48
C LEU B 36 -5.95 9.51 33.68
N LEU B 37 -4.91 10.27 34.01
CA LEU B 37 -4.66 11.60 33.44
C LEU B 37 -3.44 11.50 32.53
N GLU B 38 -3.67 11.59 31.23
CA GLU B 38 -2.66 11.25 30.23
C GLU B 38 -2.06 12.49 29.58
N ALA B 39 -0.75 12.45 29.37
CA ALA B 39 -0.05 13.51 28.68
C ALA B 39 -0.15 13.30 27.18
N ILE B 45 10.53 5.97 19.48
CA ILE B 45 11.13 4.77 18.88
C ILE B 45 11.06 3.64 19.90
N GLY B 46 10.46 2.53 19.51
CA GLY B 46 10.33 1.38 20.39
C GLY B 46 11.64 0.67 20.65
N VAL B 47 12.12 0.75 21.90
CA VAL B 47 13.43 0.19 22.24
C VAL B 47 13.39 -1.28 22.60
N GLY B 48 12.21 -1.85 22.84
CA GLY B 48 12.10 -3.21 23.31
C GLY B 48 12.18 -3.28 24.82
N GLU B 49 11.43 -4.21 25.42
CA GLU B 49 11.50 -4.42 26.86
C GLU B 49 11.41 -5.92 27.15
N ALA B 50 12.22 -6.37 28.10
CA ALA B 50 12.27 -7.74 28.54
C ALA B 50 11.63 -7.87 29.92
N THR B 51 11.27 -9.09 30.29
CA THR B 51 10.49 -9.34 31.49
C THR B 51 11.06 -10.55 32.23
N VAL B 52 10.34 -10.99 33.26
CA VAL B 52 10.68 -12.19 34.03
C VAL B 52 9.43 -13.06 34.11
N PRO B 53 9.58 -14.35 34.42
CA PRO B 53 8.50 -15.31 34.08
C PRO B 53 7.16 -15.08 34.77
N ASN B 54 7.11 -14.39 35.91
CA ASN B 54 5.85 -14.32 36.65
C ASN B 54 4.84 -13.35 36.04
N LEU B 55 5.20 -12.65 34.97
CA LEU B 55 4.31 -11.60 34.45
C LEU B 55 2.93 -12.15 34.10
N GLN B 56 2.88 -13.28 33.40
CA GLN B 56 1.60 -13.87 33.00
C GLN B 56 0.75 -14.20 34.22
N ARG B 57 1.36 -14.84 35.22
CA ARG B 57 0.60 -15.32 36.37
C ARG B 57 0.16 -14.19 37.27
N VAL B 58 0.99 -13.16 37.44
CA VAL B 58 0.67 -12.11 38.39
C VAL B 58 -0.24 -11.06 37.77
N PHE B 59 -0.06 -10.76 36.48
CA PHE B 59 -0.75 -9.63 35.85
C PHE B 59 -1.76 -10.05 34.80
N PHE B 60 -1.34 -10.70 33.71
CA PHE B 60 -2.26 -10.98 32.61
C PHE B 60 -3.34 -11.99 33.00
N ASP B 61 -3.01 -12.94 33.87
CA ASP B 61 -4.04 -13.87 34.34
C ASP B 61 -5.03 -13.18 35.28
N PHE B 62 -4.58 -12.14 35.99
CA PHE B 62 -5.50 -11.41 36.86
C PHE B 62 -6.55 -10.66 36.04
N LEU B 63 -6.22 -10.30 34.80
CA LEU B 63 -7.17 -9.66 33.91
C LEU B 63 -7.91 -10.65 33.02
N GLY B 64 -7.52 -11.91 33.04
CA GLY B 64 -8.15 -12.91 32.19
C GLY B 64 -7.68 -12.88 30.75
N LEU B 65 -6.40 -12.59 30.52
CA LEU B 65 -5.86 -12.40 29.18
C LEU B 65 -4.81 -13.49 28.91
N ARG B 66 -5.13 -14.40 27.99
CA ARG B 66 -4.20 -15.44 27.62
C ARG B 66 -3.08 -14.89 26.72
N GLU B 67 -1.96 -15.61 26.69
CA GLU B 67 -0.84 -15.21 25.85
C GLU B 67 -1.22 -15.23 24.38
N GLU B 68 -2.09 -16.17 23.98
CA GLU B 68 -2.54 -16.25 22.60
C GLU B 68 -3.32 -15.00 22.19
N GLU B 69 -3.76 -14.19 23.16
CA GLU B 69 -4.52 -12.97 22.92
C GLU B 69 -3.67 -11.71 22.96
N TRP B 70 -2.85 -11.52 24.01
CA TRP B 70 -2.16 -10.25 24.15
C TRP B 70 -0.81 -10.21 23.44
N MET B 71 -0.15 -11.36 23.30
CA MET B 71 1.13 -11.38 22.57
C MET B 71 1.00 -10.94 21.12
N PRO B 72 -0.01 -11.34 20.34
CA PRO B 72 -0.13 -10.83 18.97
C PRO B 72 -0.43 -9.34 18.88
N GLU B 73 -0.78 -8.68 19.98
CA GLU B 73 -1.09 -7.25 19.95
C GLU B 73 0.11 -6.36 20.23
N CYS B 74 1.23 -6.92 20.69
CA CYS B 74 2.40 -6.12 21.04
C CYS B 74 3.68 -6.71 20.48
N ASN B 75 3.57 -7.47 19.39
CA ASN B 75 4.71 -8.15 18.75
C ASN B 75 5.58 -8.87 19.77
N ALA B 76 4.94 -9.47 20.77
CA ALA B 76 5.67 -10.11 21.86
C ALA B 76 6.46 -11.30 21.33
N ALA B 77 7.56 -11.59 22.01
CA ALA B 77 8.46 -12.68 21.65
C ALA B 77 8.94 -13.36 22.92
N PHE B 78 9.71 -14.43 22.76
CA PHE B 78 10.05 -15.30 23.88
C PHE B 78 11.44 -15.00 24.43
N LYS B 79 11.58 -15.14 25.74
CA LYS B 79 12.84 -14.92 26.44
C LYS B 79 13.10 -16.12 27.34
N THR B 80 14.16 -16.87 27.02
CA THR B 80 14.56 -18.02 27.83
C THR B 80 15.63 -17.67 28.86
N ALA B 81 16.35 -16.57 28.66
CA ALA B 81 17.45 -16.20 29.56
C ALA B 81 17.94 -14.80 29.18
N VAL B 82 18.84 -14.29 30.00
CA VAL B 82 19.77 -13.25 29.60
C VAL B 82 21.08 -13.92 29.22
N LYS B 83 21.64 -13.54 28.08
CA LYS B 83 22.94 -14.03 27.63
C LYS B 83 23.95 -12.91 27.79
N PHE B 84 24.95 -13.14 28.64
CA PHE B 84 25.97 -12.14 28.94
C PHE B 84 27.16 -12.37 28.02
N ILE B 85 27.51 -11.37 27.23
CA ILE B 85 28.52 -11.49 26.18
C ILE B 85 29.70 -10.60 26.53
N ASN B 86 30.89 -11.20 26.59
CA ASN B 86 32.18 -10.50 26.69
C ASN B 86 32.37 -9.80 28.04
N TRP B 87 31.79 -10.35 29.10
CA TRP B 87 32.02 -9.81 30.44
C TRP B 87 33.32 -10.32 31.08
N ARG B 88 34.01 -11.28 30.43
CA ARG B 88 35.27 -11.78 30.95
C ARG B 88 36.50 -11.31 30.18
N THR B 89 36.34 -10.88 28.93
CA THR B 89 37.48 -10.60 28.08
C THR B 89 37.56 -9.13 27.72
N PRO B 90 38.77 -8.58 27.60
CA PRO B 90 38.91 -7.19 27.19
C PRO B 90 38.69 -7.03 25.69
N GLY B 91 38.30 -5.82 25.30
CA GLY B 91 38.13 -5.53 23.90
C GLY B 91 37.10 -4.45 23.63
N PRO B 92 36.82 -4.23 22.36
CA PRO B 92 35.88 -3.18 21.98
C PRO B 92 34.45 -3.62 22.23
N GLY B 93 33.52 -2.67 22.06
CA GLY B 93 32.12 -3.02 22.07
C GLY B 93 31.73 -3.75 20.80
N GLU B 94 31.55 -5.07 20.87
CA GLU B 94 31.23 -5.85 19.69
C GLU B 94 30.15 -6.87 20.02
N ALA B 95 29.34 -7.17 19.00
CA ALA B 95 28.15 -7.99 19.21
C ALA B 95 28.50 -9.47 19.39
N LYS B 96 29.55 -9.95 18.73
CA LYS B 96 29.92 -11.37 18.80
C LYS B 96 30.87 -11.61 19.97
N ALA B 97 30.68 -12.76 20.63
CA ALA B 97 31.53 -13.12 21.75
C ALA B 97 32.97 -13.31 21.30
N ARG B 98 33.91 -12.92 22.16
CA ARG B 98 35.31 -13.22 21.92
C ARG B 98 35.62 -14.64 22.40
N THR B 99 36.83 -15.10 22.09
CA THR B 99 37.27 -16.46 22.41
C THR B 99 38.07 -16.46 23.70
N ILE B 100 37.58 -17.15 24.72
CA ILE B 100 38.26 -17.28 26.00
C ILE B 100 38.48 -18.76 26.28
N ASP B 101 39.74 -19.16 26.44
CA ASP B 101 40.10 -20.55 26.72
C ASP B 101 39.53 -21.51 25.67
N GLY B 102 39.61 -21.12 24.41
CA GLY B 102 39.03 -21.93 23.35
C GLY B 102 37.52 -21.99 23.34
N ARG B 103 36.85 -21.22 24.20
CA ARG B 103 35.41 -21.11 24.21
C ARG B 103 34.98 -19.68 23.91
N PRO B 104 33.80 -19.48 23.32
CA PRO B 104 33.25 -18.13 23.23
C PRO B 104 32.94 -17.58 24.61
N ASP B 105 33.16 -16.28 24.77
CA ASP B 105 32.97 -15.61 26.06
C ASP B 105 31.51 -15.20 26.19
N HIS B 106 30.69 -16.17 26.53
CA HIS B 106 29.30 -15.88 26.87
C HIS B 106 28.85 -16.87 27.92
N PHE B 107 27.85 -16.45 28.70
CA PHE B 107 27.17 -17.35 29.60
C PHE B 107 25.72 -16.92 29.72
N TYR B 108 24.88 -17.89 30.08
CA TYR B 108 23.46 -17.68 30.16
C TYR B 108 23.02 -17.58 31.62
N HIS B 109 21.98 -16.77 31.84
CA HIS B 109 21.26 -16.71 33.10
C HIS B 109 19.82 -17.10 32.81
N PRO B 110 19.49 -18.41 32.78
CA PRO B 110 18.12 -18.84 32.47
C PRO B 110 17.22 -18.89 33.68
N PHE B 111 15.97 -19.29 33.45
CA PHE B 111 14.90 -19.16 34.44
C PHE B 111 14.60 -20.45 35.19
N GLY B 112 15.12 -21.59 34.74
CA GLY B 112 14.78 -22.85 35.38
C GLY B 112 15.41 -22.99 36.75
N LEU B 113 14.68 -23.65 37.65
CA LEU B 113 15.20 -23.98 38.97
C LEU B 113 16.10 -25.21 38.89
N LEU B 114 17.23 -25.14 39.58
CA LEU B 114 18.16 -26.27 39.58
C LEU B 114 17.58 -27.43 40.36
N PRO B 115 17.66 -28.66 39.85
CA PRO B 115 17.24 -29.81 40.66
C PRO B 115 18.22 -30.05 41.79
N GLU B 116 17.80 -30.90 42.72
CA GLU B 116 18.62 -31.26 43.87
C GLU B 116 18.82 -32.76 43.90
N HIS B 117 19.92 -33.18 44.52
CA HIS B 117 20.14 -34.58 44.86
C HIS B 117 20.76 -34.64 46.24
N GLY B 118 20.20 -35.49 47.09
CA GLY B 118 20.66 -35.55 48.47
C GLY B 118 20.57 -34.22 49.18
N GLN B 119 19.55 -33.43 48.86
CA GLN B 119 19.33 -32.10 49.44
C GLN B 119 20.43 -31.11 49.08
N VAL B 120 21.06 -31.29 47.92
CA VAL B 120 22.13 -30.39 47.49
C VAL B 120 21.86 -29.97 46.05
N PRO B 121 21.87 -28.67 45.73
CA PRO B 121 21.59 -28.25 44.35
C PRO B 121 22.62 -28.81 43.37
N LEU B 122 22.18 -28.96 42.12
CA LEU B 122 23.04 -29.50 41.08
C LEU B 122 24.29 -28.65 40.87
N SER B 123 24.18 -27.33 41.12
CA SER B 123 25.34 -26.45 40.99
C SER B 123 26.51 -26.94 41.81
N HIS B 124 26.24 -27.50 42.99
CA HIS B 124 27.31 -27.88 43.90
C HIS B 124 27.97 -29.19 43.48
N TYR B 125 27.26 -30.06 42.78
CA TYR B 125 27.91 -31.20 42.15
C TYR B 125 28.74 -30.76 40.94
N TRP B 126 28.31 -29.71 40.25
CA TRP B 126 29.13 -29.17 39.17
C TRP B 126 30.42 -28.57 39.72
N ALA B 127 30.33 -27.83 40.83
CA ALA B 127 31.53 -27.28 41.44
C ALA B 127 32.44 -28.39 41.93
N TYR B 128 31.85 -29.45 42.49
CA TYR B 128 32.64 -30.58 42.96
C TYR B 128 33.39 -31.22 41.80
N ASN B 129 32.70 -31.46 40.69
CA ASN B 129 33.34 -32.08 39.53
C ASN B 129 34.43 -31.18 38.94
N ARG B 130 34.20 -29.86 38.93
CA ARG B 130 35.23 -28.94 38.45
C ARG B 130 36.46 -29.01 39.34
N ALA B 131 36.26 -28.98 40.66
CA ALA B 131 37.40 -29.09 41.58
C ALA B 131 38.10 -30.44 41.43
N ALA B 132 37.33 -31.52 41.22
CA ALA B 132 37.93 -32.84 41.07
C ALA B 132 38.75 -32.98 39.79
N GLY B 133 38.66 -32.01 38.87
CA GLY B 133 39.42 -32.04 37.65
C GLY B 133 38.86 -32.91 36.56
N THR B 134 37.66 -33.48 36.75
CA THR B 134 37.10 -34.44 35.81
C THR B 134 36.30 -33.79 34.69
N THR B 135 35.95 -32.51 34.80
CA THR B 135 35.26 -31.82 33.73
C THR B 135 35.75 -30.38 33.65
N ASP B 136 35.77 -29.84 32.44
CA ASP B 136 36.00 -28.42 32.22
C ASP B 136 34.76 -27.71 31.69
N GLU B 137 33.60 -28.35 31.79
CA GLU B 137 32.39 -27.80 31.20
C GLU B 137 31.95 -26.55 31.96
N PRO B 138 31.48 -25.52 31.27
CA PRO B 138 30.94 -24.35 31.97
C PRO B 138 29.69 -24.73 32.76
N PHE B 139 29.42 -23.96 33.82
CA PHE B 139 28.29 -24.24 34.69
C PHE B 139 26.98 -24.30 33.90
N ASP B 140 26.75 -23.32 33.02
CA ASP B 140 25.43 -23.22 32.41
C ASP B 140 25.18 -24.35 31.42
N TYR B 141 26.21 -24.79 30.70
CA TYR B 141 26.00 -25.89 29.77
C TYR B 141 25.84 -27.23 30.50
N ALA B 142 26.43 -27.36 31.70
CA ALA B 142 26.35 -28.62 32.43
C ALA B 142 25.02 -28.78 33.15
N CYS B 143 24.42 -27.69 33.62
CA CYS B 143 23.30 -27.76 34.54
C CYS B 143 21.97 -27.36 33.93
N PHE B 144 21.95 -26.73 32.75
CA PHE B 144 20.72 -26.23 32.15
C PHE B 144 20.56 -26.81 30.76
N ALA B 145 19.43 -27.49 30.53
CA ALA B 145 19.12 -27.95 29.18
C ALA B 145 18.80 -26.80 28.25
N GLU B 146 18.30 -25.68 28.80
CA GLU B 146 17.90 -24.56 27.96
C GLU B 146 19.06 -24.00 27.14
N THR B 147 20.29 -24.17 27.62
CA THR B 147 21.43 -23.53 26.96
C THR B 147 21.62 -24.05 25.53
N ALA B 148 21.46 -25.37 25.33
CA ALA B 148 21.54 -25.91 23.98
C ALA B 148 20.38 -25.45 23.10
N ALA B 149 19.20 -25.27 23.70
CA ALA B 149 18.05 -24.79 22.93
C ALA B 149 18.28 -23.36 22.44
N MET B 150 18.81 -22.49 23.31
CA MET B 150 19.01 -21.10 22.91
C MET B 150 20.10 -20.98 21.85
N ASP B 151 21.17 -21.76 21.98
CA ASP B 151 22.19 -21.79 20.93
C ASP B 151 21.60 -22.22 19.60
N ALA B 152 20.65 -23.17 19.63
CA ALA B 152 19.96 -23.61 18.44
C ALA B 152 18.77 -22.73 18.08
N VAL B 153 18.62 -21.57 18.75
CA VAL B 153 17.50 -20.64 18.65
C VAL B 153 16.16 -21.36 18.57
N ARG B 154 15.89 -22.24 19.54
CA ARG B 154 14.61 -22.94 19.62
C ARG B 154 13.56 -22.08 20.31
N ALA B 155 12.30 -22.35 19.99
CA ALA B 155 11.20 -21.83 20.77
C ALA B 155 11.16 -22.51 22.13
N PRO B 156 10.54 -21.88 23.13
CA PRO B 156 10.40 -22.53 24.44
C PRO B 156 9.21 -23.46 24.54
N LYS B 157 8.47 -23.66 23.45
CA LYS B 157 7.34 -24.57 23.40
C LYS B 157 7.25 -25.15 22.00
N TRP B 158 6.64 -26.33 21.89
CA TRP B 158 6.27 -26.85 20.58
C TRP B 158 5.14 -26.00 19.99
N LEU B 159 4.93 -26.15 18.68
CA LEU B 159 3.99 -25.27 17.99
C LEU B 159 2.57 -25.43 18.52
N ASP B 160 2.16 -26.65 18.88
CA ASP B 160 0.80 -26.85 19.35
C ASP B 160 0.60 -26.41 20.80
N GLY B 161 1.66 -26.03 21.50
CA GLY B 161 1.55 -25.46 22.83
C GLY B 161 2.18 -26.28 23.95
N ARG B 162 2.66 -27.49 23.70
CA ARG B 162 3.28 -28.28 24.75
C ARG B 162 4.44 -27.50 25.38
N PRO B 163 4.47 -27.36 26.70
CA PRO B 163 5.60 -26.64 27.33
C PRO B 163 6.89 -27.43 27.25
N ALA B 164 8.00 -26.70 27.25
CA ALA B 164 9.32 -27.30 27.18
C ALA B 164 10.26 -26.68 28.20
N THR B 165 10.35 -25.35 28.22
CA THR B 165 11.28 -24.64 29.09
C THR B 165 10.62 -23.39 29.65
N ARG B 166 11.05 -23.00 30.84
CA ARG B 166 10.55 -21.81 31.50
C ARG B 166 11.01 -20.56 30.76
N TYR B 167 10.09 -19.62 30.54
CA TYR B 167 10.37 -18.48 29.67
C TYR B 167 9.61 -17.24 30.15
N ALA B 168 10.09 -16.10 29.69
CA ALA B 168 9.38 -14.83 29.85
C ALA B 168 9.23 -14.23 28.45
N TRP B 169 9.07 -12.91 28.38
CA TRP B 169 8.64 -12.26 27.15
C TRP B 169 9.52 -11.08 26.79
N HIS B 170 9.61 -10.82 25.49
CA HIS B 170 10.06 -9.55 24.94
C HIS B 170 8.87 -8.88 24.28
N PHE B 171 8.74 -7.57 24.46
CA PHE B 171 7.69 -6.86 23.74
C PHE B 171 8.01 -5.37 23.68
N ASP B 172 7.22 -4.67 22.86
CA ASP B 172 7.25 -3.21 22.75
C ASP B 172 6.36 -2.66 23.85
N ALA B 173 6.98 -1.96 24.82
CA ALA B 173 6.22 -1.47 25.97
C ALA B 173 5.14 -0.49 25.55
N HIS B 174 5.35 0.28 24.49
CA HIS B 174 4.34 1.24 24.05
C HIS B 174 3.08 0.53 23.54
N LEU B 175 3.26 -0.55 22.75
CA LEU B 175 2.10 -1.30 22.27
C LEU B 175 1.37 -2.01 23.40
N VAL B 176 2.09 -2.41 24.45
CA VAL B 176 1.44 -3.00 25.62
C VAL B 176 0.58 -1.95 26.32
N ALA B 177 1.15 -0.76 26.53
CA ALA B 177 0.38 0.32 27.15
C ALA B 177 -0.86 0.63 26.33
N GLU B 178 -0.73 0.69 25.00
CA GLU B 178 -1.88 0.94 24.15
C GLU B 178 -2.92 -0.17 24.27
N PHE B 179 -2.46 -1.42 24.27
CA PHE B 179 -3.38 -2.55 24.36
C PHE B 179 -4.13 -2.55 25.69
N LEU B 180 -3.44 -2.25 26.79
CA LEU B 180 -4.09 -2.23 28.09
C LEU B 180 -4.98 -1.01 28.25
N ARG B 181 -4.55 0.14 27.72
CA ARG B 181 -5.40 1.32 27.73
C ARG B 181 -6.72 1.04 27.02
N ARG B 182 -6.65 0.38 25.86
CA ARG B 182 -7.86 -0.07 25.19
C ARG B 182 -8.69 -0.97 26.10
N HIS B 183 -8.06 -2.01 26.65
CA HIS B 183 -8.80 -2.97 27.46
C HIS B 183 -9.33 -2.36 28.75
N ALA B 184 -8.65 -1.37 29.31
CA ALA B 184 -9.09 -0.78 30.57
C ALA B 184 -10.25 0.18 30.37
N THR B 185 -10.25 0.94 29.27
CA THR B 185 -11.31 1.91 29.04
C THR B 185 -12.59 1.27 28.50
N GLU B 186 -12.46 0.18 27.74
CA GLU B 186 -13.64 -0.46 27.16
C GLU B 186 -14.24 -1.52 28.06
N ARG B 187 -13.40 -2.36 28.68
CA ARG B 187 -13.92 -3.47 29.48
C ARG B 187 -14.05 -3.15 30.95
N LEU B 188 -13.21 -2.26 31.49
CA LEU B 188 -13.16 -2.01 32.92
C LEU B 188 -13.54 -0.59 33.30
N ASN B 189 -14.09 0.20 32.37
CA ASN B 189 -14.70 1.50 32.66
C ASN B 189 -13.74 2.44 33.38
N VAL B 190 -12.46 2.39 33.01
CA VAL B 190 -11.50 3.39 33.45
C VAL B 190 -11.64 4.61 32.55
N GLU B 191 -11.69 5.80 33.15
CA GLU B 191 -11.85 7.04 32.38
C GLU B 191 -10.49 7.52 31.91
N HIS B 192 -10.28 7.46 30.60
CA HIS B 192 -9.14 8.09 29.96
C HIS B 192 -9.37 9.60 29.91
N VAL B 193 -8.36 10.38 30.32
CA VAL B 193 -8.44 11.84 30.31
C VAL B 193 -7.16 12.40 29.72
N GLN B 194 -7.30 13.16 28.63
CA GLN B 194 -6.17 13.82 28.00
C GLN B 194 -6.01 15.23 28.55
N GLY B 195 -4.82 15.55 29.02
CA GLY B 195 -4.56 16.89 29.54
C GLY B 195 -3.22 16.96 30.23
N GLU B 196 -2.81 18.19 30.48
CA GLU B 196 -1.59 18.49 31.24
C GLU B 196 -1.98 18.93 32.64
N MET B 197 -0.99 19.39 33.40
CA MET B 197 -1.13 19.58 34.84
C MET B 197 -0.50 20.90 35.29
N GLN B 198 -1.29 21.73 35.99
CA GLN B 198 -0.77 23.01 36.50
C GLN B 198 -0.66 23.08 38.02
N GLN B 199 -1.50 22.36 38.78
CA GLN B 199 -1.48 22.53 40.22
C GLN B 199 -1.89 21.25 40.93
N VAL B 200 -1.26 21.02 42.08
CA VAL B 200 -1.63 19.96 43.01
C VAL B 200 -2.46 20.56 44.13
N LEU B 201 -3.71 20.14 44.26
CA LEU B 201 -4.61 20.67 45.28
C LEU B 201 -4.48 19.80 46.53
N ARG B 202 -3.77 20.30 47.54
CA ARG B 202 -3.58 19.60 48.79
C ARG B 202 -4.35 20.29 49.90
N ASP B 203 -4.93 19.50 50.80
CA ASP B 203 -5.68 20.03 51.93
C ASP B 203 -4.69 20.45 53.03
N GLU B 204 -5.21 20.71 54.23
CA GLU B 204 -4.40 21.29 55.28
C GLU B 204 -3.33 20.33 55.78
N ARG B 205 -3.70 19.06 55.99
CA ARG B 205 -2.76 18.06 56.49
C ARG B 205 -1.78 17.58 55.43
N GLY B 206 -1.82 18.13 54.21
CA GLY B 206 -0.88 17.78 53.18
C GLY B 206 -1.34 16.69 52.22
N PHE B 207 -2.52 16.12 52.44
CA PHE B 207 -3.03 15.09 51.54
C PHE B 207 -3.51 15.71 50.23
N ILE B 208 -3.40 14.92 49.16
CA ILE B 208 -3.87 15.38 47.85
C ILE B 208 -5.38 15.19 47.78
N THR B 209 -6.07 16.21 47.30
CA THR B 209 -7.51 16.15 47.09
C THR B 209 -7.94 16.20 45.64
N ALA B 210 -7.13 16.79 44.77
CA ALA B 210 -7.46 16.91 43.36
C ALA B 210 -6.23 17.29 42.56
N LEU B 211 -6.27 16.99 41.26
CA LEU B 211 -5.29 17.45 40.30
C LEU B 211 -5.99 18.31 39.26
N ARG B 212 -5.34 19.40 38.87
CA ARG B 212 -5.93 20.41 38.00
C ARG B 212 -5.42 20.24 36.57
N THR B 213 -6.36 20.09 35.62
CA THR B 213 -6.01 19.97 34.21
C THR B 213 -6.03 21.35 33.55
N VAL B 214 -5.21 21.50 32.50
CA VAL B 214 -5.07 22.80 31.86
C VAL B 214 -6.35 23.27 31.18
N GLU B 215 -7.30 22.36 30.93
CA GLU B 215 -8.63 22.74 30.44
C GLU B 215 -9.55 23.21 31.57
N GLY B 216 -9.12 23.10 32.82
CA GLY B 216 -9.86 23.60 33.95
C GLY B 216 -10.58 22.56 34.79
N ARG B 217 -10.30 21.27 34.59
CA ARG B 217 -11.02 20.23 35.28
C ARG B 217 -10.28 19.80 36.54
N ASP B 218 -11.05 19.59 37.61
CA ASP B 218 -10.51 19.15 38.90
C ASP B 218 -10.82 17.67 39.07
N LEU B 219 -9.87 16.83 38.67
CA LEU B 219 -9.97 15.39 38.92
C LEU B 219 -9.76 15.13 40.40
N GLU B 220 -10.81 14.68 41.09
CA GLU B 220 -10.78 14.53 42.53
C GLU B 220 -10.79 13.06 42.92
N GLY B 221 -10.18 12.76 44.06
CA GLY B 221 -10.13 11.40 44.58
C GLY B 221 -9.54 11.38 45.97
N ASP B 222 -9.49 10.18 46.53
CA ASP B 222 -8.88 9.95 47.84
C ASP B 222 -7.46 9.41 47.75
N LEU B 223 -7.16 8.67 46.69
CA LEU B 223 -5.88 8.01 46.51
C LEU B 223 -5.32 8.36 45.15
N PHE B 224 -4.04 8.71 45.09
CA PHE B 224 -3.42 9.18 43.86
C PHE B 224 -2.18 8.34 43.57
N ILE B 225 -2.13 7.76 42.37
CA ILE B 225 -1.01 6.95 41.93
C ILE B 225 -0.14 7.79 41.01
N ASP B 226 1.13 7.98 41.38
CA ASP B 226 2.08 8.76 40.59
C ASP B 226 2.76 7.81 39.62
N CYS B 227 2.31 7.81 38.36
CA CYS B 227 2.93 7.05 37.29
C CYS B 227 3.56 7.98 36.25
N SER B 228 4.05 9.14 36.68
CA SER B 228 4.51 10.18 35.77
C SER B 228 5.94 9.98 35.28
N GLY B 229 6.56 8.84 35.58
CA GLY B 229 7.92 8.59 35.11
C GLY B 229 8.96 9.30 35.97
N PHE B 230 10.13 9.54 35.35
CA PHE B 230 11.25 10.14 36.08
C PHE B 230 10.87 11.48 36.71
N ARG B 231 9.90 12.20 36.13
CA ARG B 231 9.54 13.51 36.65
C ARG B 231 8.99 13.43 38.08
N GLY B 232 8.28 12.35 38.42
CA GLY B 232 7.72 12.17 39.74
C GLY B 232 6.93 13.36 40.23
N LEU B 233 5.95 13.80 39.42
CA LEU B 233 5.29 15.07 39.66
C LEU B 233 4.56 15.11 41.00
N LEU B 234 4.06 13.98 41.48
CA LEU B 234 3.36 13.93 42.75
C LEU B 234 4.31 13.61 43.91
N ILE B 235 4.95 12.44 43.86
CA ILE B 235 5.69 11.94 45.01
C ILE B 235 6.88 12.85 45.34
N ASN B 236 7.63 13.28 44.33
CA ASN B 236 8.82 14.08 44.58
C ASN B 236 8.51 15.58 44.63
N LYS B 237 7.85 16.11 43.61
CA LYS B 237 7.68 17.57 43.51
C LYS B 237 6.60 18.08 44.44
N ALA B 238 5.42 17.47 44.41
CA ALA B 238 4.31 17.97 45.23
C ALA B 238 4.47 17.56 46.69
N MET B 239 4.75 16.28 46.94
CA MET B 239 4.83 15.75 48.29
C MET B 239 6.20 15.92 48.93
N GLU B 240 7.20 16.39 48.19
CA GLU B 240 8.52 16.73 48.73
C GLU B 240 9.25 15.52 49.30
N GLU B 241 9.01 14.33 48.76
CA GLU B 241 9.73 13.15 49.24
C GLU B 241 11.06 13.03 48.50
N PRO B 242 12.18 12.94 49.21
CA PRO B 242 13.49 12.96 48.55
C PRO B 242 13.80 11.66 47.84
N PHE B 243 14.49 11.80 46.71
CA PHE B 243 14.99 10.65 45.97
C PHE B 243 16.37 10.28 46.51
N ILE B 244 16.65 8.99 46.56
CA ILE B 244 17.95 8.49 47.01
C ILE B 244 18.74 8.10 45.76
N ASP B 245 19.64 8.99 45.35
CA ASP B 245 20.54 8.71 44.25
C ASP B 245 21.52 7.61 44.67
N MET B 246 21.57 6.54 43.89
CA MET B 246 22.45 5.41 44.15
C MET B 246 23.41 5.19 42.99
N ASN B 247 23.66 6.26 42.23
CA ASN B 247 24.63 6.19 41.14
C ASN B 247 26.06 6.04 41.65
N ASP B 248 26.29 6.17 42.96
CA ASP B 248 27.60 5.83 43.50
C ASP B 248 27.85 4.34 43.39
N GLN B 249 26.82 3.52 43.60
CA GLN B 249 26.92 2.06 43.61
C GLN B 249 26.76 1.45 42.23
N LEU B 250 25.98 2.08 41.36
CA LEU B 250 25.83 1.66 39.98
C LEU B 250 26.16 2.85 39.09
N LEU B 251 27.24 2.74 38.32
CA LEU B 251 27.80 3.90 37.65
C LEU B 251 27.03 4.33 36.41
N CYS B 252 26.28 3.44 35.79
CA CYS B 252 25.62 3.77 34.54
C CYS B 252 24.44 4.70 34.78
N ASN B 253 24.27 5.68 33.88
CA ASN B 253 23.27 6.73 34.06
C ASN B 253 22.77 7.30 32.75
N ARG B 254 23.09 6.69 31.61
CA ARG B 254 22.68 7.19 30.31
C ARG B 254 22.38 6.00 29.39
N ALA B 255 21.62 6.26 28.34
CA ALA B 255 21.37 5.26 27.32
C ALA B 255 21.23 5.92 25.97
N VAL B 256 21.73 5.23 24.94
CA VAL B 256 21.45 5.52 23.54
C VAL B 256 20.88 4.24 22.94
N ALA B 257 19.75 4.36 22.25
CA ALA B 257 19.00 3.18 21.88
C ALA B 257 18.27 3.40 20.57
N THR B 258 18.02 2.30 19.87
CA THR B 258 17.21 2.30 18.66
C THR B 258 16.63 0.91 18.46
N ALA B 259 15.84 0.75 17.41
CA ALA B 259 15.36 -0.55 16.98
C ALA B 259 15.86 -0.79 15.55
N ILE B 260 16.29 -2.01 15.28
CA ILE B 260 16.93 -2.36 14.02
C ILE B 260 16.12 -3.45 13.33
N LYS B 261 15.72 -3.18 12.09
CA LYS B 261 15.10 -4.22 11.28
C LYS B 261 16.06 -5.38 11.07
N HIS B 262 15.51 -6.59 11.02
CA HIS B 262 16.33 -7.80 11.03
C HIS B 262 15.75 -8.84 10.09
N ASP B 263 16.63 -9.47 9.31
CA ASP B 263 16.26 -10.55 8.41
C ASP B 263 16.30 -11.86 9.22
N ASP B 264 15.13 -12.31 9.66
CA ASP B 264 15.07 -13.45 10.56
C ASP B 264 15.39 -14.77 9.87
N ASP B 265 15.25 -14.86 8.56
CA ASP B 265 15.44 -16.14 7.89
C ASP B 265 16.91 -16.52 7.72
N ALA B 266 17.84 -15.64 8.09
CA ALA B 266 19.26 -15.97 8.00
C ALA B 266 19.70 -16.81 9.18
N HIS B 267 19.63 -16.26 10.39
CA HIS B 267 20.07 -16.98 11.58
C HIS B 267 18.96 -17.10 12.62
N GLY B 268 17.74 -16.68 12.33
CA GLY B 268 16.63 -16.89 13.25
C GLY B 268 16.40 -15.68 14.15
N VAL B 269 15.60 -15.92 15.19
CA VAL B 269 15.31 -14.94 16.24
C VAL B 269 15.78 -15.54 17.56
N GLU B 270 16.76 -14.90 18.18
CA GLU B 270 17.31 -15.42 19.44
C GLU B 270 16.27 -15.37 20.55
N PRO B 271 15.98 -16.49 21.21
CA PRO B 271 14.99 -16.53 22.30
C PRO B 271 15.58 -16.11 23.65
N TYR B 272 16.30 -14.99 23.66
CA TYR B 272 16.93 -14.51 24.87
C TYR B 272 17.31 -13.04 24.72
N THR B 273 17.38 -12.36 25.85
CA THR B 273 17.95 -11.02 25.87
C THR B 273 19.46 -11.13 25.96
N SER B 274 20.16 -10.34 25.15
CA SER B 274 21.61 -10.28 25.23
C SER B 274 22.02 -9.03 26.00
N ALA B 275 22.99 -9.19 26.88
CA ALA B 275 23.65 -8.08 27.58
C ALA B 275 25.12 -8.10 27.16
N ILE B 276 25.48 -7.17 26.28
CA ILE B 276 26.78 -7.17 25.61
C ILE B 276 27.67 -6.13 26.28
N ALA B 277 28.77 -6.59 26.88
CA ALA B 277 29.65 -5.70 27.60
C ALA B 277 30.39 -4.76 26.66
N MET B 278 30.43 -3.48 27.02
CA MET B 278 31.05 -2.43 26.24
C MET B 278 32.24 -1.87 27.00
N ARG B 279 32.85 -0.80 26.45
CA ARG B 279 34.00 -0.20 27.13
C ARG B 279 33.57 0.60 28.37
N SER B 280 32.39 1.21 28.34
CA SER B 280 31.96 2.07 29.45
C SER B 280 30.55 1.69 29.92
N GLY B 281 30.18 0.43 29.74
CA GLY B 281 28.88 -0.05 30.16
C GLY B 281 28.52 -1.34 29.46
N TRP B 282 27.27 -1.45 29.04
CA TRP B 282 26.79 -2.66 28.40
C TRP B 282 25.60 -2.30 27.53
N SER B 283 25.35 -3.15 26.52
CA SER B 283 24.27 -2.94 25.57
C SER B 283 23.28 -4.08 25.65
N TRP B 284 21.99 -3.76 25.62
CA TRP B 284 20.99 -4.80 25.52
C TRP B 284 20.66 -5.07 24.06
N LYS B 285 20.28 -6.31 23.80
CA LYS B 285 19.67 -6.71 22.54
C LYS B 285 18.38 -7.45 22.89
N ILE B 286 17.28 -7.04 22.27
CA ILE B 286 15.97 -7.59 22.60
C ILE B 286 15.27 -8.02 21.32
N PRO B 287 15.42 -9.28 20.90
CA PRO B 287 14.84 -9.69 19.62
C PRO B 287 13.33 -9.86 19.68
N MET B 288 12.65 -9.43 18.62
CA MET B 288 11.28 -9.80 18.32
C MET B 288 11.21 -10.20 16.85
N LEU B 289 10.00 -10.44 16.35
CA LEU B 289 9.84 -10.81 14.96
C LEU B 289 10.11 -9.61 14.06
N GLY B 290 11.06 -9.75 13.12
CA GLY B 290 11.34 -8.74 12.13
C GLY B 290 12.26 -7.62 12.56
N ARG B 291 12.60 -7.53 13.83
CA ARG B 291 13.35 -6.39 14.35
C ARG B 291 13.93 -6.78 15.70
N PHE B 292 14.90 -6.01 16.16
CA PHE B 292 15.33 -6.12 17.55
C PHE B 292 15.63 -4.74 18.13
N GLY B 293 15.29 -4.58 19.41
CA GLY B 293 15.64 -3.38 20.13
C GLY B 293 17.01 -3.50 20.78
N THR B 294 17.72 -2.38 20.83
CA THR B 294 19.08 -2.42 21.34
C THR B 294 19.45 -1.05 21.91
N GLY B 295 20.15 -1.06 23.03
CA GLY B 295 20.55 0.18 23.67
C GLY B 295 21.83 0.07 24.48
N TYR B 296 22.70 1.05 24.34
CA TYR B 296 23.96 1.11 25.08
C TYR B 296 23.70 1.88 26.38
N VAL B 297 23.78 1.18 27.50
CA VAL B 297 23.71 1.80 28.82
C VAL B 297 25.14 2.11 29.26
N TYR B 298 25.43 3.38 29.53
CA TYR B 298 26.79 3.78 29.82
C TYR B 298 26.82 4.79 30.95
N SER B 299 28.03 5.07 31.43
CA SER B 299 28.25 6.02 32.52
C SER B 299 28.88 7.28 31.96
N SER B 300 28.17 8.40 32.08
CA SER B 300 28.67 9.69 31.60
C SER B 300 29.96 10.09 32.31
N ARG B 301 30.27 9.48 33.45
CA ARG B 301 31.54 9.75 34.13
C ARG B 301 32.72 9.11 33.44
N PHE B 302 32.49 8.20 32.48
CA PHE B 302 33.57 7.52 31.80
C PHE B 302 33.51 7.59 30.28
N ALA B 303 32.36 7.92 29.68
CA ALA B 303 32.25 8.05 28.24
C ALA B 303 31.54 9.36 27.90
N GLU B 304 32.03 10.04 26.87
CA GLU B 304 31.34 11.21 26.35
C GLU B 304 30.13 10.78 25.53
N LYS B 305 29.17 11.69 25.39
CA LYS B 305 27.93 11.37 24.70
C LYS B 305 28.18 10.87 23.29
N ASP B 306 29.14 11.48 22.59
CA ASP B 306 29.35 11.16 21.17
C ASP B 306 30.05 9.82 20.98
N GLU B 307 31.05 9.50 21.82
CA GLU B 307 31.70 8.21 21.67
C GLU B 307 30.73 7.06 21.98
N ALA B 308 29.89 7.24 23.00
CA ALA B 308 28.84 6.27 23.30
C ALA B 308 27.98 6.02 22.07
N THR B 309 27.45 7.11 21.48
CA THR B 309 26.68 7.00 20.24
C THR B 309 27.45 6.25 19.17
N LEU B 310 28.71 6.65 18.95
CA LEU B 310 29.48 6.07 17.86
C LEU B 310 29.85 4.61 18.16
N ASP B 311 30.23 4.31 19.40
CA ASP B 311 30.48 2.93 19.78
C ASP B 311 29.25 2.06 19.55
N PHE B 312 28.08 2.57 19.93
CA PHE B 312 26.84 1.83 19.73
C PHE B 312 26.56 1.61 18.24
N CYS B 313 26.62 2.68 17.44
CA CYS B 313 26.35 2.55 16.01
C CYS B 313 27.37 1.63 15.35
N ARG B 314 28.63 1.71 15.79
CA ARG B 314 29.68 0.88 15.20
C ARG B 314 29.40 -0.60 15.42
N MET B 315 28.90 -0.95 16.61
CA MET B 315 28.63 -2.35 16.93
C MET B 315 27.66 -2.96 15.92
N TRP B 316 26.60 -2.23 15.56
CA TRP B 316 25.58 -2.75 14.66
C TRP B 316 25.77 -2.29 13.22
N GLY B 317 26.91 -1.67 12.90
CA GLY B 317 27.14 -1.20 11.55
C GLY B 317 26.15 -0.12 11.10
N LEU B 318 25.66 0.66 12.04
CA LEU B 318 24.72 1.73 11.72
C LEU B 318 25.46 2.97 11.27
N ASP B 319 24.84 3.71 10.35
CA ASP B 319 25.30 5.02 9.93
C ASP B 319 24.87 6.03 10.98
N PRO B 320 25.80 6.54 11.80
CA PRO B 320 25.39 7.39 12.93
C PRO B 320 24.69 8.69 12.53
N GLU B 321 24.74 9.08 11.26
CA GLU B 321 24.00 10.27 10.84
C GLU B 321 22.55 9.94 10.51
N ASN B 322 22.32 8.92 9.69
CA ASN B 322 20.98 8.57 9.23
C ASN B 322 20.35 7.48 10.09
N THR B 323 20.45 7.64 11.41
CA THR B 323 19.86 6.68 12.34
C THR B 323 19.11 7.46 13.42
N PRO B 324 17.81 7.24 13.61
CA PRO B 324 17.12 7.85 14.75
C PRO B 324 17.57 7.19 16.05
N LEU B 325 17.77 8.01 17.08
CA LEU B 325 18.30 7.52 18.34
C LEU B 325 17.59 8.20 19.50
N ASN B 326 17.29 7.39 20.52
CA ASN B 326 16.83 7.90 21.81
C ASN B 326 18.04 8.16 22.69
N GLN B 327 18.21 9.39 23.13
CA GLN B 327 19.21 9.74 24.12
C GLN B 327 18.48 10.03 25.43
N VAL B 328 18.72 9.22 26.45
CA VAL B 328 18.03 9.39 27.73
C VAL B 328 19.05 9.35 28.86
N ALA B 329 18.74 10.10 29.92
CA ALA B 329 19.53 10.13 31.14
C ALA B 329 18.73 9.45 32.24
N PHE B 330 19.38 8.55 32.99
CA PHE B 330 18.72 7.78 34.01
C PHE B 330 18.71 8.49 35.35
N ARG B 331 17.70 8.19 36.14
CA ARG B 331 17.66 8.49 37.57
C ARG B 331 17.77 7.14 38.28
N VAL B 332 18.97 6.79 38.73
CA VAL B 332 19.24 5.48 39.30
C VAL B 332 19.10 5.58 40.82
N GLY B 333 18.10 4.91 41.35
CA GLY B 333 17.85 4.87 42.78
C GLY B 333 16.38 4.66 43.07
N ARG B 334 15.96 5.10 44.26
CA ARG B 334 14.58 4.98 44.69
C ARG B 334 14.27 6.11 45.66
N ASN B 335 12.99 6.42 45.78
CA ASN B 335 12.55 7.37 46.80
C ASN B 335 12.82 6.81 48.19
N ARG B 336 12.94 7.72 49.16
CA ARG B 336 13.03 7.29 50.55
C ARG B 336 11.83 6.45 50.93
N ARG B 337 10.64 6.88 50.50
CA ARG B 337 9.41 6.11 50.65
C ARG B 337 8.65 6.16 49.33
N ALA B 338 8.16 5.00 48.89
CA ALA B 338 7.37 4.96 47.66
C ALA B 338 5.94 5.45 47.87
N TRP B 339 5.43 5.38 49.11
CA TRP B 339 4.05 5.75 49.42
C TRP B 339 4.07 6.73 50.58
N VAL B 340 3.60 7.95 50.33
CA VAL B 340 3.59 9.02 51.32
C VAL B 340 2.19 9.61 51.37
N LYS B 341 1.63 9.71 52.58
CA LYS B 341 0.25 10.14 52.79
C LYS B 341 -0.70 9.34 51.91
N ASN B 342 -1.37 10.00 50.96
CA ASN B 342 -2.27 9.33 50.04
C ASN B 342 -1.71 9.29 48.62
N CYS B 343 -0.39 9.27 48.48
CA CYS B 343 0.28 9.28 47.19
C CYS B 343 1.20 8.08 47.08
N VAL B 344 0.92 7.20 46.14
CA VAL B 344 1.70 5.99 45.90
C VAL B 344 2.42 6.14 44.57
N SER B 345 3.75 6.08 44.61
CA SER B 345 4.55 6.15 43.38
C SER B 345 4.77 4.75 42.84
N ILE B 346 4.63 4.61 41.53
CA ILE B 346 4.76 3.31 40.87
C ILE B 346 5.56 3.49 39.58
N GLY B 347 6.49 2.57 39.34
CA GLY B 347 7.30 2.65 38.13
C GLY B 347 8.46 3.61 38.29
N LEU B 348 8.82 4.29 37.19
CA LEU B 348 9.98 5.17 37.20
C LEU B 348 9.82 6.31 38.19
N ALA B 349 8.58 6.72 38.48
CA ALA B 349 8.34 7.72 39.51
C ALA B 349 8.74 7.21 40.89
N SER B 350 8.86 5.89 41.05
CA SER B 350 9.19 5.29 42.33
C SER B 350 10.67 4.95 42.44
N CYS B 351 11.24 4.33 41.42
CA CYS B 351 12.61 3.82 41.49
C CYS B 351 13.05 3.43 40.10
N PHE B 352 14.36 3.29 39.92
CA PHE B 352 14.89 2.80 38.66
C PHE B 352 16.23 2.13 38.85
N LEU B 353 16.42 1.01 38.17
CA LEU B 353 17.72 0.38 37.95
C LEU B 353 17.87 0.13 36.45
N GLU B 354 19.11 0.13 35.99
CA GLU B 354 19.37 -0.26 34.61
C GLU B 354 18.82 -1.68 34.37
N PRO B 355 18.34 -1.95 33.16
CA PRO B 355 17.61 -3.21 32.89
C PRO B 355 18.53 -4.40 32.68
N LEU B 356 19.54 -4.54 33.53
CA LEU B 356 20.51 -5.61 33.34
C LEU B 356 19.87 -6.98 33.53
N GLU B 357 18.88 -7.09 34.42
CA GLU B 357 18.18 -8.35 34.64
C GLU B 357 16.68 -8.25 34.33
N SER B 358 16.26 -7.18 33.67
CA SER B 358 14.88 -7.02 33.21
C SER B 358 13.90 -7.03 34.39
N THR B 359 14.08 -6.06 35.28
CA THR B 359 13.26 -5.96 36.48
C THR B 359 12.31 -4.76 36.47
N GLY B 360 12.31 -3.95 35.41
CA GLY B 360 11.42 -2.81 35.32
C GLY B 360 9.95 -3.14 35.46
N ILE B 361 9.43 -4.03 34.60
CA ILE B 361 8.03 -4.43 34.70
C ILE B 361 7.76 -5.15 36.02
N TYR B 362 8.74 -5.94 36.48
CA TYR B 362 8.59 -6.66 37.74
C TYR B 362 8.39 -5.71 38.91
N PHE B 363 9.14 -4.60 38.94
CA PHE B 363 8.98 -3.62 40.01
C PHE B 363 7.61 -2.95 39.95
N ILE B 364 7.05 -2.76 38.75
CA ILE B 364 5.72 -2.16 38.65
C ILE B 364 4.66 -3.16 39.06
N THR B 365 4.71 -4.36 38.48
CA THR B 365 3.77 -5.42 38.81
C THR B 365 3.82 -5.79 40.29
N ALA B 366 5.00 -5.70 40.91
CA ALA B 366 5.09 -5.97 42.34
C ALA B 366 4.51 -4.83 43.15
N ALA B 367 4.73 -3.58 42.72
CA ALA B 367 4.13 -2.45 43.41
C ALA B 367 2.61 -2.51 43.33
N ILE B 368 2.08 -2.89 42.17
CA ILE B 368 0.63 -3.03 42.01
C ILE B 368 0.09 -4.06 42.98
N TYR B 369 0.66 -5.26 42.97
CA TYR B 369 0.16 -6.34 43.81
C TYR B 369 0.28 -5.97 45.29
N GLN B 370 1.41 -5.37 45.69
CA GLN B 370 1.58 -5.00 47.08
C GLN B 370 0.62 -3.89 47.49
N LEU B 371 0.24 -3.02 46.56
CA LEU B 371 -0.75 -2.00 46.87
C LEU B 371 -2.09 -2.65 47.19
N THR B 372 -2.54 -3.59 46.36
CA THR B 372 -3.79 -4.28 46.66
C THR B 372 -3.70 -5.02 47.99
N GLN B 373 -2.55 -5.68 48.25
CA GLN B 373 -2.36 -6.34 49.54
C GLN B 373 -2.37 -5.33 50.68
N HIS B 374 -1.91 -4.12 50.42
CA HIS B 374 -1.84 -3.09 51.43
C HIS B 374 -2.84 -1.97 51.19
N PHE B 375 -3.97 -2.28 50.55
CA PHE B 375 -4.88 -1.24 50.08
C PHE B 375 -5.49 -0.49 51.26
N PRO B 376 -5.48 0.84 51.25
CA PRO B 376 -5.96 1.61 52.39
C PRO B 376 -7.45 1.92 52.30
N ASP B 377 -7.99 2.36 53.42
CA ASP B 377 -9.24 3.11 53.42
C ASP B 377 -8.87 4.59 53.60
N ARG B 378 -9.89 5.43 53.81
CA ARG B 378 -9.65 6.87 53.87
C ARG B 378 -8.95 7.31 55.15
N THR B 379 -8.84 6.44 56.16
CA THR B 379 -8.07 6.78 57.34
C THR B 379 -6.57 6.68 57.10
N PHE B 380 -6.16 5.93 56.08
CA PHE B 380 -4.75 5.80 55.67
C PHE B 380 -3.85 5.44 56.85
N ALA B 381 -4.14 4.29 57.45
CA ALA B 381 -3.37 3.81 58.58
C ALA B 381 -1.89 3.75 58.24
N LEU B 382 -1.07 4.23 59.19
CA LEU B 382 0.38 4.33 58.96
C LEU B 382 1.00 2.97 58.68
N ALA B 383 0.57 1.93 59.41
CA ALA B 383 1.18 0.62 59.24
C ALA B 383 0.98 0.07 57.84
N LEU B 384 -0.11 0.46 57.16
CA LEU B 384 -0.35 0.02 55.80
C LEU B 384 0.75 0.52 54.87
N SER B 385 0.95 1.84 54.82
CA SER B 385 1.97 2.39 53.94
C SER B 385 3.37 2.00 54.39
N ASP B 386 3.58 1.86 55.71
CA ASP B 386 4.88 1.44 56.21
C ASP B 386 5.24 0.05 55.68
N ALA B 387 4.31 -0.90 55.78
CA ALA B 387 4.57 -2.25 55.32
C ALA B 387 4.79 -2.29 53.82
N PHE B 388 3.97 -1.56 53.06
CA PHE B 388 4.17 -1.45 51.62
C PHE B 388 5.57 -0.92 51.30
N ASN B 389 5.95 0.19 51.95
CA ASN B 389 7.24 0.79 51.69
C ASN B 389 8.39 -0.16 52.01
N HIS B 390 8.23 -0.98 53.06
CA HIS B 390 9.29 -1.91 53.43
C HIS B 390 9.50 -2.96 52.35
N GLU B 391 8.41 -3.54 51.83
CA GLU B 391 8.54 -4.56 50.80
C GLU B 391 9.13 -3.97 49.52
N ILE B 392 8.78 -2.72 49.21
CA ILE B 392 9.34 -2.06 48.04
C ILE B 392 10.82 -1.78 48.24
N GLU B 393 11.20 -1.33 49.45
CA GLU B 393 12.60 -1.06 49.74
C GLU B 393 13.44 -2.33 49.69
N ALA B 394 12.91 -3.43 50.26
CA ALA B 394 13.68 -4.66 50.34
C ALA B 394 13.83 -5.32 48.97
N MET B 395 12.77 -5.25 48.15
CA MET B 395 12.83 -5.79 46.79
C MET B 395 13.82 -5.02 45.93
N PHE B 396 13.82 -3.69 46.05
CA PHE B 396 14.70 -2.87 45.23
C PHE B 396 16.15 -3.05 45.62
N ASP B 397 16.44 -2.98 46.93
CA ASP B 397 17.83 -3.04 47.37
C ASP B 397 18.46 -4.39 47.06
N ASP B 398 17.66 -5.47 47.11
CA ASP B 398 18.19 -6.79 46.82
C ASP B 398 18.58 -6.95 45.36
N THR B 399 17.76 -6.42 44.45
CA THR B 399 18.10 -6.48 43.03
C THR B 399 19.23 -5.51 42.68
N ARG B 400 19.22 -4.33 43.31
CA ARG B 400 20.32 -3.38 43.14
C ARG B 400 21.66 -4.03 43.48
N ASP B 401 21.75 -4.68 44.65
CA ASP B 401 22.99 -5.35 45.03
C ASP B 401 23.33 -6.49 44.08
N PHE B 402 22.33 -7.29 43.69
CA PHE B 402 22.56 -8.35 42.71
C PHE B 402 23.14 -7.79 41.42
N ILE B 403 22.57 -6.69 40.93
CA ILE B 403 23.04 -6.10 39.68
C ILE B 403 24.47 -5.57 39.83
N GLN B 404 24.77 -4.91 40.95
CA GLN B 404 26.14 -4.43 41.16
C GLN B 404 27.14 -5.58 41.08
N ALA B 405 26.77 -6.75 41.61
CA ALA B 405 27.67 -7.89 41.63
C ALA B 405 28.08 -8.31 40.22
N HIS B 406 27.22 -8.09 39.23
CA HIS B 406 27.60 -8.40 37.85
C HIS B 406 28.87 -7.65 37.44
N PHE B 407 28.99 -6.39 37.87
CA PHE B 407 30.15 -5.56 37.56
C PHE B 407 31.30 -5.80 38.53
N TYR B 408 31.00 -5.94 39.82
CA TYR B 408 32.05 -6.12 40.82
C TYR B 408 32.83 -7.40 40.56
N VAL B 409 32.14 -8.47 40.17
CA VAL B 409 32.76 -9.78 40.03
C VAL B 409 33.37 -9.98 38.64
N SER B 410 33.02 -9.16 37.65
CA SER B 410 33.69 -9.25 36.37
C SER B 410 35.19 -9.12 36.58
N PRO B 411 36.00 -9.96 35.92
CA PRO B 411 37.45 -9.81 36.05
C PRO B 411 38.03 -8.71 35.16
N ARG B 412 37.20 -8.07 34.35
CA ARG B 412 37.71 -7.06 33.42
C ARG B 412 38.27 -5.85 34.14
N THR B 413 39.43 -5.38 33.68
CA THR B 413 40.07 -4.18 34.21
C THR B 413 40.63 -3.31 33.09
N ASP B 414 40.23 -3.53 31.85
CA ASP B 414 40.91 -2.95 30.70
C ASP B 414 40.50 -1.51 30.40
N THR B 415 39.44 -0.99 31.00
CA THR B 415 39.07 0.41 30.82
C THR B 415 38.84 1.03 32.19
N PRO B 416 38.86 2.37 32.28
CA PRO B 416 38.56 3.00 33.57
C PRO B 416 37.21 2.62 34.13
N PHE B 417 36.21 2.37 33.28
CA PHE B 417 34.90 1.99 33.78
C PHE B 417 34.95 0.65 34.49
N TRP B 418 35.51 -0.37 33.83
CA TRP B 418 35.52 -1.71 34.42
C TRP B 418 36.39 -1.77 35.67
N LYS B 419 37.48 -1.00 35.71
CA LYS B 419 38.33 -0.97 36.89
C LYS B 419 37.68 -0.20 38.04
N ALA B 420 36.92 0.85 37.75
CA ALA B 420 36.29 1.62 38.81
C ALA B 420 35.15 0.88 39.48
N ASN B 421 34.58 -0.13 38.81
CA ASN B 421 33.56 -0.95 39.45
C ASN B 421 34.15 -1.73 40.64
N LYS B 422 35.42 -2.10 40.56
CA LYS B 422 36.08 -2.85 41.63
C LYS B 422 36.46 -1.98 42.82
N ASP B 423 36.43 -0.65 42.67
CA ASP B 423 36.78 0.25 43.76
C ASP B 423 35.56 0.74 44.53
N LEU B 424 34.36 0.38 44.08
CA LEU B 424 33.16 0.79 44.77
C LEU B 424 32.99 -0.02 46.05
N HIS B 425 32.30 0.58 47.02
CA HIS B 425 31.98 -0.15 48.23
C HIS B 425 31.05 -1.31 47.90
N LEU B 426 31.35 -2.46 48.45
CA LEU B 426 30.50 -3.64 48.31
C LEU B 426 29.63 -3.78 49.54
N PRO B 427 28.32 -3.90 49.40
CA PRO B 427 27.45 -3.98 50.58
C PRO B 427 27.79 -5.21 51.41
N GLU B 428 27.51 -5.10 52.71
CA GLU B 428 27.93 -6.15 53.63
C GLU B 428 27.22 -7.48 53.34
N GLN B 429 25.95 -7.43 52.96
CA GLN B 429 25.24 -8.67 52.68
C GLN B 429 25.76 -9.36 51.43
N MET B 430 26.20 -8.58 50.43
CA MET B 430 26.77 -9.17 49.23
C MET B 430 28.17 -9.72 49.49
N ARG B 431 28.95 -9.02 50.32
CA ARG B 431 30.23 -9.57 50.75
C ARG B 431 30.03 -10.91 51.43
N GLU B 432 29.04 -10.98 52.31
CA GLU B 432 28.69 -12.24 52.99
C GLU B 432 28.31 -13.30 51.97
N LYS B 433 27.57 -12.92 50.93
CA LYS B 433 27.14 -13.90 49.93
C LYS B 433 28.31 -14.43 49.13
N ILE B 434 29.23 -13.55 48.72
CA ILE B 434 30.41 -14.00 47.99
C ILE B 434 31.27 -14.89 48.87
N ALA B 435 31.39 -14.55 50.15
CA ALA B 435 32.12 -15.40 51.09
C ALA B 435 31.46 -16.77 51.22
N MET B 436 30.12 -16.81 51.31
CA MET B 436 29.44 -18.10 51.41
C MET B 436 29.64 -18.91 50.12
N TYR B 437 29.51 -18.25 48.97
CA TYR B 437 29.74 -18.92 47.69
C TYR B 437 31.12 -19.55 47.63
N LYS B 438 32.15 -18.82 48.05
CA LYS B 438 33.51 -19.34 48.03
C LYS B 438 33.69 -20.49 49.02
N ALA B 439 32.98 -20.48 50.13
CA ALA B 439 33.06 -21.58 51.09
C ALA B 439 32.31 -22.82 50.62
N GLY B 440 31.62 -22.74 49.48
CA GLY B 440 30.87 -23.85 48.96
C GLY B 440 29.43 -23.92 49.39
N LEU B 441 28.95 -22.96 50.20
CA LEU B 441 27.56 -22.93 50.62
C LEU B 441 26.65 -22.49 49.48
N PRO B 442 25.43 -23.02 49.43
CA PRO B 442 24.41 -22.43 48.55
C PRO B 442 23.97 -21.07 49.07
N ILE B 443 23.47 -20.25 48.17
CA ILE B 443 22.99 -18.92 48.50
C ILE B 443 21.51 -18.88 48.18
N ASN B 444 20.68 -18.72 49.22
CA ASN B 444 19.22 -18.61 49.03
C ASN B 444 18.70 -19.74 48.15
N ALA B 445 19.00 -20.97 48.58
CA ALA B 445 18.56 -22.13 47.81
C ALA B 445 17.03 -22.17 47.78
N PRO B 446 16.44 -22.48 46.63
CA PRO B 446 14.97 -22.55 46.55
C PRO B 446 14.39 -23.57 47.53
N VAL B 447 13.39 -23.11 48.28
CA VAL B 447 12.67 -23.98 49.21
C VAL B 447 11.43 -24.60 48.58
N THR B 448 10.94 -24.06 47.47
CA THR B 448 9.75 -24.54 46.79
C THR B 448 10.10 -25.18 45.46
N ASP B 449 9.08 -25.73 44.80
CA ASP B 449 9.25 -26.25 43.45
C ASP B 449 8.91 -25.16 42.43
N GLU B 450 9.24 -25.44 41.16
CA GLU B 450 9.20 -24.38 40.15
C GLU B 450 7.78 -23.98 39.79
N SER B 451 6.86 -24.95 39.71
CA SER B 451 5.48 -24.63 39.35
C SER B 451 4.83 -23.73 40.40
N THR B 452 5.16 -23.95 41.67
CA THR B 452 4.69 -23.04 42.71
C THR B 452 5.48 -21.74 42.70
N TYR B 453 6.79 -21.83 42.44
CA TYR B 453 7.68 -20.68 42.54
C TYR B 453 7.17 -19.51 41.71
N TYR B 454 6.95 -19.73 40.43
CA TYR B 454 6.42 -18.68 39.56
C TYR B 454 4.90 -18.68 39.61
N PHE B 457 2.60 -15.37 42.73
CA PHE B 457 3.40 -14.39 43.47
C PHE B 457 3.89 -14.99 44.78
N GLU B 458 4.45 -14.13 45.63
CA GLU B 458 4.67 -14.38 47.04
C GLU B 458 5.87 -15.31 47.30
N ALA B 459 5.82 -16.53 46.78
CA ALA B 459 6.94 -17.45 46.98
C ALA B 459 8.21 -16.90 46.36
N GLU B 460 8.10 -16.27 45.20
CA GLU B 460 9.24 -15.65 44.54
C GLU B 460 9.64 -14.36 45.23
N PHE B 461 8.66 -13.60 45.72
CA PHE B 461 8.92 -12.27 46.26
C PHE B 461 9.84 -12.33 47.48
N ARG B 462 9.61 -13.31 48.37
CA ARG B 462 10.41 -13.42 49.60
C ARG B 462 11.79 -14.01 49.36
N ASN B 463 12.13 -14.34 48.12
CA ASN B 463 13.45 -14.84 47.75
C ASN B 463 13.60 -14.74 46.25
N PHE B 464 13.85 -13.53 45.74
CA PHE B 464 13.75 -13.30 44.31
C PHE B 464 14.93 -13.90 43.57
N TRP B 465 16.15 -13.66 44.05
CA TRP B 465 17.36 -14.18 43.42
C TRP B 465 17.85 -15.38 44.23
N THR B 466 17.73 -16.57 43.63
CA THR B 466 18.00 -17.82 44.30
C THR B 466 19.38 -18.35 43.93
N ASN B 467 19.69 -19.53 44.44
CA ASN B 467 21.03 -20.09 44.33
C ASN B 467 21.46 -20.25 42.89
N GLY B 468 20.57 -20.76 42.04
CA GLY B 468 20.91 -20.89 40.63
C GLY B 468 21.27 -19.56 39.98
N SER B 469 20.63 -18.47 40.41
CA SER B 469 20.94 -17.17 39.83
C SER B 469 22.33 -16.71 40.24
N TYR B 470 22.69 -16.89 41.52
CA TYR B 470 24.02 -16.48 41.97
C TYR B 470 25.10 -17.31 41.29
N TYR B 471 24.87 -18.61 41.12
CA TYR B 471 25.83 -19.43 40.39
C TYR B 471 25.95 -19.00 38.94
N CYS B 472 24.81 -18.71 38.29
CA CYS B 472 24.83 -18.27 36.89
C CYS B 472 25.76 -17.08 36.70
N ILE B 473 25.70 -16.12 37.61
CA ILE B 473 26.48 -14.89 37.46
C ILE B 473 27.91 -15.11 37.92
N PHE B 474 28.09 -15.66 39.12
CA PHE B 474 29.42 -15.85 39.68
C PHE B 474 30.23 -16.82 38.83
N ALA B 475 29.66 -17.99 38.53
CA ALA B 475 30.40 -18.97 37.73
C ALA B 475 30.51 -18.52 36.27
N GLY B 476 29.48 -17.87 35.75
CA GLY B 476 29.58 -17.31 34.41
C GLY B 476 30.69 -16.29 34.27
N LEU B 477 30.95 -15.54 35.33
CA LEU B 477 32.01 -14.54 35.32
C LEU B 477 33.37 -15.10 35.68
N GLY B 478 33.48 -16.41 35.95
CA GLY B 478 34.75 -17.03 36.24
C GLY B 478 35.07 -17.24 37.70
N LEU B 479 34.15 -16.90 38.61
CA LEU B 479 34.36 -17.11 40.04
C LEU B 479 33.78 -18.46 40.44
N ARG B 480 34.62 -19.33 40.99
CA ARG B 480 34.24 -20.64 41.50
C ARG B 480 34.58 -20.74 42.99
N PRO B 481 33.90 -21.61 43.73
CA PRO B 481 34.20 -21.75 45.16
C PRO B 481 35.66 -22.15 45.38
N ASP B 482 36.21 -21.68 46.51
CA ASP B 482 37.54 -22.12 46.94
C ASP B 482 37.61 -23.65 47.01
N ASN B 483 36.50 -24.30 47.31
CA ASN B 483 36.43 -25.74 47.46
C ASN B 483 34.97 -26.14 47.45
N PRO B 484 34.67 -27.40 47.12
CA PRO B 484 33.27 -27.85 47.15
C PRO B 484 32.71 -27.84 48.57
N LEU B 485 31.39 -27.96 48.64
CA LEU B 485 30.67 -28.09 49.89
C LEU B 485 31.29 -29.22 50.71
N PRO B 486 31.78 -28.93 51.93
CA PRO B 486 32.54 -29.96 52.67
C PRO B 486 31.78 -31.24 52.94
N MET B 487 30.46 -31.15 53.16
CA MET B 487 29.67 -32.34 53.44
C MET B 487 29.76 -33.35 52.30
N LEU B 488 29.91 -32.87 51.06
CA LEU B 488 29.99 -33.78 49.92
C LEU B 488 31.16 -34.75 50.07
N ARG B 489 32.24 -34.32 50.73
CA ARG B 489 33.37 -35.21 50.98
C ARG B 489 33.00 -36.36 51.92
N HIS B 490 31.93 -36.22 52.72
CA HIS B 490 31.43 -37.30 53.55
C HIS B 490 30.37 -38.13 52.85
N ARG B 491 29.94 -37.74 51.65
CA ARG B 491 28.85 -38.42 50.94
C ARG B 491 29.29 -38.79 49.52
N PRO B 492 30.32 -39.63 49.39
CA PRO B 492 30.78 -39.98 48.03
C PRO B 492 29.71 -40.69 47.19
N GLU B 493 28.84 -41.50 47.81
CA GLU B 493 27.82 -42.18 47.03
C GLU B 493 26.80 -41.19 46.44
N GLN B 494 26.55 -40.07 47.13
CA GLN B 494 25.68 -39.04 46.54
C GLN B 494 26.32 -38.42 45.31
N VAL B 495 27.61 -38.12 45.38
CA VAL B 495 28.31 -37.60 44.22
C VAL B 495 28.25 -38.59 43.06
N ARG B 496 28.52 -39.87 43.34
CA ARG B 496 28.39 -40.88 42.31
C ARG B 496 26.96 -40.91 41.75
N GLU B 497 25.97 -40.85 42.64
CA GLU B 497 24.58 -40.90 42.19
C GLU B 497 24.22 -39.66 41.37
N ALA B 498 24.73 -38.49 41.79
CA ALA B 498 24.32 -37.23 41.17
C ALA B 498 24.71 -37.14 39.70
N GLN B 499 25.72 -37.89 39.27
CA GLN B 499 26.18 -37.80 37.89
C GLN B 499 25.08 -38.17 36.90
N ALA B 500 24.12 -39.00 37.32
CA ALA B 500 22.99 -39.32 36.45
C ALA B 500 22.19 -38.06 36.08
N LEU B 501 22.17 -37.05 36.95
CA LEU B 501 21.47 -35.81 36.62
C LEU B 501 22.16 -35.07 35.49
N PHE B 502 23.50 -35.09 35.46
CA PHE B 502 24.21 -34.43 34.39
C PHE B 502 23.99 -35.14 33.06
N ALA B 503 24.01 -36.48 33.07
CA ALA B 503 23.65 -37.22 31.87
C ALA B 503 22.21 -36.94 31.47
N GLY B 504 21.33 -36.71 32.45
CA GLY B 504 19.96 -36.35 32.13
C GLY B 504 19.86 -35.01 31.41
N VAL B 505 20.66 -34.04 31.82
CA VAL B 505 20.67 -32.75 31.13
C VAL B 505 21.16 -32.93 29.69
N LYS B 506 22.24 -33.69 29.51
CA LYS B 506 22.76 -33.92 28.16
C LYS B 506 21.70 -34.56 27.27
N ASP B 507 21.00 -35.58 27.79
CA ASP B 507 19.90 -36.17 27.05
C ASP B 507 18.86 -35.13 26.68
N LYS B 508 18.44 -34.32 27.65
CA LYS B 508 17.42 -33.31 27.39
C LYS B 508 17.90 -32.28 26.38
N GLN B 509 19.18 -31.91 26.44
CA GLN B 509 19.72 -30.95 25.49
C GLN B 509 19.59 -31.47 24.06
N ARG B 510 19.90 -32.76 23.84
CA ARG B 510 19.74 -33.33 22.50
C ARG B 510 18.27 -33.32 22.07
N GLU B 511 17.38 -33.81 22.93
CA GLU B 511 15.96 -33.87 22.58
C GLU B 511 15.42 -32.50 22.19
N LEU B 512 15.75 -31.48 22.99
CA LEU B 512 15.24 -30.14 22.73
C LEU B 512 15.71 -29.61 21.39
N VAL B 513 16.98 -29.79 21.05
CA VAL B 513 17.48 -29.21 19.81
C VAL B 513 16.92 -29.96 18.60
N GLU B 514 16.77 -31.28 18.71
CA GLU B 514 16.37 -32.06 17.54
C GLU B 514 14.86 -32.20 17.39
N THR B 515 14.06 -31.77 18.38
CA THR B 515 12.62 -31.89 18.27
C THR B 515 11.86 -30.58 18.41
N LEU B 516 12.40 -29.58 19.10
CA LEU B 516 11.68 -28.33 19.25
C LEU B 516 11.65 -27.56 17.92
N PRO B 517 10.63 -26.74 17.70
CA PRO B 517 10.63 -25.87 16.52
C PRO B 517 11.49 -24.64 16.78
N SER B 518 11.81 -23.93 15.70
CA SER B 518 12.58 -22.71 15.84
C SER B 518 11.75 -21.63 16.53
N ASN B 519 12.43 -20.73 17.23
CA ASN B 519 11.77 -19.55 17.77
C ASN B 519 11.07 -18.78 16.66
N LEU B 520 11.70 -18.72 15.48
CA LEU B 520 11.10 -18.01 14.34
C LEU B 520 9.79 -18.65 13.92
N GLU B 521 9.77 -19.99 13.81
CA GLU B 521 8.55 -20.69 13.42
C GLU B 521 7.39 -20.37 14.35
N PHE B 522 7.64 -20.40 15.66
CA PHE B 522 6.56 -20.16 16.61
C PHE B 522 6.06 -18.73 16.51
N LEU B 523 6.97 -17.77 16.43
CA LEU B 523 6.57 -16.37 16.33
C LEU B 523 5.73 -16.13 15.09
N ARG B 524 6.09 -16.75 13.96
CA ARG B 524 5.28 -16.60 12.75
C ARG B 524 3.93 -17.28 12.91
N SER B 525 3.85 -18.38 13.65
CA SER B 525 2.56 -18.99 13.93
C SER B 525 1.73 -18.10 14.85
N LEU B 526 2.37 -17.44 15.81
CA LEU B 526 1.64 -16.59 16.75
C LEU B 526 1.19 -15.29 16.10
N HIS B 527 2.04 -14.71 15.25
CA HIS B 527 1.74 -13.40 14.66
C HIS B 527 1.26 -13.51 13.21
N ASP C 2 -8.52 28.87 -27.06
CA ASP C 2 -7.30 28.09 -26.83
C ASP C 2 -7.29 26.88 -27.78
N ASN C 3 -6.17 26.69 -28.48
CA ASN C 3 -6.09 25.77 -29.61
C ASN C 3 -5.34 24.48 -29.31
N ARG C 4 -5.25 24.09 -28.04
CA ARG C 4 -4.42 22.95 -27.71
C ARG C 4 -5.10 21.64 -28.08
N ILE C 5 -4.28 20.64 -28.39
CA ILE C 5 -4.80 19.30 -28.65
C ILE C 5 -5.60 18.82 -27.46
N ASN C 6 -6.75 18.21 -27.73
CA ASN C 6 -7.60 17.65 -26.68
C ASN C 6 -7.64 16.14 -26.68
N ARG C 7 -7.50 15.50 -27.84
CA ARG C 7 -7.66 14.05 -27.95
C ARG C 7 -6.65 13.50 -28.94
N ILE C 8 -6.02 12.38 -28.55
CA ILE C 8 -5.10 11.67 -29.42
C ILE C 8 -5.63 10.26 -29.60
N VAL C 9 -5.66 9.80 -30.84
CA VAL C 9 -6.02 8.41 -31.16
C VAL C 9 -4.79 7.74 -31.77
N ILE C 10 -4.41 6.60 -31.21
CA ILE C 10 -3.27 5.81 -31.66
C ILE C 10 -3.83 4.56 -32.31
N LEU C 11 -3.48 4.32 -33.56
CA LEU C 11 -3.87 3.10 -34.25
C LEU C 11 -2.72 2.10 -34.16
N GLY C 12 -2.99 0.95 -33.57
CA GLY C 12 -1.99 -0.10 -33.50
C GLY C 12 -1.44 -0.26 -32.09
N GLY C 13 -1.33 -1.51 -31.64
CA GLY C 13 -0.74 -1.78 -30.35
C GLY C 13 0.74 -2.09 -30.48
N GLY C 14 1.16 -3.22 -29.93
CA GLY C 14 2.54 -3.62 -30.05
C GLY C 14 3.48 -2.69 -29.31
N THR C 15 4.76 -2.78 -29.69
CA THR C 15 5.79 -1.97 -29.05
C THR C 15 5.58 -0.49 -29.33
N ALA C 16 5.40 -0.13 -30.60
CA ALA C 16 5.28 1.28 -30.97
C ALA C 16 4.05 1.91 -30.32
N GLY C 17 2.90 1.25 -30.41
CA GLY C 17 1.67 1.84 -29.90
C GLY C 17 1.71 2.10 -28.41
N TRP C 18 2.19 1.11 -27.64
CA TRP C 18 2.11 1.23 -26.18
C TRP C 18 3.27 2.04 -25.60
N MET C 19 4.42 2.06 -26.27
CA MET C 19 5.44 3.05 -25.91
C MET C 19 4.95 4.46 -26.18
N THR C 20 4.32 4.67 -27.34
CA THR C 20 3.74 5.98 -27.66
C THR C 20 2.69 6.37 -26.64
N ALA C 21 1.75 5.47 -26.36
CA ALA C 21 0.65 5.79 -25.46
C ALA C 21 1.15 6.07 -24.05
N SER C 22 2.07 5.24 -23.55
CA SER C 22 2.61 5.45 -22.21
C SER C 22 3.31 6.80 -22.09
N TYR C 23 4.20 7.09 -23.04
CA TYR C 23 5.02 8.30 -22.96
C TYR C 23 4.17 9.55 -23.15
N LEU C 24 3.28 9.54 -24.14
CA LEU C 24 2.41 10.69 -24.34
C LEU C 24 1.49 10.93 -23.16
N ALA C 25 0.96 9.85 -22.55
CA ALA C 25 0.08 10.03 -21.41
C ALA C 25 0.83 10.58 -20.20
N LYS C 26 2.09 10.17 -20.03
CA LYS C 26 2.90 10.75 -18.97
C LYS C 26 3.22 12.21 -19.25
N ALA C 27 3.52 12.54 -20.52
CA ALA C 27 3.92 13.90 -20.87
C ALA C 27 2.76 14.87 -20.72
N LEU C 28 1.56 14.46 -21.14
CA LEU C 28 0.42 15.37 -21.23
C LEU C 28 -0.52 15.30 -20.03
N GLY C 29 -0.47 14.22 -19.24
CA GLY C 29 -1.31 14.14 -18.07
C GLY C 29 -2.78 14.11 -18.43
N ASP C 30 -3.59 14.78 -17.63
CA ASP C 30 -5.03 14.84 -17.86
C ASP C 30 -5.44 15.95 -18.83
N THR C 31 -4.48 16.62 -19.47
CA THR C 31 -4.83 17.64 -20.46
C THR C 31 -5.34 17.03 -21.75
N VAL C 32 -4.98 15.79 -22.06
CA VAL C 32 -5.36 15.13 -23.30
C VAL C 32 -5.95 13.77 -22.98
N THR C 33 -6.98 13.38 -23.73
CA THR C 33 -7.49 12.02 -23.71
C THR C 33 -6.78 11.21 -24.78
N ILE C 34 -6.31 10.02 -24.42
CA ILE C 34 -5.54 9.18 -25.32
C ILE C 34 -6.27 7.86 -25.49
N THR C 35 -6.53 7.50 -26.75
CA THR C 35 -7.24 6.29 -27.12
C THR C 35 -6.35 5.46 -28.03
N LEU C 36 -6.29 4.16 -27.79
CA LEU C 36 -5.52 3.23 -28.62
C LEU C 36 -6.44 2.14 -29.14
N LEU C 37 -6.44 1.95 -30.45
CA LEU C 37 -7.21 0.92 -31.13
C LEU C 37 -6.26 -0.19 -31.59
N GLU C 38 -6.60 -1.44 -31.27
CA GLU C 38 -5.82 -2.56 -31.74
C GLU C 38 -6.69 -3.81 -31.78
N ALA C 39 -6.43 -4.66 -32.76
CA ALA C 39 -7.12 -5.93 -32.91
C ALA C 39 -6.56 -6.96 -31.93
N PRO C 40 -7.37 -7.96 -31.53
CA PRO C 40 -6.87 -8.98 -30.61
C PRO C 40 -5.74 -9.82 -31.22
N GLY C 46 8.27 -15.35 -29.43
CA GLY C 46 9.10 -14.19 -29.20
C GLY C 46 10.57 -14.44 -29.51
N VAL C 47 11.03 -13.90 -30.64
CA VAL C 47 12.35 -14.23 -31.15
C VAL C 47 13.39 -13.23 -30.64
N GLY C 48 13.02 -12.43 -29.65
CA GLY C 48 13.96 -11.55 -28.99
C GLY C 48 14.13 -10.22 -29.69
N GLU C 49 14.58 -9.23 -28.91
CA GLU C 49 14.80 -7.88 -29.40
C GLU C 49 15.93 -7.23 -28.60
N ALA C 50 16.90 -6.66 -29.30
CA ALA C 50 18.00 -5.93 -28.68
C ALA C 50 17.78 -4.42 -28.79
N THR C 51 18.49 -3.67 -27.95
CA THR C 51 18.31 -2.23 -27.82
C THR C 51 19.67 -1.55 -27.73
N VAL C 52 19.64 -0.23 -27.58
CA VAL C 52 20.82 0.60 -27.37
C VAL C 52 20.66 1.29 -26.02
N PRO C 53 21.75 1.80 -25.44
CA PRO C 53 21.72 2.16 -24.01
C PRO C 53 20.76 3.28 -23.62
N ASN C 54 20.41 4.21 -24.52
CA ASN C 54 19.64 5.36 -24.06
C ASN C 54 18.19 5.02 -23.73
N LEU C 55 17.77 3.75 -23.89
CA LEU C 55 16.37 3.39 -23.71
C LEU C 55 15.90 3.66 -22.28
N GLN C 56 16.73 3.37 -21.27
CA GLN C 56 16.31 3.61 -19.90
C GLN C 56 16.18 5.09 -19.62
N ARG C 57 17.19 5.88 -20.00
CA ARG C 57 17.18 7.31 -19.69
C ARG C 57 16.10 8.05 -20.47
N VAL C 58 15.85 7.65 -21.72
CA VAL C 58 14.91 8.38 -22.56
C VAL C 58 13.46 7.97 -22.28
N PHE C 59 13.21 6.66 -22.12
CA PHE C 59 11.85 6.16 -22.05
C PHE C 59 11.45 5.70 -20.64
N PHE C 60 12.12 4.69 -20.10
CA PHE C 60 11.69 4.15 -18.82
C PHE C 60 11.87 5.16 -17.69
N ASP C 61 12.95 5.95 -17.73
CA ASP C 61 13.13 7.01 -16.73
C ASP C 61 11.99 8.02 -16.80
N PHE C 62 11.55 8.37 -18.01
CA PHE C 62 10.46 9.31 -18.16
C PHE C 62 9.17 8.78 -17.53
N LEU C 63 8.96 7.47 -17.60
CA LEU C 63 7.80 6.85 -16.97
C LEU C 63 7.99 6.61 -15.47
N GLY C 64 9.21 6.80 -14.96
CA GLY C 64 9.48 6.49 -13.56
C GLY C 64 9.70 5.02 -13.28
N LEU C 65 10.03 4.23 -14.30
CA LEU C 65 10.15 2.78 -14.18
C LEU C 65 11.63 2.40 -14.16
N ARG C 66 12.10 1.94 -13.00
CA ARG C 66 13.47 1.49 -12.84
C ARG C 66 13.65 0.10 -13.44
N GLU C 67 14.91 -0.23 -13.75
CA GLU C 67 15.20 -1.51 -14.41
C GLU C 67 14.74 -2.69 -13.56
N GLU C 68 14.94 -2.61 -12.24
CA GLU C 68 14.48 -3.64 -11.33
C GLU C 68 12.96 -3.77 -11.35
N GLU C 69 12.27 -2.77 -11.88
CA GLU C 69 10.81 -2.78 -11.94
C GLU C 69 10.30 -3.38 -13.24
N TRP C 70 10.93 -3.09 -14.37
CA TRP C 70 10.41 -3.55 -15.65
C TRP C 70 11.15 -4.74 -16.23
N MET C 71 12.46 -4.88 -15.99
CA MET C 71 13.20 -6.04 -16.51
C MET C 71 12.59 -7.38 -16.08
N PRO C 72 12.20 -7.60 -14.82
CA PRO C 72 11.63 -8.90 -14.46
C PRO C 72 10.35 -9.24 -15.21
N GLU C 73 9.61 -8.24 -15.68
CA GLU C 73 8.33 -8.46 -16.32
C GLU C 73 8.46 -8.71 -17.82
N CYS C 74 9.67 -8.70 -18.37
CA CYS C 74 9.83 -8.98 -19.80
CA CYS C 74 9.90 -8.91 -19.79
C CYS C 74 11.00 -9.91 -20.07
N ASN C 75 11.49 -10.61 -19.04
CA ASN C 75 12.62 -11.55 -19.18
C ASN C 75 13.85 -10.86 -19.75
N ALA C 76 14.11 -9.64 -19.28
CA ALA C 76 15.19 -8.84 -19.85
C ALA C 76 16.56 -9.36 -19.41
N ALA C 77 17.51 -9.31 -20.33
CA ALA C 77 18.91 -9.58 -20.07
C ALA C 77 19.74 -8.37 -20.53
N PHE C 78 21.05 -8.52 -20.52
CA PHE C 78 21.96 -7.40 -20.73
C PHE C 78 22.75 -7.53 -22.02
N LYS C 79 22.97 -6.39 -22.67
CA LYS C 79 23.70 -6.32 -23.93
C LYS C 79 24.87 -5.37 -23.75
N THR C 80 26.08 -5.90 -23.85
CA THR C 80 27.30 -5.09 -23.76
C THR C 80 27.85 -4.70 -25.11
N ALA C 81 27.48 -5.41 -26.18
CA ALA C 81 27.99 -5.13 -27.51
C ALA C 81 27.18 -5.93 -28.52
N VAL C 82 27.44 -5.66 -29.79
CA VAL C 82 27.14 -6.57 -30.88
C VAL C 82 28.44 -7.29 -31.23
N LYS C 83 28.38 -8.60 -31.36
CA LYS C 83 29.52 -9.41 -31.75
C LYS C 83 29.30 -9.93 -33.16
N PHE C 84 30.17 -9.54 -34.08
CA PHE C 84 30.06 -9.92 -35.48
C PHE C 84 30.94 -11.14 -35.75
N ILE C 85 30.34 -12.20 -36.28
CA ILE C 85 31.02 -13.48 -36.47
C ILE C 85 31.07 -13.79 -37.96
N ASN C 86 32.26 -14.13 -38.44
CA ASN C 86 32.48 -14.68 -39.78
C ASN C 86 32.20 -13.68 -40.90
N TRP C 87 32.49 -12.40 -40.66
CA TRP C 87 32.33 -11.36 -41.67
C TRP C 87 33.58 -11.15 -42.52
N ARG C 88 34.69 -11.83 -42.19
CA ARG C 88 35.92 -11.71 -42.95
C ARG C 88 36.33 -12.99 -43.65
N THR C 89 35.68 -14.12 -43.34
CA THR C 89 36.10 -15.41 -43.86
C THR C 89 34.99 -16.02 -44.70
N PRO C 90 35.34 -16.67 -45.81
CA PRO C 90 34.34 -17.42 -46.58
C PRO C 90 33.87 -18.66 -45.85
N GLY C 91 32.71 -19.16 -46.26
CA GLY C 91 32.11 -20.32 -45.65
C GLY C 91 30.61 -20.17 -45.51
N PRO C 92 29.93 -21.26 -45.16
CA PRO C 92 28.48 -21.23 -45.00
C PRO C 92 28.11 -20.65 -43.64
N GLY C 93 26.80 -20.60 -43.37
CA GLY C 93 26.30 -20.03 -42.14
C GLY C 93 26.78 -20.84 -40.93
N GLU C 94 27.62 -20.24 -40.10
CA GLU C 94 28.27 -20.98 -39.01
C GLU C 94 28.18 -20.22 -37.72
N ALA C 95 27.57 -20.86 -36.72
CA ALA C 95 27.45 -20.25 -35.41
C ALA C 95 28.80 -20.09 -34.74
N LYS C 96 29.74 -20.99 -34.98
CA LYS C 96 31.05 -20.94 -34.35
C LYS C 96 31.98 -20.07 -35.19
N ALA C 97 32.69 -19.16 -34.53
CA ALA C 97 33.66 -18.33 -35.22
C ALA C 97 34.79 -19.19 -35.76
N ARG C 98 35.15 -18.96 -37.03
CA ARG C 98 36.28 -19.65 -37.62
C ARG C 98 37.51 -18.76 -37.57
N THR C 99 38.58 -19.14 -38.26
CA THR C 99 39.92 -18.69 -37.96
C THR C 99 40.48 -17.78 -39.06
N ILE C 100 41.07 -16.66 -38.63
CA ILE C 100 41.84 -15.76 -39.49
C ILE C 100 43.17 -15.51 -38.80
N ASP C 101 44.25 -16.07 -39.34
CA ASP C 101 45.59 -15.91 -38.78
C ASP C 101 45.63 -16.34 -37.32
N GLY C 102 45.21 -17.59 -37.09
CA GLY C 102 45.24 -18.16 -35.75
C GLY C 102 44.13 -17.68 -34.83
N ARG C 103 43.59 -16.47 -35.11
CA ARG C 103 42.59 -15.88 -34.25
C ARG C 103 41.19 -16.15 -34.77
N PRO C 104 40.19 -16.24 -33.88
CA PRO C 104 38.81 -16.37 -34.33
C PRO C 104 38.36 -15.16 -35.14
N ASP C 105 37.50 -15.41 -36.13
CA ASP C 105 36.94 -14.35 -36.96
C ASP C 105 35.74 -13.75 -36.25
N HIS C 106 36.03 -12.88 -35.27
CA HIS C 106 34.97 -12.11 -34.65
C HIS C 106 35.55 -10.78 -34.17
N PHE C 107 34.68 -9.78 -34.12
CA PHE C 107 35.02 -8.50 -33.52
C PHE C 107 33.78 -7.95 -32.83
N TYR C 108 34.00 -7.10 -31.84
CA TYR C 108 32.93 -6.54 -31.04
C TYR C 108 32.67 -5.09 -31.44
N HIS C 109 31.40 -4.68 -31.29
CA HIS C 109 30.99 -3.28 -31.37
C HIS C 109 30.38 -2.94 -30.02
N PRO C 110 31.19 -2.50 -29.05
CA PRO C 110 30.64 -2.20 -27.72
C PRO C 110 30.07 -0.80 -27.60
N PHE C 111 29.68 -0.41 -26.38
CA PHE C 111 29.02 0.87 -26.15
C PHE C 111 29.90 1.89 -25.47
N GLY C 112 31.07 1.53 -24.98
CA GLY C 112 31.92 2.48 -24.31
C GLY C 112 32.53 3.50 -25.27
N LEU C 113 32.76 4.70 -24.74
CA LEU C 113 33.45 5.74 -25.49
C LEU C 113 34.96 5.59 -25.29
N LEU C 114 35.70 5.67 -26.38
CA LEU C 114 37.15 5.55 -26.30
C LEU C 114 37.72 6.71 -25.48
N PRO C 115 38.70 6.46 -24.62
CA PRO C 115 39.41 7.56 -23.98
C PRO C 115 40.19 8.35 -25.02
N GLU C 116 40.67 9.51 -24.60
CA GLU C 116 41.44 10.38 -25.49
C GLU C 116 42.72 10.81 -24.79
N HIS C 117 43.71 11.16 -25.59
CA HIS C 117 44.94 11.75 -25.08
C HIS C 117 45.41 12.82 -26.04
N GLY C 118 45.71 14.00 -25.52
CA GLY C 118 45.97 15.14 -26.39
C GLY C 118 44.82 15.42 -27.32
N GLN C 119 43.58 15.15 -26.89
CA GLN C 119 42.38 15.33 -27.70
C GLN C 119 42.42 14.46 -28.95
N VAL C 120 42.99 13.26 -28.82
CA VAL C 120 43.05 12.29 -29.91
C VAL C 120 42.53 10.96 -29.39
N PRO C 121 41.51 10.36 -30.02
CA PRO C 121 40.94 9.12 -29.49
C PRO C 121 41.95 7.99 -29.49
N LEU C 122 41.72 7.03 -28.60
CA LEU C 122 42.60 5.87 -28.49
C LEU C 122 42.66 5.10 -29.80
N SER C 123 41.58 5.17 -30.61
CA SER C 123 41.58 4.50 -31.91
C SER C 123 42.74 4.94 -32.78
N HIS C 124 43.19 6.19 -32.64
CA HIS C 124 44.24 6.70 -33.51
C HIS C 124 45.63 6.34 -33.04
N TYR C 125 45.82 6.12 -31.75
CA TYR C 125 47.09 5.57 -31.29
C TYR C 125 47.20 4.09 -31.68
N TRP C 126 46.08 3.38 -31.70
CA TRP C 126 46.10 2.00 -32.18
C TRP C 126 46.48 1.93 -33.65
N ALA C 127 45.94 2.85 -34.45
CA ALA C 127 46.26 2.87 -35.88
C ALA C 127 47.70 3.31 -36.12
N TYR C 128 48.24 4.17 -35.25
CA TYR C 128 49.65 4.51 -35.30
C TYR C 128 50.51 3.27 -35.07
N ASN C 129 50.15 2.47 -34.07
CA ASN C 129 50.95 1.29 -33.72
C ASN C 129 50.83 0.21 -34.78
N ARG C 130 49.64 0.05 -35.38
CA ARG C 130 49.49 -0.93 -36.44
C ARG C 130 50.28 -0.54 -37.68
N ALA C 131 50.22 0.74 -38.08
CA ALA C 131 50.93 1.17 -39.27
C ALA C 131 52.45 1.08 -39.08
N ALA C 132 52.93 1.42 -37.88
CA ALA C 132 54.35 1.26 -37.57
C ALA C 132 54.76 -0.19 -37.44
N GLY C 133 53.81 -1.11 -37.40
CA GLY C 133 54.13 -2.53 -37.29
C GLY C 133 54.59 -2.97 -35.93
N THR C 134 54.40 -2.17 -34.89
CA THR C 134 54.86 -2.51 -33.55
C THR C 134 53.83 -3.30 -32.77
N THR C 135 52.67 -3.59 -33.34
CA THR C 135 51.68 -4.48 -32.75
C THR C 135 50.78 -4.98 -33.86
N ASP C 136 50.17 -6.15 -33.62
CA ASP C 136 49.12 -6.63 -34.51
C ASP C 136 47.85 -6.98 -33.73
N GLU C 137 47.67 -6.40 -32.55
CA GLU C 137 46.48 -6.66 -31.76
C GLU C 137 45.25 -6.09 -32.46
N PRO C 138 44.12 -6.80 -32.45
CA PRO C 138 42.89 -6.25 -33.01
C PRO C 138 42.48 -4.97 -32.30
N PHE C 139 41.71 -4.14 -33.01
CA PHE C 139 41.34 -2.84 -32.47
C PHE C 139 40.50 -2.96 -31.21
N ASP C 140 39.52 -3.89 -31.22
CA ASP C 140 38.59 -3.93 -30.09
C ASP C 140 39.26 -4.47 -28.83
N TYR C 141 40.14 -5.46 -28.95
CA TYR C 141 40.84 -5.96 -27.78
C TYR C 141 41.87 -4.95 -27.27
N ALA C 142 42.38 -4.10 -28.15
CA ALA C 142 43.38 -3.12 -27.73
C ALA C 142 42.74 -1.96 -26.97
N CYS C 143 41.53 -1.56 -27.37
CA CYS C 143 40.95 -0.31 -26.89
C CYS C 143 39.77 -0.49 -25.94
N PHE C 144 39.09 -1.64 -25.94
CA PHE C 144 37.87 -1.85 -25.17
C PHE C 144 38.11 -2.92 -24.11
N ALA C 145 38.11 -2.51 -22.84
CA ALA C 145 38.23 -3.48 -21.76
C ALA C 145 37.05 -4.44 -21.71
N GLU C 146 35.93 -4.11 -22.35
CA GLU C 146 34.75 -4.95 -22.30
C GLU C 146 34.92 -6.25 -23.09
N THR C 147 35.87 -6.29 -24.03
CA THR C 147 36.05 -7.51 -24.82
C THR C 147 36.43 -8.69 -23.92
N ALA C 148 37.25 -8.43 -22.89
CA ALA C 148 37.62 -9.50 -21.97
C ALA C 148 36.43 -9.93 -21.11
N ALA C 149 35.65 -8.96 -20.63
CA ALA C 149 34.48 -9.30 -19.84
C ALA C 149 33.47 -10.10 -20.64
N MET C 150 33.34 -9.83 -21.94
CA MET C 150 32.36 -10.55 -22.74
C MET C 150 32.85 -11.95 -23.11
N ASP C 151 34.15 -12.11 -23.36
CA ASP C 151 34.70 -13.43 -23.60
C ASP C 151 34.53 -14.36 -22.40
N ALA C 152 34.39 -13.79 -21.20
CA ALA C 152 34.15 -14.57 -19.99
C ALA C 152 32.71 -14.44 -19.49
N VAL C 153 31.78 -14.11 -20.40
CA VAL C 153 30.34 -13.98 -20.17
C VAL C 153 30.04 -13.31 -18.82
N ARG C 154 30.75 -12.23 -18.51
CA ARG C 154 30.51 -11.49 -17.30
C ARG C 154 29.25 -10.64 -17.42
N ALA C 155 28.77 -10.15 -16.28
CA ALA C 155 27.68 -9.20 -16.27
C ALA C 155 28.20 -7.79 -16.41
N PRO C 156 27.38 -6.84 -16.87
CA PRO C 156 27.81 -5.44 -16.90
C PRO C 156 27.80 -4.78 -15.54
N LYS C 157 27.38 -5.51 -14.50
CA LYS C 157 27.29 -4.96 -13.16
C LYS C 157 27.89 -5.95 -12.17
N TRP C 158 28.48 -5.42 -11.10
CA TRP C 158 28.81 -6.26 -9.97
C TRP C 158 27.53 -6.66 -9.23
N LEU C 159 27.66 -7.65 -8.35
CA LEU C 159 26.51 -8.15 -7.61
C LEU C 159 25.81 -7.03 -6.84
N ASP C 160 26.57 -6.09 -6.30
CA ASP C 160 26.03 -5.02 -5.48
C ASP C 160 25.40 -3.90 -6.31
N GLY C 161 25.26 -4.09 -7.63
CA GLY C 161 24.61 -3.11 -8.48
C GLY C 161 25.53 -2.10 -9.13
N ARG C 162 26.78 -2.01 -8.69
CA ARG C 162 27.77 -1.09 -9.24
C ARG C 162 27.93 -1.32 -10.73
N PRO C 163 27.53 -0.37 -11.59
CA PRO C 163 27.69 -0.57 -13.03
C PRO C 163 29.16 -0.50 -13.42
N ALA C 164 29.62 -1.55 -14.11
CA ALA C 164 31.01 -1.63 -14.54
C ALA C 164 31.24 -1.15 -15.96
N THR C 165 30.25 -1.34 -16.85
CA THR C 165 30.39 -0.99 -18.25
C THR C 165 29.07 -0.40 -18.74
N ARG C 166 29.12 0.19 -19.93
CA ARG C 166 27.91 0.68 -20.58
C ARG C 166 27.18 -0.48 -21.24
N TYR C 167 25.87 -0.56 -21.05
CA TYR C 167 25.12 -1.70 -21.54
C TYR C 167 23.75 -1.27 -22.06
N ALA C 168 23.19 -2.12 -22.91
CA ALA C 168 21.78 -2.05 -23.30
C ALA C 168 21.08 -3.32 -22.86
N TRP C 169 19.94 -3.65 -23.47
CA TRP C 169 19.09 -4.71 -22.97
C TRP C 169 18.64 -5.64 -24.08
N HIS C 170 18.43 -6.90 -23.69
CA HIS C 170 17.72 -7.89 -24.49
C HIS C 170 16.39 -8.19 -23.83
N PHE C 171 15.33 -8.28 -24.63
CA PHE C 171 14.04 -8.70 -24.10
C PHE C 171 13.14 -9.16 -25.23
N ASP C 172 12.05 -9.85 -24.86
CA ASP C 172 11.00 -10.17 -25.81
C ASP C 172 10.08 -8.96 -25.93
N ALA C 173 9.94 -8.44 -27.16
CA ALA C 173 9.23 -7.18 -27.35
C ALA C 173 7.76 -7.30 -26.97
N HIS C 174 7.15 -8.46 -27.23
CA HIS C 174 5.73 -8.63 -26.90
C HIS C 174 5.49 -8.49 -25.40
N LEU C 175 6.38 -9.04 -24.58
CA LEU C 175 6.22 -8.90 -23.14
C LEU C 175 6.40 -7.46 -22.68
N VAL C 176 7.26 -6.68 -23.36
CA VAL C 176 7.36 -5.26 -23.05
C VAL C 176 6.07 -4.54 -23.40
N ALA C 177 5.51 -4.83 -24.58
CA ALA C 177 4.23 -4.25 -24.95
C ALA C 177 3.16 -4.57 -23.93
N GLU C 178 3.03 -5.86 -23.57
CA GLU C 178 2.06 -6.26 -22.56
C GLU C 178 2.25 -5.48 -21.27
N PHE C 179 3.51 -5.31 -20.84
CA PHE C 179 3.77 -4.59 -19.60
C PHE C 179 3.40 -3.12 -19.73
N LEU C 180 3.67 -2.52 -20.89
CA LEU C 180 3.35 -1.10 -21.07
C LEU C 180 1.86 -0.88 -21.25
N ARG C 181 1.16 -1.82 -21.90
CA ARG C 181 -0.30 -1.73 -21.97
C ARG C 181 -0.92 -1.72 -20.59
N ARG C 182 -0.47 -2.63 -19.71
CA ARG C 182 -0.95 -2.63 -18.33
C ARG C 182 -0.66 -1.30 -17.65
N HIS C 183 0.57 -0.82 -17.78
CA HIS C 183 0.96 0.43 -17.12
C HIS C 183 0.16 1.61 -17.66
N ALA C 184 -0.08 1.65 -18.97
CA ALA C 184 -0.76 2.79 -19.57
C ALA C 184 -2.25 2.80 -19.22
N THR C 185 -2.88 1.63 -19.13
CA THR C 185 -4.31 1.59 -18.85
C THR C 185 -4.58 1.73 -17.35
N GLU C 186 -3.85 0.99 -16.52
CA GLU C 186 -4.10 0.99 -15.10
C GLU C 186 -3.58 2.25 -14.40
N ARG C 187 -2.59 2.92 -14.97
CA ARG C 187 -1.91 4.02 -14.29
C ARG C 187 -1.97 5.35 -15.01
N LEU C 188 -2.06 5.36 -16.34
CA LEU C 188 -1.98 6.59 -17.11
C LEU C 188 -3.29 6.96 -17.81
N ASN C 189 -4.37 6.22 -17.51
CA ASN C 189 -5.72 6.54 -17.98
C ASN C 189 -5.87 6.45 -19.50
N VAL C 190 -5.03 5.63 -20.16
CA VAL C 190 -5.16 5.44 -21.60
C VAL C 190 -6.27 4.43 -21.87
N GLU C 191 -7.23 4.81 -22.70
CA GLU C 191 -8.34 3.92 -23.04
C GLU C 191 -7.86 2.90 -24.06
N HIS C 192 -8.03 1.62 -23.74
CA HIS C 192 -7.73 0.52 -24.64
C HIS C 192 -9.02 0.11 -25.33
N VAL C 193 -9.05 0.21 -26.66
CA VAL C 193 -10.20 -0.20 -27.45
C VAL C 193 -9.78 -1.37 -28.32
N GLN C 194 -10.42 -2.51 -28.12
CA GLN C 194 -10.16 -3.72 -28.90
C GLN C 194 -11.13 -3.77 -30.08
N GLY C 195 -10.59 -3.86 -31.29
CA GLY C 195 -11.43 -3.93 -32.46
C GLY C 195 -10.61 -3.73 -33.72
N GLU C 196 -11.33 -3.53 -34.82
CA GLU C 196 -10.73 -3.36 -36.14
C GLU C 196 -11.25 -2.07 -36.76
N MET C 197 -10.40 -1.42 -37.53
CA MET C 197 -10.76 -0.17 -38.19
C MET C 197 -11.49 -0.46 -39.49
N GLN C 198 -12.67 0.15 -39.65
CA GLN C 198 -13.41 0.08 -40.90
C GLN C 198 -13.09 1.27 -41.80
N GLN C 199 -13.08 2.48 -41.23
CA GLN C 199 -12.96 3.69 -42.04
C GLN C 199 -12.18 4.76 -41.29
N VAL C 200 -11.42 5.54 -42.06
CA VAL C 200 -10.77 6.75 -41.57
C VAL C 200 -11.59 7.94 -42.07
N LEU C 201 -12.16 8.69 -41.15
CA LEU C 201 -12.92 9.89 -41.48
C LEU C 201 -11.97 11.08 -41.58
N ARG C 202 -12.08 11.85 -42.65
CA ARG C 202 -11.31 13.06 -42.81
C ARG C 202 -12.22 14.20 -43.20
N ASP C 203 -11.82 15.41 -42.84
CA ASP C 203 -12.60 16.60 -43.10
C ASP C 203 -12.35 17.08 -44.53
N GLU C 204 -12.83 18.29 -44.86
CA GLU C 204 -12.71 18.80 -46.21
C GLU C 204 -11.30 19.22 -46.57
N ARG C 205 -10.40 19.40 -45.60
CA ARG C 205 -9.04 19.79 -45.90
C ARG C 205 -8.05 18.64 -45.72
N GLY C 206 -8.54 17.41 -45.60
CA GLY C 206 -7.69 16.24 -45.57
C GLY C 206 -7.28 15.77 -44.19
N PHE C 207 -7.50 16.56 -43.15
CA PHE C 207 -7.16 16.16 -41.80
C PHE C 207 -8.10 15.07 -41.31
N ILE C 208 -7.54 14.09 -40.57
CA ILE C 208 -8.34 13.03 -39.99
C ILE C 208 -9.15 13.59 -38.82
N THR C 209 -10.40 13.14 -38.71
CA THR C 209 -11.29 13.56 -37.63
C THR C 209 -11.66 12.42 -36.69
N ALA C 210 -11.69 11.18 -37.17
CA ALA C 210 -12.01 10.04 -36.33
C ALA C 210 -11.66 8.77 -37.08
N LEU C 211 -11.36 7.72 -36.32
CA LEU C 211 -11.30 6.37 -36.83
C LEU C 211 -12.61 5.67 -36.48
N ARG C 212 -13.24 5.06 -37.48
CA ARG C 212 -14.50 4.34 -37.29
C ARG C 212 -14.22 2.85 -37.27
N THR C 213 -14.76 2.17 -36.26
CA THR C 213 -14.54 0.75 -36.07
C THR C 213 -15.69 -0.06 -36.65
N VAL C 214 -15.45 -1.36 -36.86
CA VAL C 214 -16.47 -2.22 -37.42
C VAL C 214 -17.66 -2.35 -36.47
N GLU C 215 -17.43 -2.16 -35.17
CA GLU C 215 -18.52 -2.20 -34.21
C GLU C 215 -19.30 -0.90 -34.13
N GLY C 216 -18.89 0.13 -34.87
CA GLY C 216 -19.62 1.38 -34.93
C GLY C 216 -19.04 2.49 -34.09
N ARG C 217 -18.10 2.18 -33.20
CA ARG C 217 -17.45 3.18 -32.38
C ARG C 217 -16.69 4.17 -33.26
N ASP C 218 -16.90 5.47 -33.01
CA ASP C 218 -16.13 6.53 -33.64
C ASP C 218 -15.13 7.07 -32.64
N LEU C 219 -13.84 6.85 -32.90
CA LEU C 219 -12.78 7.32 -32.02
C LEU C 219 -12.33 8.68 -32.52
N GLU C 220 -12.86 9.74 -31.94
CA GLU C 220 -12.59 11.09 -32.38
C GLU C 220 -11.31 11.63 -31.75
N GLY C 221 -10.61 12.47 -32.51
CA GLY C 221 -9.37 13.02 -32.00
C GLY C 221 -8.87 14.15 -32.89
N ASP C 222 -7.93 14.91 -32.34
CA ASP C 222 -7.27 15.99 -33.06
C ASP C 222 -5.95 15.57 -33.67
N LEU C 223 -5.27 14.60 -33.07
CA LEU C 223 -3.97 14.13 -33.52
C LEU C 223 -3.99 12.61 -33.54
N PHE C 224 -3.47 12.03 -34.61
CA PHE C 224 -3.54 10.58 -34.83
C PHE C 224 -2.14 10.02 -35.01
N ILE C 225 -1.83 8.96 -34.28
CA ILE C 225 -0.55 8.29 -34.36
C ILE C 225 -0.74 6.99 -35.13
N ASP C 226 0.03 6.80 -36.18
CA ASP C 226 0.00 5.58 -36.97
C ASP C 226 1.08 4.65 -36.43
N CYS C 227 0.67 3.69 -35.60
CA CYS C 227 1.50 2.57 -35.18
C CYS C 227 0.96 1.26 -35.74
N SER C 228 0.43 1.30 -36.96
CA SER C 228 -0.24 0.16 -37.55
C SER C 228 0.71 -0.84 -38.18
N GLY C 229 2.01 -0.62 -38.11
CA GLY C 229 2.96 -1.55 -38.69
C GLY C 229 3.22 -1.27 -40.15
N PHE C 230 3.71 -2.32 -40.85
CA PHE C 230 4.14 -2.18 -42.24
C PHE C 230 3.04 -1.67 -43.14
N ARG C 231 1.78 -1.92 -42.79
CA ARG C 231 0.69 -1.56 -43.70
C ARG C 231 0.49 -0.05 -43.76
N GLY C 232 0.84 0.67 -42.70
CA GLY C 232 0.69 2.11 -42.68
C GLY C 232 -0.72 2.56 -43.01
N LEU C 233 -1.68 2.09 -42.23
CA LEU C 233 -3.09 2.30 -42.56
C LEU C 233 -3.45 3.78 -42.58
N LEU C 234 -2.76 4.60 -41.79
CA LEU C 234 -3.05 6.03 -41.77
C LEU C 234 -2.11 6.80 -42.71
N ILE C 235 -0.81 6.73 -42.47
CA ILE C 235 0.14 7.58 -43.19
C ILE C 235 0.16 7.22 -44.68
N ASN C 236 0.21 5.92 -44.98
CA ASN C 236 0.37 5.48 -46.37
C ASN C 236 -0.96 5.31 -47.10
N LYS C 237 -1.98 4.79 -46.42
CA LYS C 237 -3.21 4.43 -47.12
C LYS C 237 -4.24 5.55 -47.08
N ALA C 238 -4.58 6.02 -45.88
CA ALA C 238 -5.51 7.14 -45.80
C ALA C 238 -4.85 8.43 -46.29
N MET C 239 -3.70 8.79 -45.74
CA MET C 239 -3.04 10.05 -46.07
C MET C 239 -2.25 10.00 -47.36
N GLU C 240 -2.08 8.82 -47.97
CA GLU C 240 -1.48 8.68 -49.30
C GLU C 240 -0.05 9.22 -49.35
N GLU C 241 0.70 9.10 -48.27
CA GLU C 241 2.08 9.54 -48.28
C GLU C 241 2.96 8.43 -48.87
N PRO C 242 3.83 8.76 -49.83
CA PRO C 242 4.65 7.72 -50.47
C PRO C 242 5.77 7.21 -49.57
N PHE C 243 6.09 5.93 -49.74
CA PHE C 243 7.18 5.28 -49.05
C PHE C 243 8.38 5.23 -49.99
N ILE C 244 9.55 5.60 -49.49
CA ILE C 244 10.78 5.56 -50.27
C ILE C 244 11.44 4.20 -50.05
N ASP C 245 11.37 3.34 -51.06
CA ASP C 245 11.95 2.01 -50.96
C ASP C 245 13.47 2.13 -51.10
N MET C 246 14.19 1.67 -50.09
CA MET C 246 15.65 1.72 -50.08
C MET C 246 16.28 0.33 -50.17
N ASN C 247 15.51 -0.66 -50.61
CA ASN C 247 16.03 -2.03 -50.72
C ASN C 247 17.14 -2.14 -51.75
N ASP C 248 17.28 -1.15 -52.64
CA ASP C 248 18.39 -1.17 -53.60
C ASP C 248 19.70 -0.74 -52.98
N GLN C 249 19.65 -0.13 -51.79
CA GLN C 249 20.84 0.20 -51.03
C GLN C 249 21.13 -0.82 -49.93
N LEU C 250 20.09 -1.40 -49.34
CA LEU C 250 20.21 -2.45 -48.32
C LEU C 250 19.46 -3.67 -48.81
N LEU C 251 20.19 -4.74 -49.12
CA LEU C 251 19.60 -5.85 -49.87
C LEU C 251 18.71 -6.74 -49.01
N CYS C 252 18.95 -6.81 -47.70
CA CYS C 252 18.19 -7.73 -46.86
C CYS C 252 16.76 -7.24 -46.70
N ASN C 253 15.80 -8.16 -46.90
CA ASN C 253 14.39 -7.79 -46.83
C ASN C 253 13.49 -8.94 -46.38
N ARG C 254 14.05 -10.01 -45.82
CA ARG C 254 13.28 -11.14 -45.31
C ARG C 254 13.94 -11.65 -44.04
N ALA C 255 13.19 -12.44 -43.27
CA ALA C 255 13.77 -13.06 -42.09
C ALA C 255 12.98 -14.31 -41.72
N VAL C 256 13.71 -15.34 -41.32
CA VAL C 256 13.15 -16.54 -40.71
C VAL C 256 13.69 -16.61 -39.29
N ALA C 257 12.80 -16.67 -38.31
CA ALA C 257 13.21 -16.54 -36.92
C ALA C 257 12.47 -17.53 -36.04
N THR C 258 13.06 -17.82 -34.89
CA THR C 258 12.49 -18.70 -33.90
C THR C 258 13.16 -18.41 -32.55
N ALA C 259 12.74 -19.12 -31.52
CA ALA C 259 13.36 -19.06 -30.20
C ALA C 259 13.81 -20.47 -29.82
N ILE C 260 15.04 -20.56 -29.31
CA ILE C 260 15.66 -21.85 -28.99
C ILE C 260 15.98 -21.90 -27.51
N LYS C 261 15.55 -22.96 -26.85
CA LYS C 261 15.91 -23.15 -25.44
C LYS C 261 17.40 -23.43 -25.32
N HIS C 262 18.00 -22.92 -24.25
CA HIS C 262 19.45 -22.97 -24.07
C HIS C 262 19.78 -23.50 -22.68
N ASP C 263 20.72 -24.44 -22.64
CA ASP C 263 21.25 -25.00 -21.39
C ASP C 263 22.20 -23.97 -20.80
N ASP C 264 21.64 -23.06 -19.98
CA ASP C 264 22.44 -21.95 -19.44
C ASP C 264 23.62 -22.44 -18.62
N ASP C 265 23.45 -23.55 -17.89
CA ASP C 265 24.56 -24.06 -17.07
C ASP C 265 25.74 -24.50 -17.92
N ALA C 266 25.48 -24.97 -19.14
CA ALA C 266 26.54 -25.58 -19.94
C ALA C 266 27.53 -24.53 -20.46
N HIS C 267 27.03 -23.39 -20.93
CA HIS C 267 27.88 -22.42 -21.60
C HIS C 267 27.65 -20.97 -21.15
N GLY C 268 26.92 -20.76 -20.06
CA GLY C 268 26.64 -19.40 -19.63
C GLY C 268 25.73 -18.67 -20.60
N VAL C 269 25.53 -17.38 -20.30
CA VAL C 269 24.65 -16.52 -21.08
C VAL C 269 25.48 -15.37 -21.65
N GLU C 270 25.60 -15.34 -22.97
CA GLU C 270 26.43 -14.33 -23.63
C GLU C 270 25.84 -12.94 -23.45
N PRO C 271 26.54 -12.00 -22.80
CA PRO C 271 26.05 -10.63 -22.63
C PRO C 271 26.24 -9.74 -23.86
N TYR C 272 25.85 -10.26 -25.01
CA TYR C 272 25.98 -9.51 -26.24
C TYR C 272 25.07 -10.12 -27.29
N THR C 273 24.61 -9.28 -28.21
CA THR C 273 23.96 -9.76 -29.42
C THR C 273 25.02 -10.22 -30.41
N SER C 274 24.76 -11.33 -31.07
CA SER C 274 25.65 -11.85 -32.10
C SER C 274 25.05 -11.59 -33.47
N ALA C 275 25.89 -11.14 -34.40
CA ALA C 275 25.52 -10.96 -35.79
C ALA C 275 26.37 -11.93 -36.59
N ILE C 276 25.81 -13.12 -36.88
CA ILE C 276 26.55 -14.20 -37.52
C ILE C 276 26.37 -14.07 -39.03
N ALA C 277 27.48 -13.87 -39.75
CA ALA C 277 27.40 -13.71 -41.20
C ALA C 277 26.97 -15.01 -41.86
N MET C 278 26.20 -14.89 -42.93
CA MET C 278 25.67 -16.04 -43.64
C MET C 278 25.97 -15.94 -45.14
N ARG C 279 25.42 -16.87 -45.92
CA ARG C 279 25.66 -16.86 -47.36
C ARG C 279 25.00 -15.66 -48.03
N SER C 280 23.77 -15.35 -47.65
CA SER C 280 23.03 -14.26 -48.28
C SER C 280 22.43 -13.32 -47.25
N GLY C 281 23.17 -13.08 -46.18
CA GLY C 281 22.72 -12.19 -45.14
C GLY C 281 23.46 -12.48 -43.84
N TRP C 282 22.71 -12.43 -42.75
CA TRP C 282 23.28 -12.55 -41.42
C TRP C 282 22.19 -13.00 -40.46
N SER C 283 22.62 -13.56 -39.33
CA SER C 283 21.70 -14.08 -38.33
C SER C 283 21.97 -13.45 -36.97
N TRP C 284 20.91 -13.07 -36.28
CA TRP C 284 21.07 -12.55 -34.93
C TRP C 284 20.95 -13.67 -33.91
N LYS C 285 21.56 -13.45 -32.74
CA LYS C 285 21.37 -14.28 -31.57
C LYS C 285 21.22 -13.35 -30.38
N ILE C 286 20.09 -13.47 -29.68
CA ILE C 286 19.76 -12.56 -28.59
C ILE C 286 19.53 -13.40 -27.34
N PRO C 287 20.56 -13.63 -26.52
CA PRO C 287 20.41 -14.54 -25.39
C PRO C 287 19.68 -13.90 -24.22
N MET C 288 18.80 -14.68 -23.61
CA MET C 288 18.15 -14.29 -22.37
C MET C 288 18.25 -15.44 -21.38
N LEU C 289 17.59 -15.34 -20.23
CA LEU C 289 17.68 -16.39 -19.23
C LEU C 289 16.84 -17.59 -19.66
N GLY C 290 17.51 -18.67 -20.07
CA GLY C 290 16.86 -19.92 -20.39
C GLY C 290 16.72 -20.20 -21.88
N ARG C 291 16.84 -19.18 -22.72
CA ARG C 291 16.61 -19.33 -24.15
C ARG C 291 17.22 -18.14 -24.87
N PHE C 292 17.45 -18.28 -26.16
CA PHE C 292 17.90 -17.17 -27.00
C PHE C 292 17.08 -17.12 -28.28
N GLY C 293 16.73 -15.90 -28.69
CA GLY C 293 16.06 -15.68 -29.95
C GLY C 293 17.08 -15.55 -31.07
N THR C 294 16.70 -16.07 -32.24
CA THR C 294 17.60 -16.05 -33.38
C THR C 294 16.78 -15.93 -34.67
N GLY C 295 17.35 -15.26 -35.66
CA GLY C 295 16.70 -15.11 -36.94
C GLY C 295 17.70 -14.82 -38.04
N TYR C 296 17.41 -15.33 -39.23
CA TYR C 296 18.26 -15.16 -40.40
C TYR C 296 17.66 -14.04 -41.25
N VAL C 297 18.28 -12.85 -41.19
CA VAL C 297 17.90 -11.74 -42.05
C VAL C 297 18.58 -11.93 -43.40
N TYR C 298 17.78 -12.12 -44.46
CA TYR C 298 18.35 -12.49 -45.74
C TYR C 298 17.72 -11.69 -46.87
N SER C 299 18.37 -11.74 -48.02
CA SER C 299 18.01 -10.96 -49.20
C SER C 299 17.16 -11.82 -50.12
N SER C 300 15.97 -11.32 -50.47
CA SER C 300 15.01 -12.12 -51.24
C SER C 300 15.50 -12.44 -52.64
N ARG C 301 16.48 -11.71 -53.16
CA ARG C 301 16.95 -11.93 -54.52
C ARG C 301 18.19 -12.81 -54.58
N PHE C 302 18.76 -13.20 -53.45
CA PHE C 302 19.89 -14.12 -53.44
C PHE C 302 19.62 -15.38 -52.64
N ALA C 303 18.48 -15.47 -51.98
CA ALA C 303 18.09 -16.69 -51.27
C ALA C 303 16.57 -16.78 -51.29
N GLU C 304 16.06 -17.87 -51.85
CA GLU C 304 14.63 -18.13 -51.73
C GLU C 304 14.32 -18.57 -50.30
N LYS C 305 13.03 -18.54 -49.96
CA LYS C 305 12.60 -18.87 -48.60
C LYS C 305 13.07 -20.25 -48.18
N ASP C 306 13.12 -21.19 -49.12
CA ASP C 306 13.56 -22.55 -48.79
C ASP C 306 15.06 -22.59 -48.51
N GLU C 307 15.86 -21.97 -49.38
CA GLU C 307 17.31 -21.91 -49.17
C GLU C 307 17.65 -21.31 -47.82
N ALA C 308 16.99 -20.21 -47.47
CA ALA C 308 17.31 -19.52 -46.21
C ALA C 308 16.83 -20.33 -45.00
N THR C 309 15.63 -20.89 -45.08
CA THR C 309 15.09 -21.69 -43.97
C THR C 309 16.02 -22.86 -43.66
N LEU C 310 16.45 -23.57 -44.70
CA LEU C 310 17.34 -24.71 -44.50
C LEU C 310 18.69 -24.26 -43.94
N ASP C 311 19.27 -23.20 -44.52
CA ASP C 311 20.53 -22.69 -44.01
C ASP C 311 20.41 -22.26 -42.55
N PHE C 312 19.23 -21.75 -42.17
CA PHE C 312 19.01 -21.31 -40.80
C PHE C 312 18.95 -22.48 -39.84
N CYS C 313 18.13 -23.49 -40.14
CA CYS C 313 17.97 -24.62 -39.23
C CYS C 313 19.23 -25.48 -39.17
N ARG C 314 19.87 -25.73 -40.32
CA ARG C 314 21.12 -26.47 -40.32
C ARG C 314 22.17 -25.77 -39.47
N MET C 315 22.11 -24.43 -39.40
CA MET C 315 23.04 -23.69 -38.56
C MET C 315 22.86 -24.02 -37.10
N TRP C 316 21.61 -24.15 -36.65
CA TRP C 316 21.29 -24.42 -35.25
C TRP C 316 20.94 -25.89 -34.99
N GLY C 317 21.01 -26.74 -36.02
CA GLY C 317 20.67 -28.13 -35.86
C GLY C 317 19.20 -28.37 -35.60
N LEU C 318 18.33 -27.70 -36.35
CA LEU C 318 16.89 -27.82 -36.21
C LEU C 318 16.29 -28.56 -37.39
N ASP C 319 15.11 -29.16 -37.16
CA ASP C 319 14.38 -29.84 -38.24
C ASP C 319 13.31 -28.93 -38.80
N PRO C 320 13.26 -28.75 -40.12
CA PRO C 320 12.35 -27.74 -40.69
C PRO C 320 10.87 -28.04 -40.51
N GLU C 321 10.48 -29.29 -40.27
CA GLU C 321 9.06 -29.60 -40.17
C GLU C 321 8.52 -29.51 -38.75
N ASN C 322 9.31 -29.92 -37.75
CA ASN C 322 8.89 -29.86 -36.36
C ASN C 322 9.70 -28.76 -35.65
N THR C 323 9.45 -27.53 -36.07
CA THR C 323 10.00 -26.34 -35.43
C THR C 323 9.18 -25.12 -35.85
N PRO C 324 8.62 -24.38 -34.91
CA PRO C 324 7.95 -23.12 -35.26
C PRO C 324 8.94 -22.13 -35.87
N LEU C 325 8.52 -21.52 -36.97
CA LEU C 325 9.28 -20.50 -37.66
C LEU C 325 8.44 -19.25 -37.78
N ASN C 326 9.11 -18.10 -37.86
CA ASN C 326 8.48 -16.83 -38.20
C ASN C 326 9.07 -16.37 -39.52
N GLN C 327 8.28 -16.43 -40.59
CA GLN C 327 8.66 -15.84 -41.86
C GLN C 327 8.08 -14.43 -41.94
N VAL C 328 8.94 -13.45 -42.21
CA VAL C 328 8.54 -12.05 -42.32
C VAL C 328 9.19 -11.46 -43.57
N ALA C 329 8.42 -10.68 -44.32
CA ALA C 329 8.95 -9.87 -45.40
C ALA C 329 9.10 -8.43 -44.90
N PHE C 330 10.24 -7.82 -45.17
CA PHE C 330 10.56 -6.50 -44.66
C PHE C 330 10.26 -5.43 -45.70
N ARG C 331 9.60 -4.36 -45.26
CA ARG C 331 9.60 -3.10 -45.99
C ARG C 331 10.86 -2.33 -45.58
N VAL C 332 11.74 -2.05 -46.54
CA VAL C 332 13.01 -1.38 -46.27
C VAL C 332 12.94 0.04 -46.83
N GLY C 333 13.14 1.03 -45.97
CA GLY C 333 13.11 2.42 -46.35
C GLY C 333 12.36 3.23 -45.32
N ARG C 334 11.86 4.38 -45.75
CA ARG C 334 11.10 5.27 -44.87
C ARG C 334 10.05 5.99 -45.68
N ASN C 335 9.11 6.60 -44.96
CA ASN C 335 8.14 7.49 -45.60
C ASN C 335 8.82 8.76 -46.08
N ARG C 336 8.33 9.30 -47.21
CA ARG C 336 8.81 10.59 -47.67
C ARG C 336 8.71 11.63 -46.56
N ARG C 337 7.64 11.57 -45.77
CA ARG C 337 7.47 12.37 -44.57
C ARG C 337 6.84 11.49 -43.50
N ALA C 338 7.36 11.55 -42.29
CA ALA C 338 6.81 10.75 -41.21
C ALA C 338 5.53 11.35 -40.66
N TRP C 339 5.43 12.68 -40.67
CA TRP C 339 4.29 13.40 -40.12
C TRP C 339 3.66 14.22 -41.24
N VAL C 340 2.44 13.85 -41.63
CA VAL C 340 1.67 14.55 -42.65
C VAL C 340 0.37 15.03 -42.02
N LYS C 341 0.03 16.30 -42.25
CA LYS C 341 -1.15 16.95 -41.68
C LYS C 341 -1.24 16.68 -40.18
N ASN C 342 -2.23 15.92 -39.73
CA ASN C 342 -2.38 15.59 -38.32
C ASN C 342 -2.12 14.11 -38.04
N CYS C 343 -1.34 13.46 -38.90
CA CYS C 343 -1.03 12.05 -38.78
C CYS C 343 0.47 11.86 -38.60
N VAL C 344 0.86 11.34 -37.44
CA VAL C 344 2.26 11.07 -37.11
C VAL C 344 2.47 9.56 -37.15
N SER C 345 3.43 9.12 -37.96
CA SER C 345 3.76 7.71 -38.07
C SER C 345 4.94 7.36 -37.17
N ILE C 346 4.83 6.26 -36.46
CA ILE C 346 5.84 5.83 -35.49
C ILE C 346 6.04 4.32 -35.60
N GLY C 347 7.30 3.89 -35.66
CA GLY C 347 7.60 2.48 -35.76
C GLY C 347 7.64 2.00 -37.19
N LEU C 348 7.19 0.76 -37.43
CA LEU C 348 7.27 0.19 -38.78
C LEU C 348 6.37 0.91 -39.77
N ALA C 349 5.36 1.64 -39.29
CA ALA C 349 4.55 2.47 -40.19
C ALA C 349 5.33 3.65 -40.73
N SER C 350 6.41 4.03 -40.07
CA SER C 350 7.24 5.17 -40.45
C SER C 350 8.45 4.76 -41.28
N CYS C 351 9.19 3.74 -40.82
CA CYS C 351 10.46 3.36 -41.42
C CYS C 351 10.87 2.01 -40.85
N PHE C 352 11.85 1.39 -41.51
CA PHE C 352 12.42 0.14 -41.02
C PHE C 352 13.71 -0.18 -41.75
N LEU C 353 14.63 -0.82 -41.03
CA LEU C 353 15.77 -1.48 -41.64
C LEU C 353 16.18 -2.63 -40.73
N GLU C 354 16.96 -3.54 -41.29
CA GLU C 354 17.36 -4.75 -40.58
C GLU C 354 17.94 -4.39 -39.21
N PRO C 355 17.73 -5.22 -38.20
CA PRO C 355 18.22 -4.88 -36.86
C PRO C 355 19.70 -5.16 -36.67
N LEU C 356 20.51 -4.91 -37.71
CA LEU C 356 21.94 -5.20 -37.63
C LEU C 356 22.62 -4.47 -36.49
N GLU C 357 22.15 -3.27 -36.15
CA GLU C 357 22.67 -2.53 -35.01
C GLU C 357 21.57 -2.23 -33.98
N SER C 358 20.45 -2.93 -34.06
CA SER C 358 19.38 -2.87 -33.05
C SER C 358 18.88 -1.44 -32.83
N THR C 359 18.34 -0.86 -33.89
CA THR C 359 17.85 0.51 -33.83
C THR C 359 16.33 0.62 -33.84
N GLY C 360 15.62 -0.51 -33.87
CA GLY C 360 14.16 -0.51 -33.88
C GLY C 360 13.52 0.33 -32.79
N ILE C 361 13.73 -0.06 -31.52
CA ILE C 361 13.14 0.70 -30.42
C ILE C 361 13.72 2.10 -30.37
N TYR C 362 15.00 2.26 -30.73
CA TYR C 362 15.63 3.57 -30.75
C TYR C 362 14.90 4.52 -31.71
N PHE C 363 14.65 4.07 -32.94
CA PHE C 363 13.84 4.85 -33.87
C PHE C 363 12.47 5.19 -33.28
N ILE C 364 11.88 4.25 -32.52
CA ILE C 364 10.57 4.49 -31.94
C ILE C 364 10.65 5.57 -30.86
N THR C 365 11.52 5.39 -29.87
CA THR C 365 11.58 6.36 -28.78
C THR C 365 12.11 7.71 -29.26
N ALA C 366 12.89 7.73 -30.32
CA ALA C 366 13.34 9.00 -30.89
C ALA C 366 12.18 9.76 -31.52
N ALA C 367 11.34 9.06 -32.28
CA ALA C 367 10.16 9.70 -32.87
C ALA C 367 9.22 10.21 -31.78
N ILE C 368 8.98 9.41 -30.76
CA ILE C 368 8.13 9.84 -29.65
C ILE C 368 8.72 11.07 -28.98
N TYR C 369 10.02 11.02 -28.66
CA TYR C 369 10.65 12.17 -28.04
C TYR C 369 10.54 13.40 -28.93
N GLN C 370 10.81 13.24 -30.23
CA GLN C 370 10.77 14.39 -31.13
C GLN C 370 9.35 14.90 -31.34
N LEU C 371 8.35 14.03 -31.18
CA LEU C 371 6.96 14.48 -31.23
C LEU C 371 6.69 15.50 -30.12
N THR C 372 7.12 15.18 -28.89
CA THR C 372 6.86 16.10 -27.79
C THR C 372 7.71 17.37 -27.87
N GLN C 373 8.86 17.32 -28.54
CA GLN C 373 9.66 18.53 -28.73
C GLN C 373 9.14 19.39 -29.87
N HIS C 374 8.25 18.87 -30.71
CA HIS C 374 7.61 19.60 -31.79
C HIS C 374 6.10 19.49 -31.66
N PHE C 375 5.60 19.47 -30.44
CA PHE C 375 4.20 19.12 -30.22
C PHE C 375 3.29 20.21 -30.76
N PRO C 376 2.29 19.87 -31.56
CA PRO C 376 1.44 20.87 -32.20
C PRO C 376 0.29 21.32 -31.31
N ASP C 377 -0.34 22.40 -31.73
CA ASP C 377 -1.70 22.72 -31.33
C ASP C 377 -2.61 22.47 -32.53
N ARG C 378 -3.87 22.84 -32.40
CA ARG C 378 -4.82 22.50 -33.45
C ARG C 378 -4.63 23.30 -34.73
N THR C 379 -3.74 24.29 -34.75
CA THR C 379 -3.42 24.96 -36.01
C THR C 379 -2.42 24.19 -36.85
N PHE C 380 -1.69 23.24 -36.24
CA PHE C 380 -0.72 22.38 -36.93
C PHE C 380 0.21 23.19 -37.84
N ALA C 381 0.96 24.08 -37.21
CA ALA C 381 1.92 24.91 -37.93
C ALA C 381 2.91 24.05 -38.70
N LEU C 382 3.12 24.39 -39.97
CA LEU C 382 3.93 23.54 -40.83
C LEU C 382 5.38 23.45 -40.35
N ALA C 383 5.88 24.50 -39.69
CA ALA C 383 7.27 24.46 -39.22
C ALA C 383 7.48 23.36 -38.21
N LEU C 384 6.44 22.99 -37.44
CA LEU C 384 6.57 21.93 -36.45
C LEU C 384 6.74 20.57 -37.13
N SER C 385 5.86 20.24 -38.08
CA SER C 385 5.96 18.97 -38.76
C SER C 385 7.15 18.91 -39.71
N ASP C 386 7.55 20.05 -40.29
CA ASP C 386 8.75 20.07 -41.14
C ASP C 386 10.01 19.81 -40.32
N ALA C 387 10.12 20.43 -39.15
CA ALA C 387 11.28 20.18 -38.28
C ALA C 387 11.28 18.74 -37.78
N PHE C 388 10.10 18.20 -37.46
CA PHE C 388 10.00 16.79 -37.06
C PHE C 388 10.45 15.88 -38.18
N ASN C 389 9.93 16.08 -39.39
CA ASN C 389 10.29 15.22 -40.51
C ASN C 389 11.77 15.30 -40.83
N HIS C 390 12.38 16.47 -40.64
CA HIS C 390 13.82 16.61 -40.90
C HIS C 390 14.63 15.78 -39.90
N GLU C 391 14.29 15.88 -38.61
CA GLU C 391 15.04 15.11 -37.61
C GLU C 391 14.91 13.61 -37.87
N ILE C 392 13.71 13.16 -38.27
CA ILE C 392 13.47 11.74 -38.44
C ILE C 392 14.20 11.22 -39.68
N GLU C 393 14.15 11.96 -40.78
CA GLU C 393 14.82 11.51 -41.99
C GLU C 393 16.34 11.54 -41.82
N ALA C 394 16.87 12.51 -41.08
CA ALA C 394 18.31 12.58 -40.88
C ALA C 394 18.80 11.43 -40.00
N MET C 395 18.05 11.13 -38.93
CA MET C 395 18.38 10.00 -38.07
C MET C 395 18.36 8.69 -38.85
N PHE C 396 17.32 8.47 -39.66
CA PHE C 396 17.20 7.23 -40.41
C PHE C 396 18.32 7.11 -41.45
N ASP C 397 18.52 8.15 -42.24
CA ASP C 397 19.52 8.09 -43.31
C ASP C 397 20.92 7.87 -42.76
N ASP C 398 21.21 8.42 -41.58
CA ASP C 398 22.53 8.28 -41.00
C ASP C 398 22.80 6.83 -40.60
N THR C 399 21.84 6.20 -39.92
CA THR C 399 21.98 4.79 -39.57
C THR C 399 21.93 3.90 -40.81
N ARG C 400 21.12 4.28 -41.80
CA ARG C 400 21.03 3.50 -43.03
C ARG C 400 22.38 3.40 -43.71
N ASP C 401 23.08 4.53 -43.86
CA ASP C 401 24.40 4.49 -44.48
C ASP C 401 25.40 3.73 -43.63
N PHE C 402 25.28 3.84 -42.30
CA PHE C 402 26.19 3.12 -41.40
C PHE C 402 26.04 1.62 -41.56
N ILE C 403 24.79 1.14 -41.66
CA ILE C 403 24.55 -0.29 -41.81
C ILE C 403 25.03 -0.78 -43.16
N GLN C 404 24.80 -0.02 -44.23
CA GLN C 404 25.31 -0.43 -45.53
C GLN C 404 26.82 -0.59 -45.51
N ALA C 405 27.52 0.29 -44.80
CA ALA C 405 28.97 0.21 -44.73
C ALA C 405 29.45 -1.11 -44.13
N HIS C 406 28.62 -1.73 -43.28
CA HIS C 406 28.95 -3.06 -42.76
C HIS C 406 29.16 -4.06 -43.90
N PHE C 407 28.31 -3.98 -44.93
CA PHE C 407 28.41 -4.90 -46.06
C PHE C 407 29.39 -4.41 -47.11
N TYR C 408 29.49 -3.09 -47.32
CA TYR C 408 30.37 -2.57 -48.35
C TYR C 408 31.84 -2.80 -48.01
N VAL C 409 32.20 -2.56 -46.75
CA VAL C 409 33.60 -2.65 -46.33
C VAL C 409 34.03 -4.09 -46.06
N SER C 410 33.08 -4.99 -45.85
CA SER C 410 33.39 -6.40 -45.65
C SER C 410 34.26 -6.92 -46.79
N PRO C 411 35.33 -7.67 -46.49
CA PRO C 411 36.22 -8.16 -47.56
C PRO C 411 35.77 -9.45 -48.21
N ARG C 412 34.60 -9.98 -47.86
CA ARG C 412 34.17 -11.28 -48.36
C ARG C 412 33.65 -11.18 -49.78
N THR C 413 33.90 -12.22 -50.57
CA THR C 413 33.44 -12.29 -51.95
C THR C 413 33.05 -13.71 -52.36
N ASP C 414 32.76 -14.60 -51.40
CA ASP C 414 32.57 -16.02 -51.72
C ASP C 414 31.17 -16.35 -52.23
N THR C 415 30.18 -15.54 -51.89
CA THR C 415 28.81 -15.76 -52.35
C THR C 415 28.38 -14.59 -53.22
N PRO C 416 27.38 -14.77 -54.08
CA PRO C 416 26.92 -13.64 -54.90
C PRO C 416 26.36 -12.48 -54.08
N PHE C 417 25.84 -12.75 -52.89
CA PHE C 417 25.32 -11.67 -52.04
C PHE C 417 26.45 -10.75 -51.59
N TRP C 418 27.56 -11.32 -51.12
CA TRP C 418 28.66 -10.50 -50.62
C TRP C 418 29.37 -9.76 -51.73
N LYS C 419 29.40 -10.34 -52.94
CA LYS C 419 29.95 -9.60 -54.07
C LYS C 419 29.00 -8.50 -54.54
N ALA C 420 27.70 -8.69 -54.34
CA ALA C 420 26.73 -7.70 -54.80
C ALA C 420 26.78 -6.43 -53.96
N ASN C 421 27.03 -6.56 -52.66
CA ASN C 421 27.09 -5.38 -51.79
C ASN C 421 28.19 -4.42 -52.22
N LYS C 422 29.25 -4.93 -52.84
CA LYS C 422 30.29 -4.07 -53.36
C LYS C 422 29.93 -3.47 -54.71
N ASP C 423 28.82 -3.89 -55.31
CA ASP C 423 28.34 -3.30 -56.56
C ASP C 423 27.34 -2.18 -56.34
N LEU C 424 26.78 -2.06 -55.13
CA LEU C 424 25.80 -1.03 -54.87
C LEU C 424 26.46 0.35 -54.85
N HIS C 425 25.70 1.37 -55.23
CA HIS C 425 26.19 2.73 -55.12
C HIS C 425 26.41 3.07 -53.65
N LEU C 426 27.56 3.63 -53.35
CA LEU C 426 27.81 4.06 -52.00
C LEU C 426 27.43 5.52 -51.84
N PRO C 427 26.58 5.88 -50.88
CA PRO C 427 26.20 7.29 -50.73
C PRO C 427 27.42 8.16 -50.48
N GLU C 428 27.38 9.37 -51.05
CA GLU C 428 28.58 10.20 -51.12
C GLU C 428 29.09 10.63 -49.75
N GLN C 429 28.22 10.68 -48.74
CA GLN C 429 28.70 11.03 -47.42
C GLN C 429 29.47 9.89 -46.77
N MET C 430 29.20 8.65 -47.15
CA MET C 430 29.96 7.53 -46.60
C MET C 430 31.27 7.32 -47.35
N ARG C 431 31.29 7.61 -48.66
CA ARG C 431 32.54 7.60 -49.39
C ARG C 431 33.52 8.59 -48.80
N GLU C 432 33.03 9.76 -48.38
CA GLU C 432 33.89 10.75 -47.75
C GLU C 432 34.37 10.29 -46.38
N LYS C 433 33.49 9.64 -45.61
CA LYS C 433 33.87 9.12 -44.31
C LYS C 433 34.96 8.05 -44.44
N ILE C 434 34.87 7.22 -45.47
CA ILE C 434 35.89 6.21 -45.71
C ILE C 434 37.21 6.86 -46.11
N ALA C 435 37.15 7.87 -46.98
CA ALA C 435 38.36 8.59 -47.35
C ALA C 435 38.97 9.29 -46.14
N MET C 436 38.14 9.92 -45.30
CA MET C 436 38.64 10.51 -44.06
C MET C 436 39.25 9.44 -43.17
N TYR C 437 38.62 8.27 -43.08
CA TYR C 437 39.14 7.18 -42.26
C TYR C 437 40.52 6.73 -42.76
N LYS C 438 40.65 6.55 -44.08
CA LYS C 438 41.93 6.10 -44.63
C LYS C 438 43.02 7.13 -44.43
N ALA C 439 42.68 8.41 -44.52
CA ALA C 439 43.65 9.49 -44.32
C ALA C 439 44.01 9.69 -42.85
N GLY C 440 43.39 8.94 -41.94
CA GLY C 440 43.72 8.99 -40.53
C GLY C 440 42.84 9.89 -39.69
N LEU C 441 41.86 10.56 -40.31
CA LEU C 441 40.99 11.46 -39.57
C LEU C 441 40.02 10.68 -38.68
N PRO C 442 39.66 11.24 -37.54
CA PRO C 442 38.51 10.70 -36.80
C PRO C 442 37.23 11.04 -37.54
N ILE C 443 36.23 10.19 -37.37
CA ILE C 443 34.93 10.35 -38.01
C ILE C 443 33.92 10.65 -36.92
N ASN C 444 33.48 11.90 -36.85
CA ASN C 444 32.46 12.30 -35.88
C ASN C 444 32.94 12.01 -34.46
N ALA C 445 34.13 12.52 -34.16
CA ALA C 445 34.69 12.32 -32.84
C ALA C 445 33.80 12.97 -31.79
N PRO C 446 33.44 12.27 -30.71
CA PRO C 446 32.64 12.90 -29.66
C PRO C 446 33.46 13.91 -28.88
N VAL C 447 32.78 14.95 -28.41
CA VAL C 447 33.40 15.97 -27.59
C VAL C 447 32.82 16.01 -26.18
N THR C 448 31.64 15.44 -25.96
CA THR C 448 31.06 15.29 -24.63
C THR C 448 31.63 14.02 -23.98
N ASP C 449 31.29 13.82 -22.71
CA ASP C 449 31.77 12.63 -22.00
C ASP C 449 30.60 11.70 -21.69
N GLU C 450 30.96 10.49 -21.22
CA GLU C 450 29.98 9.40 -21.15
C GLU C 450 28.84 9.73 -20.19
N SER C 451 29.15 10.37 -19.06
CA SER C 451 28.09 10.86 -18.18
C SER C 451 27.14 11.76 -18.95
N THR C 452 27.69 12.71 -19.70
CA THR C 452 26.89 13.68 -20.44
C THR C 452 26.53 13.21 -21.86
N TYR C 453 27.00 12.05 -22.28
CA TYR C 453 26.71 11.58 -23.63
C TYR C 453 25.49 10.68 -23.71
N TYR C 454 25.32 9.78 -22.75
CA TYR C 454 24.27 8.78 -22.83
C TYR C 454 23.00 9.17 -22.10
N PHE C 457 19.36 13.31 -24.40
CA PHE C 457 18.98 12.82 -25.72
C PHE C 457 19.67 13.62 -26.81
N GLU C 458 19.58 14.95 -26.72
CA GLU C 458 19.98 15.82 -27.83
C GLU C 458 21.44 15.62 -28.25
N ALA C 459 22.27 14.99 -27.41
CA ALA C 459 23.70 14.90 -27.67
C ALA C 459 24.09 13.70 -28.54
N GLU C 460 23.63 12.48 -28.21
CA GLU C 460 23.87 11.39 -29.15
C GLU C 460 23.00 11.56 -30.38
N PHE C 461 21.85 12.23 -30.24
CA PHE C 461 21.06 12.61 -31.41
C PHE C 461 21.75 13.68 -32.21
N ARG C 462 22.66 14.43 -31.56
CA ARG C 462 23.52 15.31 -32.36
C ARG C 462 24.52 14.50 -33.17
N ASN C 463 25.08 13.43 -32.57
CA ASN C 463 26.19 12.70 -33.23
C ASN C 463 26.11 11.20 -32.99
N PHE C 464 25.03 10.56 -33.45
CA PHE C 464 25.00 9.12 -33.29
C PHE C 464 25.91 8.46 -34.31
N TRP C 465 26.43 7.28 -33.95
CA TRP C 465 27.49 6.63 -34.71
C TRP C 465 28.70 7.55 -34.73
N THR C 466 29.46 7.51 -33.63
CA THR C 466 30.64 8.33 -33.44
C THR C 466 31.88 7.59 -33.92
N ASN C 467 33.04 8.19 -33.66
CA ASN C 467 34.29 7.65 -34.17
C ASN C 467 34.55 6.22 -33.69
N GLY C 468 34.26 5.93 -32.42
CA GLY C 468 34.46 4.58 -31.91
C GLY C 468 33.71 3.54 -32.70
N SER C 469 32.46 3.84 -33.07
CA SER C 469 31.64 2.89 -33.82
C SER C 469 32.18 2.69 -35.23
N TYR C 470 32.67 3.76 -35.86
CA TYR C 470 33.23 3.61 -37.20
C TYR C 470 34.50 2.77 -37.18
N TYR C 471 35.31 2.91 -36.12
CA TYR C 471 36.49 2.07 -36.01
C TYR C 471 36.12 0.62 -35.74
N CYS C 472 35.15 0.38 -34.85
CA CYS C 472 34.71 -0.98 -34.57
C CYS C 472 34.37 -1.73 -35.84
N ILE C 473 33.62 -1.08 -36.74
CA ILE C 473 33.19 -1.75 -37.96
C ILE C 473 34.30 -1.79 -39.00
N PHE C 474 34.94 -0.64 -39.26
CA PHE C 474 36.00 -0.59 -40.26
C PHE C 474 37.18 -1.49 -39.88
N ALA C 475 37.71 -1.30 -38.67
CA ALA C 475 38.83 -2.13 -38.24
C ALA C 475 38.41 -3.57 -37.97
N GLY C 476 37.16 -3.77 -37.53
CA GLY C 476 36.67 -5.13 -37.36
C GLY C 476 36.66 -5.92 -38.65
N LEU C 477 36.34 -5.25 -39.76
CA LEU C 477 36.33 -5.88 -41.07
C LEU C 477 37.70 -5.89 -41.75
N GLY C 478 38.72 -5.32 -41.13
CA GLY C 478 40.07 -5.35 -41.66
C GLY C 478 40.52 -4.09 -42.36
N LEU C 479 39.68 -3.06 -42.43
CA LEU C 479 40.06 -1.80 -43.04
C LEU C 479 40.72 -0.91 -42.00
N ARG C 480 41.94 -0.50 -42.27
CA ARG C 480 42.74 0.35 -41.39
C ARG C 480 43.23 1.56 -42.18
N PRO C 481 43.52 2.67 -41.48
CA PRO C 481 44.02 3.85 -42.19
C PRO C 481 45.29 3.55 -42.95
N ASP C 482 45.42 4.17 -44.13
CA ASP C 482 46.65 4.05 -44.91
C ASP C 482 47.86 4.41 -44.08
N ASN C 483 47.80 5.54 -43.40
CA ASN C 483 48.86 6.07 -42.56
C ASN C 483 48.20 6.61 -41.30
N PRO C 484 48.98 6.81 -40.23
CA PRO C 484 48.41 7.41 -39.03
C PRO C 484 48.02 8.87 -39.27
N LEU C 485 47.27 9.41 -38.32
CA LEU C 485 46.98 10.84 -38.30
C LEU C 485 48.29 11.62 -38.38
N PRO C 486 48.51 12.39 -39.45
CA PRO C 486 49.85 12.99 -39.66
C PRO C 486 50.38 13.79 -38.48
N MET C 487 49.51 14.41 -37.69
CA MET C 487 49.98 15.20 -36.55
C MET C 487 50.73 14.34 -35.53
N LEU C 488 50.39 13.04 -35.45
CA LEU C 488 51.03 12.19 -34.46
C LEU C 488 52.53 12.05 -34.71
N ARG C 489 52.97 12.18 -35.96
CA ARG C 489 54.39 12.10 -36.28
C ARG C 489 55.17 13.30 -35.80
N HIS C 490 54.50 14.38 -35.39
CA HIS C 490 55.16 15.57 -34.84
C HIS C 490 55.11 15.60 -33.33
N ARG C 491 54.37 14.68 -32.71
CA ARG C 491 54.19 14.61 -31.26
C ARG C 491 54.69 13.27 -30.76
N PRO C 492 56.00 13.04 -30.76
CA PRO C 492 56.49 11.72 -30.30
C PRO C 492 56.30 11.51 -28.81
N GLU C 493 56.44 12.56 -28.01
CA GLU C 493 56.21 12.44 -26.57
C GLU C 493 54.74 12.16 -26.27
N GLN C 494 53.85 12.84 -26.98
CA GLN C 494 52.41 12.61 -26.79
C GLN C 494 52.05 11.15 -27.10
N VAL C 495 52.51 10.65 -28.24
CA VAL C 495 52.30 9.25 -28.60
C VAL C 495 52.83 8.32 -27.52
N ARG C 496 53.95 8.70 -26.90
CA ARG C 496 54.53 7.88 -25.84
C ARG C 496 53.65 7.90 -24.60
N GLU C 497 53.26 9.10 -24.14
CA GLU C 497 52.43 9.21 -22.95
C GLU C 497 51.09 8.50 -23.12
N ALA C 498 50.58 8.42 -24.35
CA ALA C 498 49.30 7.78 -24.59
C ALA C 498 49.39 6.25 -24.53
N GLN C 499 50.60 5.68 -24.52
CA GLN C 499 50.72 4.23 -24.47
C GLN C 499 50.16 3.67 -23.16
N ALA C 500 50.21 4.46 -22.08
CA ALA C 500 49.66 4.01 -20.80
C ALA C 500 48.14 3.84 -20.87
N LEU C 501 47.47 4.44 -21.86
CA LEU C 501 46.05 4.18 -22.04
C LEU C 501 45.80 2.73 -22.42
N PHE C 502 46.67 2.15 -23.24
CA PHE C 502 46.55 0.74 -23.57
C PHE C 502 46.86 -0.15 -22.37
N ALA C 503 47.81 0.27 -21.54
CA ALA C 503 48.14 -0.52 -20.35
C ALA C 503 47.00 -0.50 -19.34
N GLY C 504 46.37 0.66 -19.15
CA GLY C 504 45.20 0.73 -18.28
C GLY C 504 44.03 -0.06 -18.81
N VAL C 505 43.93 -0.17 -20.14
CA VAL C 505 42.92 -1.05 -20.74
C VAL C 505 43.23 -2.50 -20.40
N LYS C 506 44.51 -2.88 -20.49
CA LYS C 506 44.90 -4.25 -20.14
C LYS C 506 44.66 -4.51 -18.66
N ASP C 507 44.87 -3.51 -17.81
CA ASP C 507 44.63 -3.69 -16.38
C ASP C 507 43.14 -3.84 -16.10
N LYS C 508 42.30 -3.04 -16.76
CA LYS C 508 40.87 -3.17 -16.57
C LYS C 508 40.35 -4.48 -17.14
N GLN C 509 40.90 -4.90 -18.29
CA GLN C 509 40.56 -6.22 -18.83
C GLN C 509 40.87 -7.32 -17.81
N ARG C 510 41.89 -7.13 -16.99
CA ARG C 510 42.23 -8.12 -15.97
C ARG C 510 41.30 -8.02 -14.76
N GLU C 511 40.98 -6.80 -14.34
CA GLU C 511 40.14 -6.63 -13.15
C GLU C 511 38.71 -7.12 -13.40
N LEU C 512 38.16 -6.83 -14.59
CA LEU C 512 36.76 -7.16 -14.85
C LEU C 512 36.55 -8.67 -14.93
N VAL C 513 37.51 -9.40 -15.51
CA VAL C 513 37.33 -10.83 -15.69
C VAL C 513 37.33 -11.58 -14.35
N GLU C 514 37.86 -10.96 -13.29
CA GLU C 514 38.05 -11.66 -12.03
C GLU C 514 37.20 -11.15 -10.87
N THR C 515 36.58 -9.98 -10.98
CA THR C 515 35.74 -9.49 -9.91
C THR C 515 34.26 -9.38 -10.26
N LEU C 516 33.93 -9.34 -11.54
CA LEU C 516 32.53 -9.31 -11.93
C LEU C 516 31.92 -10.70 -11.84
N PRO C 517 30.63 -10.79 -11.49
CA PRO C 517 29.94 -12.08 -11.56
C PRO C 517 29.69 -12.47 -13.00
N SER C 518 29.32 -13.73 -13.18
CA SER C 518 28.89 -14.17 -14.51
C SER C 518 27.56 -13.53 -14.87
N ASN C 519 27.34 -13.36 -16.17
CA ASN C 519 26.05 -12.86 -16.64
C ASN C 519 24.92 -13.74 -16.14
N LEU C 520 25.13 -15.07 -16.17
CA LEU C 520 24.09 -16.00 -15.75
C LEU C 520 23.68 -15.78 -14.30
N GLU C 521 24.64 -15.75 -13.38
CA GLU C 521 24.30 -15.67 -11.96
C GLU C 521 23.71 -14.31 -11.60
N PHE C 522 24.07 -13.25 -12.34
CA PHE C 522 23.46 -11.95 -12.07
C PHE C 522 22.00 -11.93 -12.52
N LEU C 523 21.71 -12.46 -13.70
CA LEU C 523 20.34 -12.51 -14.19
C LEU C 523 19.45 -13.36 -13.28
N ARG C 524 20.01 -14.47 -12.76
CA ARG C 524 19.22 -15.34 -11.89
C ARG C 524 18.80 -14.60 -10.62
N SER C 525 19.66 -13.72 -10.11
CA SER C 525 19.29 -12.90 -8.96
C SER C 525 18.16 -11.94 -9.33
N LEU C 526 18.28 -11.27 -10.48
CA LEU C 526 17.24 -10.36 -10.95
C LEU C 526 15.91 -11.09 -11.10
N HIS C 527 15.89 -12.13 -11.92
CA HIS C 527 14.65 -12.83 -12.19
C HIS C 527 14.27 -13.77 -11.05
N ASP D 2 7.67 -36.93 12.92
CA ASP D 2 6.84 -36.08 12.07
C ASP D 2 6.26 -36.87 10.91
N ASN D 3 4.97 -37.19 10.98
CA ASN D 3 4.31 -37.99 9.95
C ASN D 3 3.37 -37.20 9.06
N ARG D 4 3.29 -35.88 9.22
CA ARG D 4 2.34 -35.15 8.39
C ARG D 4 2.85 -35.03 6.96
N ILE D 5 1.92 -34.72 6.05
CA ILE D 5 2.29 -34.50 4.65
C ILE D 5 3.22 -33.30 4.57
N ASN D 6 4.30 -33.45 3.79
CA ASN D 6 5.26 -32.38 3.57
C ASN D 6 5.16 -31.76 2.20
N ARG D 7 4.86 -32.56 1.18
CA ARG D 7 4.85 -32.09 -0.20
C ARG D 7 3.64 -32.66 -0.93
N ILE D 8 2.96 -31.80 -1.68
CA ILE D 8 1.84 -32.17 -2.52
C ILE D 8 2.19 -31.81 -3.96
N VAL D 9 1.94 -32.74 -4.87
CA VAL D 9 2.16 -32.51 -6.30
C VAL D 9 0.82 -32.63 -7.01
N ILE D 10 0.50 -31.63 -7.83
CA ILE D 10 -0.75 -31.59 -8.58
C ILE D 10 -0.41 -31.71 -10.07
N LEU D 11 -0.98 -32.71 -10.73
CA LEU D 11 -0.82 -32.87 -12.16
C LEU D 11 -2.04 -32.29 -12.87
N GLY D 12 -1.82 -31.23 -13.65
CA GLY D 12 -2.95 -30.69 -14.39
C GLY D 12 -3.28 -29.29 -13.94
N GLY D 13 -3.51 -28.41 -14.92
CA GLY D 13 -3.93 -27.06 -14.63
C GLY D 13 -5.44 -26.92 -14.74
N GLY D 14 -5.88 -25.97 -15.55
CA GLY D 14 -7.30 -25.77 -15.74
C GLY D 14 -7.98 -25.38 -14.43
N THR D 15 -9.30 -25.57 -14.42
CA THR D 15 -10.09 -25.18 -13.27
C THR D 15 -9.76 -26.04 -12.05
N ALA D 16 -9.82 -27.36 -12.21
CA ALA D 16 -9.60 -28.26 -11.08
C ALA D 16 -8.23 -28.05 -10.44
N GLY D 17 -7.19 -27.94 -11.26
CA GLY D 17 -5.83 -27.87 -10.73
C GLY D 17 -5.60 -26.63 -9.89
N TRP D 18 -5.98 -25.46 -10.42
CA TRP D 18 -5.71 -24.22 -9.70
C TRP D 18 -6.73 -23.92 -8.61
N MET D 19 -7.95 -24.44 -8.71
CA MET D 19 -8.83 -24.43 -7.54
C MET D 19 -8.24 -25.27 -6.43
N THR D 20 -7.76 -26.48 -6.76
CA THR D 20 -7.17 -27.35 -5.75
C THR D 20 -5.92 -26.72 -5.16
N ALA D 21 -5.03 -26.21 -6.02
CA ALA D 21 -3.79 -25.61 -5.56
C ALA D 21 -4.07 -24.45 -4.60
N SER D 22 -4.98 -23.56 -4.98
CA SER D 22 -5.22 -22.38 -4.15
C SER D 22 -5.85 -22.77 -2.81
N TYR D 23 -6.90 -23.60 -2.84
CA TYR D 23 -7.57 -24.00 -1.60
C TYR D 23 -6.62 -24.72 -0.66
N LEU D 24 -5.88 -25.69 -1.19
CA LEU D 24 -4.97 -26.47 -0.35
C LEU D 24 -3.88 -25.59 0.26
N ALA D 25 -3.36 -24.62 -0.51
CA ALA D 25 -2.29 -23.78 -0.01
C ALA D 25 -2.79 -22.83 1.07
N LYS D 26 -4.02 -22.34 0.95
CA LYS D 26 -4.59 -21.53 2.02
C LYS D 26 -4.93 -22.39 3.24
N ALA D 27 -5.31 -23.65 3.01
CA ALA D 27 -5.66 -24.53 4.12
C ALA D 27 -4.42 -24.92 4.92
N LEU D 28 -3.33 -25.25 4.23
CA LEU D 28 -2.14 -25.80 4.88
C LEU D 28 -1.06 -24.77 5.16
N GLY D 29 -1.07 -23.65 4.44
CA GLY D 29 -0.04 -22.64 4.67
C GLY D 29 1.32 -23.16 4.27
N ASP D 30 2.35 -22.76 5.03
CA ASP D 30 3.71 -23.16 4.75
C ASP D 30 4.09 -24.49 5.39
N THR D 31 3.12 -25.22 5.95
CA THR D 31 3.41 -26.57 6.45
C THR D 31 3.63 -27.55 5.32
N VAL D 32 3.23 -27.21 4.11
CA VAL D 32 3.30 -28.10 2.96
C VAL D 32 3.72 -27.29 1.74
N THR D 33 4.63 -27.83 0.93
CA THR D 33 4.96 -27.21 -0.35
C THR D 33 4.09 -27.85 -1.44
N ILE D 34 3.57 -27.01 -2.33
CA ILE D 34 2.62 -27.43 -3.36
C ILE D 34 3.21 -27.12 -4.72
N THR D 35 3.26 -28.13 -5.59
CA THR D 35 3.79 -28.02 -6.94
C THR D 35 2.74 -28.45 -7.94
N LEU D 36 2.51 -27.63 -8.97
CA LEU D 36 1.56 -27.95 -10.03
C LEU D 36 2.32 -28.08 -11.34
N LEU D 37 2.19 -29.23 -11.98
CA LEU D 37 2.76 -29.49 -13.29
C LEU D 37 1.69 -29.28 -14.37
N GLU D 38 2.02 -28.46 -15.37
CA GLU D 38 1.04 -28.02 -16.35
C GLU D 38 1.70 -27.86 -17.70
N ALA D 39 1.09 -28.44 -18.74
CA ALA D 39 1.57 -28.28 -20.10
C ALA D 39 1.04 -26.99 -20.70
N PRO D 40 1.80 -26.34 -21.60
CA PRO D 40 1.37 -25.05 -22.15
C PRO D 40 0.15 -25.17 -23.06
N GLY D 46 -13.80 -19.54 -25.73
CA GLY D 46 -14.12 -19.59 -24.32
C GLY D 46 -15.60 -19.80 -24.05
N VAL D 47 -16.06 -21.05 -24.19
CA VAL D 47 -17.44 -21.37 -23.87
C VAL D 47 -17.63 -21.28 -22.36
N GLY D 48 -18.76 -20.70 -21.95
CA GLY D 48 -18.97 -20.36 -20.56
C GLY D 48 -19.26 -21.55 -19.66
N GLU D 49 -19.47 -21.25 -18.39
CA GLU D 49 -19.75 -22.28 -17.40
C GLU D 49 -20.64 -21.70 -16.31
N ALA D 50 -21.68 -22.43 -15.93
CA ALA D 50 -22.56 -22.04 -14.84
C ALA D 50 -22.16 -22.76 -13.56
N THR D 51 -22.62 -22.21 -12.44
CA THR D 51 -22.30 -22.78 -11.13
C THR D 51 -23.55 -22.90 -10.27
N VAL D 52 -23.37 -23.27 -9.00
CA VAL D 52 -24.46 -23.31 -8.02
C VAL D 52 -24.11 -22.35 -6.88
N PRO D 53 -25.07 -21.96 -6.05
CA PRO D 53 -24.85 -20.86 -5.09
C PRO D 53 -23.71 -21.05 -4.10
N ASN D 54 -23.31 -22.27 -3.75
CA ASN D 54 -22.38 -22.40 -2.63
C ASN D 54 -20.94 -22.09 -3.01
N LEU D 55 -20.67 -21.78 -4.29
CA LEU D 55 -19.29 -21.57 -4.73
C LEU D 55 -18.59 -20.47 -3.94
N GLN D 56 -19.30 -19.37 -3.66
CA GLN D 56 -18.68 -18.29 -2.91
C GLN D 56 -18.36 -18.71 -1.48
N ARG D 57 -19.33 -19.35 -0.82
CA ARG D 57 -19.18 -19.63 0.61
C ARG D 57 -18.11 -20.69 0.87
N VAL D 58 -18.02 -21.70 0.03
CA VAL D 58 -17.03 -22.77 0.26
C VAL D 58 -15.67 -22.46 -0.39
N PHE D 59 -15.64 -21.83 -1.56
CA PHE D 59 -14.35 -21.61 -2.22
C PHE D 59 -13.83 -20.20 -2.01
N PHE D 60 -14.43 -19.23 -2.71
CA PHE D 60 -13.87 -17.88 -2.73
C PHE D 60 -13.80 -17.26 -1.34
N ASP D 61 -14.79 -17.54 -0.49
CA ASP D 61 -14.75 -17.03 0.88
C ASP D 61 -13.56 -17.63 1.64
N PHE D 62 -13.25 -18.90 1.38
CA PHE D 62 -12.10 -19.52 2.04
C PHE D 62 -10.81 -18.84 1.64
N LEU D 63 -10.70 -18.42 0.38
CA LEU D 63 -9.53 -17.68 -0.09
C LEU D 63 -9.56 -16.21 0.29
N GLY D 64 -10.68 -15.72 0.83
CA GLY D 64 -10.79 -14.32 1.20
C GLY D 64 -11.10 -13.38 0.07
N LEU D 65 -11.67 -13.87 -1.03
CA LEU D 65 -11.91 -13.08 -2.23
C LEU D 65 -13.39 -12.79 -2.36
N ARG D 66 -13.76 -11.51 -2.23
CA ARG D 66 -15.14 -11.12 -2.48
C ARG D 66 -15.45 -11.15 -3.97
N GLU D 67 -16.75 -11.22 -4.29
CA GLU D 67 -17.16 -11.23 -5.69
C GLU D 67 -16.67 -9.98 -6.41
N GLU D 68 -16.74 -8.83 -5.74
CA GLU D 68 -16.22 -7.60 -6.30
C GLU D 68 -14.75 -7.72 -6.70
N GLU D 69 -14.02 -8.67 -6.12
CA GLU D 69 -12.62 -8.88 -6.45
C GLU D 69 -12.45 -9.83 -7.63
N TRP D 70 -13.11 -10.99 -7.60
CA TRP D 70 -12.84 -12.01 -8.61
C TRP D 70 -13.78 -11.96 -9.81
N MET D 71 -15.01 -11.47 -9.65
CA MET D 71 -15.93 -11.43 -10.78
C MET D 71 -15.44 -10.56 -11.94
N PRO D 72 -14.87 -9.38 -11.74
CA PRO D 72 -14.39 -8.61 -12.91
C PRO D 72 -13.26 -9.29 -13.66
N GLU D 73 -12.48 -10.14 -13.00
CA GLU D 73 -11.34 -10.77 -13.65
C GLU D 73 -11.73 -11.93 -14.57
N CYS D 74 -12.99 -12.36 -14.55
CA CYS D 74 -13.42 -13.49 -15.36
CA CYS D 74 -13.43 -13.50 -15.34
C CYS D 74 -14.73 -13.21 -16.09
N ASN D 75 -15.08 -11.93 -16.27
CA ASN D 75 -16.30 -11.53 -16.96
C ASN D 75 -17.51 -12.31 -16.45
N ALA D 76 -17.59 -12.46 -15.13
CA ALA D 76 -18.61 -13.31 -14.55
C ALA D 76 -19.93 -12.56 -14.43
N ALA D 77 -21.03 -13.28 -14.67
CA ALA D 77 -22.37 -12.75 -14.57
C ALA D 77 -23.15 -13.51 -13.48
N PHE D 78 -24.46 -13.30 -13.46
CA PHE D 78 -25.31 -13.80 -12.40
C PHE D 78 -26.28 -14.84 -12.95
N LYS D 79 -26.48 -15.91 -12.19
CA LYS D 79 -27.37 -17.01 -12.56
C LYS D 79 -28.42 -17.17 -11.46
N THR D 80 -29.67 -16.86 -11.79
CA THR D 80 -30.76 -17.02 -10.84
C THR D 80 -31.39 -18.40 -10.91
N ALA D 81 -31.30 -19.08 -12.04
CA ALA D 81 -31.97 -20.37 -12.23
C ALA D 81 -31.44 -21.03 -13.50
N VAL D 82 -31.99 -22.21 -13.79
CA VAL D 82 -31.86 -22.86 -15.09
C VAL D 82 -33.24 -22.87 -15.73
N LYS D 83 -33.31 -22.40 -16.97
CA LYS D 83 -34.56 -22.35 -17.71
C LYS D 83 -34.58 -23.46 -18.75
N PHE D 84 -35.51 -24.41 -18.59
CA PHE D 84 -35.64 -25.52 -19.53
C PHE D 84 -36.68 -25.17 -20.59
N ILE D 85 -36.30 -25.28 -21.86
CA ILE D 85 -37.12 -24.85 -22.97
C ILE D 85 -37.39 -26.04 -23.88
N ASN D 86 -38.65 -26.24 -24.23
CA ASN D 86 -39.08 -27.21 -25.25
C ASN D 86 -38.90 -28.65 -24.79
N TRP D 87 -38.96 -28.90 -23.48
CA TRP D 87 -38.82 -30.27 -22.99
C TRP D 87 -40.13 -31.05 -23.00
N ARG D 88 -41.25 -30.41 -23.37
CA ARG D 88 -42.54 -31.07 -23.39
C ARG D 88 -43.15 -31.18 -24.78
N THR D 89 -42.70 -30.36 -25.74
CA THR D 89 -43.30 -30.32 -27.06
C THR D 89 -42.37 -30.92 -28.11
N PRO D 90 -42.92 -31.65 -29.09
CA PRO D 90 -42.11 -32.12 -30.21
C PRO D 90 -41.65 -30.97 -31.10
N GLY D 91 -40.65 -31.26 -31.92
CA GLY D 91 -40.09 -30.29 -32.83
C GLY D 91 -38.59 -30.38 -32.92
N PRO D 92 -37.98 -29.57 -33.77
CA PRO D 92 -36.52 -29.53 -33.87
C PRO D 92 -35.92 -28.62 -32.81
N GLY D 93 -34.60 -28.51 -32.83
CA GLY D 93 -33.91 -27.65 -31.89
C GLY D 93 -34.00 -26.18 -32.25
N GLU D 94 -34.71 -25.41 -31.44
CA GLU D 94 -34.89 -23.98 -31.69
C GLU D 94 -34.79 -23.22 -30.37
N ALA D 95 -34.24 -22.01 -30.45
CA ALA D 95 -33.98 -21.24 -29.24
C ALA D 95 -35.24 -20.71 -28.58
N LYS D 96 -36.33 -20.56 -29.33
CA LYS D 96 -37.56 -19.97 -28.81
C LYS D 96 -38.48 -21.05 -28.24
N ALA D 97 -39.22 -20.67 -27.20
CA ALA D 97 -40.17 -21.58 -26.58
C ALA D 97 -41.39 -21.79 -27.47
N ARG D 98 -41.78 -23.05 -27.63
CA ARG D 98 -42.98 -23.41 -28.38
C ARG D 98 -44.20 -23.21 -27.48
N THR D 99 -45.34 -23.77 -27.90
CA THR D 99 -46.61 -23.46 -27.29
C THR D 99 -47.33 -24.71 -26.84
N ILE D 100 -47.91 -24.69 -25.63
CA ILE D 100 -48.70 -25.81 -25.10
C ILE D 100 -50.16 -25.40 -25.03
N ASP D 101 -50.59 -24.89 -23.87
CA ASP D 101 -51.97 -24.43 -23.66
C ASP D 101 -51.98 -22.92 -23.46
N GLY D 102 -51.72 -22.19 -24.55
CA GLY D 102 -51.66 -20.74 -24.46
C GLY D 102 -50.52 -20.23 -23.61
N ARG D 103 -49.45 -21.01 -23.47
CA ARG D 103 -48.32 -20.67 -22.63
C ARG D 103 -47.06 -21.28 -23.21
N PRO D 104 -45.93 -20.59 -23.11
CA PRO D 104 -44.68 -21.14 -23.63
C PRO D 104 -44.29 -22.44 -22.92
N ASP D 105 -43.59 -23.30 -23.66
CA ASP D 105 -43.08 -24.55 -23.11
C ASP D 105 -41.75 -24.24 -22.42
N HIS D 106 -41.84 -23.64 -21.24
CA HIS D 106 -40.65 -23.41 -20.43
C HIS D 106 -41.02 -23.49 -18.96
N PHE D 107 -40.01 -23.77 -18.15
CA PHE D 107 -40.15 -23.72 -16.71
C PHE D 107 -38.80 -23.42 -16.11
N TYR D 108 -38.81 -22.91 -14.88
CA TYR D 108 -37.61 -22.51 -14.19
C TYR D 108 -37.27 -23.46 -13.06
N HIS D 109 -35.97 -23.67 -12.84
CA HIS D 109 -35.44 -24.36 -11.68
C HIS D 109 -34.58 -23.36 -10.93
N PRO D 110 -35.17 -22.58 -10.02
CA PRO D 110 -34.40 -21.58 -9.27
C PRO D 110 -33.75 -22.12 -8.01
N PHE D 111 -33.12 -21.23 -7.25
CA PHE D 111 -32.31 -21.62 -6.10
C PHE D 111 -32.98 -21.37 -4.76
N GLY D 112 -34.12 -20.69 -4.73
CA GLY D 112 -34.75 -20.39 -3.46
C GLY D 112 -35.31 -21.64 -2.79
N LEU D 113 -35.24 -21.66 -1.47
CA LEU D 113 -35.95 -22.69 -0.70
C LEU D 113 -37.41 -22.31 -0.58
N LEU D 114 -38.27 -23.31 -0.64
CA LEU D 114 -39.69 -23.05 -0.62
C LEU D 114 -40.14 -22.66 0.79
N PRO D 115 -40.95 -21.61 0.91
CA PRO D 115 -41.61 -21.34 2.19
C PRO D 115 -42.50 -22.49 2.60
N GLU D 116 -42.77 -22.58 3.90
CA GLU D 116 -43.58 -23.64 4.47
C GLU D 116 -44.62 -23.06 5.40
N HIS D 117 -45.76 -23.73 5.49
CA HIS D 117 -46.78 -23.42 6.48
C HIS D 117 -47.29 -24.73 7.05
N GLY D 118 -47.48 -24.75 8.37
CA GLY D 118 -47.74 -26.01 9.05
C GLY D 118 -46.64 -27.02 8.82
N GLN D 119 -45.41 -26.56 8.58
CA GLN D 119 -44.28 -27.42 8.23
C GLN D 119 -44.60 -28.24 6.97
N VAL D 120 -45.25 -27.60 6.00
CA VAL D 120 -45.58 -28.23 4.72
C VAL D 120 -45.08 -27.31 3.61
N PRO D 121 -44.26 -27.79 2.67
CA PRO D 121 -43.72 -26.90 1.65
C PRO D 121 -44.83 -26.35 0.76
N LEU D 122 -44.60 -25.14 0.25
CA LEU D 122 -45.59 -24.49 -0.60
C LEU D 122 -45.92 -25.35 -1.81
N SER D 123 -44.95 -26.14 -2.29
CA SER D 123 -45.20 -27.05 -3.41
C SER D 123 -46.41 -27.93 -3.18
N HIS D 124 -46.67 -28.33 -1.94
CA HIS D 124 -47.77 -29.24 -1.65
C HIS D 124 -49.12 -28.53 -1.58
N TYR D 125 -49.14 -27.24 -1.27
CA TYR D 125 -50.39 -26.50 -1.39
C TYR D 125 -50.69 -26.16 -2.84
N TRP D 126 -49.65 -26.03 -3.67
CA TRP D 126 -49.85 -25.89 -5.10
C TRP D 126 -50.46 -27.15 -5.69
N ALA D 127 -49.88 -28.31 -5.36
CA ALA D 127 -50.41 -29.57 -5.86
C ALA D 127 -51.85 -29.80 -5.37
N TYR D 128 -52.14 -29.37 -4.15
CA TYR D 128 -53.51 -29.45 -3.63
C TYR D 128 -54.47 -28.65 -4.51
N ASN D 129 -54.08 -27.42 -4.87
CA ASN D 129 -54.95 -26.58 -5.67
C ASN D 129 -55.09 -27.14 -7.09
N ARG D 130 -53.99 -27.62 -7.68
CA ARG D 130 -54.09 -28.25 -8.99
C ARG D 130 -55.01 -29.46 -8.95
N ALA D 131 -54.97 -30.23 -7.86
CA ALA D 131 -55.78 -31.43 -7.77
C ALA D 131 -57.26 -31.09 -7.62
N ALA D 132 -57.59 -30.11 -6.79
CA ALA D 132 -58.97 -29.67 -6.62
C ALA D 132 -59.46 -28.85 -7.80
N GLY D 133 -58.61 -28.57 -8.78
CA GLY D 133 -59.03 -27.84 -9.96
C GLY D 133 -59.36 -26.38 -9.74
N THR D 134 -58.86 -25.79 -8.66
CA THR D 134 -59.13 -24.38 -8.39
C THR D 134 -58.11 -23.45 -9.02
N THR D 135 -56.98 -23.99 -9.49
CA THR D 135 -56.00 -23.21 -10.25
C THR D 135 -55.44 -24.09 -11.36
N ASP D 136 -54.89 -23.44 -12.39
CA ASP D 136 -54.08 -24.13 -13.39
C ASP D 136 -52.74 -23.43 -13.61
N GLU D 137 -52.33 -22.59 -12.66
CA GLU D 137 -51.06 -21.91 -12.74
C GLU D 137 -49.92 -22.91 -12.59
N PRO D 138 -48.88 -22.82 -13.43
CA PRO D 138 -47.74 -23.73 -13.29
C PRO D 138 -46.99 -23.49 -11.98
N PHE D 139 -46.28 -24.54 -11.56
CA PHE D 139 -45.71 -24.55 -10.21
C PHE D 139 -44.70 -23.42 -10.00
N ASP D 140 -43.84 -23.18 -10.98
CA ASP D 140 -42.76 -22.20 -10.76
C ASP D 140 -43.31 -20.79 -10.62
N TYR D 141 -44.30 -20.43 -11.44
CA TYR D 141 -44.88 -19.09 -11.32
C TYR D 141 -45.75 -18.94 -10.08
N ALA D 142 -46.26 -20.05 -9.54
CA ALA D 142 -47.01 -19.97 -8.30
C ALA D 142 -46.10 -19.83 -7.09
N CYS D 143 -45.00 -20.57 -7.05
CA CYS D 143 -44.22 -20.72 -5.83
C CYS D 143 -42.94 -19.91 -5.78
N PHE D 144 -42.43 -19.43 -6.91
CA PHE D 144 -41.15 -18.73 -6.94
C PHE D 144 -41.35 -17.31 -7.46
N ALA D 145 -41.20 -16.32 -6.57
CA ALA D 145 -41.21 -14.92 -6.97
C ALA D 145 -40.04 -14.57 -7.90
N GLU D 146 -39.10 -15.50 -8.09
CA GLU D 146 -37.98 -15.23 -8.97
C GLU D 146 -38.37 -15.33 -10.44
N THR D 147 -39.42 -16.08 -10.76
CA THR D 147 -39.81 -16.29 -12.15
C THR D 147 -40.19 -14.97 -12.82
N ALA D 148 -40.76 -14.03 -12.06
CA ALA D 148 -41.10 -12.73 -12.64
C ALA D 148 -39.85 -11.90 -12.88
N ALA D 149 -38.95 -11.84 -11.90
CA ALA D 149 -37.72 -11.08 -12.07
C ALA D 149 -36.90 -11.58 -13.25
N MET D 150 -36.91 -12.88 -13.51
CA MET D 150 -36.15 -13.40 -14.64
C MET D 150 -36.81 -13.05 -15.96
N ASP D 151 -38.13 -13.15 -16.05
CA ASP D 151 -38.81 -12.73 -17.27
C ASP D 151 -38.66 -11.23 -17.53
N ALA D 152 -38.25 -10.47 -16.52
CA ALA D 152 -37.91 -9.07 -16.69
C ALA D 152 -36.41 -8.83 -16.72
N VAL D 153 -35.62 -9.90 -16.99
CA VAL D 153 -34.16 -9.93 -16.99
C VAL D 153 -33.56 -8.98 -15.95
N ARG D 154 -34.05 -9.06 -14.72
CA ARG D 154 -33.57 -8.17 -13.67
C ARG D 154 -32.28 -8.72 -13.06
N ALA D 155 -31.71 -7.94 -12.13
CA ALA D 155 -30.51 -8.34 -11.40
C ALA D 155 -30.89 -9.02 -10.10
N PRO D 156 -30.09 -10.00 -9.64
CA PRO D 156 -30.39 -10.65 -8.35
C PRO D 156 -30.15 -9.74 -7.15
N LYS D 157 -29.58 -8.57 -7.34
CA LYS D 157 -29.35 -7.61 -6.26
C LYS D 157 -29.78 -6.23 -6.72
N TRP D 158 -30.11 -5.38 -5.75
CA TRP D 158 -30.31 -3.97 -6.05
C TRP D 158 -28.97 -3.28 -6.22
N LEU D 159 -29.01 -2.07 -6.80
CA LEU D 159 -27.77 -1.36 -7.09
C LEU D 159 -26.96 -1.04 -5.84
N ASP D 160 -27.59 -0.99 -4.67
CA ASP D 160 -26.88 -0.68 -3.44
C ASP D 160 -26.22 -1.90 -2.80
N GLY D 161 -26.52 -3.11 -3.27
CA GLY D 161 -25.86 -4.30 -2.81
C GLY D 161 -26.75 -5.28 -2.06
N ARG D 162 -27.89 -4.83 -1.59
CA ARG D 162 -28.81 -5.68 -0.85
C ARG D 162 -29.23 -6.87 -1.70
N PRO D 163 -28.93 -8.10 -1.29
CA PRO D 163 -29.41 -9.26 -2.06
C PRO D 163 -30.93 -9.33 -2.03
N ALA D 164 -31.51 -9.66 -3.17
CA ALA D 164 -32.95 -9.86 -3.28
C ALA D 164 -33.34 -11.31 -3.53
N THR D 165 -32.52 -12.04 -4.29
CA THR D 165 -32.79 -13.45 -4.58
C THR D 165 -31.51 -14.24 -4.45
N ARG D 166 -31.65 -15.55 -4.53
CA ARG D 166 -30.53 -16.47 -4.47
C ARG D 166 -29.95 -16.69 -5.86
N TYR D 167 -28.63 -16.64 -5.97
CA TYR D 167 -28.01 -16.68 -7.29
C TYR D 167 -26.70 -17.46 -7.26
N ALA D 168 -26.36 -17.99 -8.43
CA ALA D 168 -25.04 -18.54 -8.73
C ALA D 168 -24.37 -17.61 -9.76
N TRP D 169 -23.37 -18.14 -10.47
CA TRP D 169 -22.57 -17.31 -11.37
C TRP D 169 -22.39 -18.00 -12.71
N HIS D 170 -22.27 -17.17 -13.75
CA HIS D 170 -21.82 -17.58 -15.07
C HIS D 170 -20.43 -16.99 -15.30
N PHE D 171 -19.55 -17.78 -15.88
CA PHE D 171 -18.26 -17.29 -16.34
C PHE D 171 -17.66 -18.31 -17.30
N ASP D 172 -16.61 -17.88 -17.99
CA ASP D 172 -15.76 -18.80 -18.73
C ASP D 172 -14.64 -19.27 -17.83
N ALA D 173 -14.31 -20.56 -17.92
CA ALA D 173 -13.50 -21.22 -16.90
C ALA D 173 -12.01 -20.92 -17.05
N HIS D 174 -11.53 -20.67 -18.25
CA HIS D 174 -10.10 -20.42 -18.44
C HIS D 174 -9.65 -19.18 -17.67
N LEU D 175 -10.39 -18.08 -17.80
CA LEU D 175 -10.07 -16.85 -17.06
C LEU D 175 -10.15 -17.08 -15.56
N VAL D 176 -11.05 -17.94 -15.10
CA VAL D 176 -11.08 -18.30 -13.69
C VAL D 176 -9.79 -18.99 -13.29
N ALA D 177 -9.35 -19.97 -14.10
CA ALA D 177 -8.12 -20.68 -13.81
C ALA D 177 -6.92 -19.72 -13.84
N GLU D 178 -6.91 -18.77 -14.78
CA GLU D 178 -5.77 -17.86 -14.86
C GLU D 178 -5.72 -16.94 -13.64
N PHE D 179 -6.88 -16.46 -13.20
CA PHE D 179 -6.93 -15.64 -11.99
C PHE D 179 -6.44 -16.42 -10.78
N LEU D 180 -6.77 -17.71 -10.72
CA LEU D 180 -6.38 -18.53 -9.57
C LEU D 180 -4.91 -18.91 -9.61
N ARG D 181 -4.37 -19.13 -10.81
CA ARG D 181 -2.95 -19.39 -10.93
C ARG D 181 -2.13 -18.19 -10.47
N ARG D 182 -2.56 -16.99 -10.83
CA ARG D 182 -1.89 -15.78 -10.36
C ARG D 182 -2.05 -15.62 -8.84
N HIS D 183 -3.25 -15.90 -8.32
CA HIS D 183 -3.44 -15.79 -6.88
C HIS D 183 -2.60 -16.81 -6.12
N ALA D 184 -2.53 -18.04 -6.63
CA ALA D 184 -1.82 -19.10 -5.91
C ALA D 184 -0.30 -18.92 -5.98
N THR D 185 0.22 -18.64 -7.17
CA THR D 185 1.68 -18.52 -7.32
C THR D 185 2.20 -17.24 -6.67
N GLU D 186 1.50 -16.14 -6.88
CA GLU D 186 2.00 -14.83 -6.45
C GLU D 186 1.59 -14.45 -5.04
N ARG D 187 0.69 -15.20 -4.41
CA ARG D 187 0.25 -14.88 -3.06
C ARG D 187 0.12 -16.08 -2.13
N LEU D 188 0.17 -17.32 -2.63
CA LEU D 188 0.05 -18.50 -1.79
C LEU D 188 1.26 -19.42 -1.90
N ASN D 189 2.31 -18.99 -2.61
CA ASN D 189 3.60 -19.67 -2.68
C ASN D 189 3.52 -21.05 -3.34
N VAL D 190 2.58 -21.24 -4.27
CA VAL D 190 2.54 -22.46 -5.06
C VAL D 190 3.52 -22.33 -6.22
N GLU D 191 4.29 -23.39 -6.46
CA GLU D 191 5.22 -23.41 -7.58
C GLU D 191 4.52 -23.97 -8.82
N HIS D 192 4.46 -23.16 -9.88
CA HIS D 192 3.95 -23.60 -11.17
C HIS D 192 5.12 -24.10 -11.99
N VAL D 193 5.01 -25.32 -12.49
CA VAL D 193 6.06 -25.92 -13.33
C VAL D 193 5.46 -26.20 -14.69
N GLN D 194 6.04 -25.60 -15.72
CA GLN D 194 5.62 -25.81 -17.10
C GLN D 194 6.42 -26.98 -17.68
N GLY D 195 5.72 -27.99 -18.17
CA GLY D 195 6.39 -29.12 -18.77
C GLY D 195 5.41 -30.25 -19.02
N GLU D 196 5.93 -31.28 -19.67
CA GLU D 196 5.18 -32.51 -19.94
C GLU D 196 5.63 -33.60 -18.99
N MET D 197 4.69 -34.45 -18.59
CA MET D 197 5.00 -35.56 -17.70
C MET D 197 5.55 -36.73 -18.50
N GLN D 198 6.69 -37.25 -18.08
CA GLN D 198 7.29 -38.41 -18.74
C GLN D 198 7.04 -39.71 -18.00
N GLN D 199 7.14 -39.71 -16.66
CA GLN D 199 7.05 -40.95 -15.91
C GLN D 199 6.42 -40.70 -14.55
N VAL D 200 5.58 -41.63 -14.13
CA VAL D 200 5.09 -41.70 -12.77
C VAL D 200 5.96 -42.71 -12.02
N LEU D 201 6.70 -42.24 -11.04
CA LEU D 201 7.56 -43.12 -10.26
C LEU D 201 6.79 -43.62 -9.04
N ARG D 202 6.87 -44.92 -8.78
CA ARG D 202 6.14 -45.55 -7.69
C ARG D 202 7.05 -46.46 -6.89
N ASP D 203 6.92 -46.43 -5.58
CA ASP D 203 7.72 -47.28 -4.72
C ASP D 203 7.21 -48.72 -4.80
N GLU D 204 7.83 -49.61 -4.02
CA GLU D 204 7.45 -51.02 -4.07
C GLU D 204 6.05 -51.26 -3.50
N ARG D 205 5.49 -50.31 -2.74
CA ARG D 205 4.10 -50.44 -2.31
C ARG D 205 3.11 -50.04 -3.39
N GLY D 206 3.57 -49.45 -4.49
CA GLY D 206 2.68 -48.88 -5.47
C GLY D 206 2.31 -47.43 -5.24
N PHE D 207 2.74 -46.85 -4.12
CA PHE D 207 2.52 -45.43 -3.86
C PHE D 207 3.39 -44.58 -4.76
N ILE D 208 2.84 -43.47 -5.25
CA ILE D 208 3.61 -42.56 -6.08
C ILE D 208 4.63 -41.82 -5.23
N THR D 209 5.85 -41.66 -5.77
CA THR D 209 6.91 -40.92 -5.10
C THR D 209 7.30 -39.63 -5.80
N ALA D 210 7.21 -39.60 -7.12
CA ALA D 210 7.51 -38.38 -7.85
C ALA D 210 6.95 -38.49 -9.26
N LEU D 211 6.66 -37.33 -9.84
CA LEU D 211 6.46 -37.22 -11.28
C LEU D 211 7.77 -36.77 -11.91
N ARG D 212 8.18 -37.44 -12.98
CA ARG D 212 9.38 -37.07 -13.72
C ARG D 212 8.95 -36.36 -15.01
N THR D 213 9.39 -35.12 -15.18
CA THR D 213 9.06 -34.38 -16.38
C THR D 213 9.97 -34.78 -17.53
N VAL D 214 9.54 -34.45 -18.74
CA VAL D 214 10.37 -34.72 -19.92
C VAL D 214 11.67 -33.92 -19.84
N GLU D 215 11.65 -32.73 -19.26
CA GLU D 215 12.92 -31.99 -19.16
C GLU D 215 13.83 -32.52 -18.09
N GLY D 216 13.53 -33.68 -17.51
CA GLY D 216 14.44 -34.33 -16.61
C GLY D 216 14.56 -33.68 -15.25
N ARG D 217 13.44 -33.59 -14.52
CA ARG D 217 13.46 -33.20 -13.13
C ARG D 217 12.35 -33.95 -12.40
N ASP D 218 12.64 -34.42 -11.20
CA ASP D 218 11.69 -35.16 -10.40
C ASP D 218 10.95 -34.21 -9.47
N LEU D 219 9.62 -34.30 -9.47
CA LEU D 219 8.77 -33.52 -8.57
C LEU D 219 8.39 -34.43 -7.41
N GLU D 220 9.12 -34.31 -6.31
CA GLU D 220 8.93 -35.15 -5.15
C GLU D 220 7.68 -34.77 -4.37
N GLY D 221 6.99 -35.76 -3.82
CA GLY D 221 5.77 -35.49 -3.08
C GLY D 221 5.28 -36.68 -2.29
N ASP D 222 4.48 -36.38 -1.28
CA ASP D 222 3.81 -37.38 -0.45
C ASP D 222 2.38 -37.64 -0.87
N LEU D 223 1.70 -36.64 -1.43
CA LEU D 223 0.32 -36.74 -1.88
C LEU D 223 0.23 -36.17 -3.29
N PHE D 224 -0.46 -36.88 -4.17
CA PHE D 224 -0.55 -36.49 -5.57
C PHE D 224 -2.02 -36.29 -5.94
N ILE D 225 -2.31 -35.14 -6.54
CA ILE D 225 -3.66 -34.78 -6.98
C ILE D 225 -3.70 -34.90 -8.49
N ASP D 226 -4.63 -35.71 -9.00
CA ASP D 226 -4.77 -35.91 -10.44
C ASP D 226 -5.84 -34.97 -10.95
N CYS D 227 -5.42 -33.87 -11.58
CA CYS D 227 -6.29 -32.96 -12.29
C CYS D 227 -5.98 -32.94 -13.79
N SER D 228 -5.56 -34.08 -14.33
CA SER D 228 -5.09 -34.18 -15.70
C SER D 228 -6.22 -34.27 -16.71
N GLY D 229 -7.48 -34.11 -16.31
CA GLY D 229 -8.57 -34.19 -17.24
C GLY D 229 -9.01 -35.63 -17.48
N PHE D 230 -9.75 -35.82 -18.58
CA PHE D 230 -10.44 -37.09 -18.82
C PHE D 230 -9.48 -38.26 -18.96
N ARG D 231 -8.19 -38.01 -19.24
CA ARG D 231 -7.27 -39.12 -19.45
C ARG D 231 -6.89 -39.79 -18.14
N GLY D 232 -7.00 -39.09 -17.01
CA GLY D 232 -6.68 -39.64 -15.71
C GLY D 232 -5.30 -40.27 -15.65
N LEU D 233 -4.28 -39.47 -15.98
CA LEU D 233 -2.93 -40.02 -16.15
C LEU D 233 -2.43 -40.71 -14.89
N LEU D 234 -2.76 -40.18 -13.72
CA LEU D 234 -2.35 -40.82 -12.47
C LEU D 234 -3.36 -41.88 -12.01
N ILE D 235 -4.60 -41.47 -11.77
CA ILE D 235 -5.57 -42.36 -11.12
C ILE D 235 -5.91 -43.54 -12.03
N ASN D 236 -6.11 -43.29 -13.32
CA ASN D 236 -6.56 -44.35 -14.23
C ASN D 236 -5.40 -45.09 -14.88
N LYS D 237 -4.35 -44.39 -15.30
CA LYS D 237 -3.29 -45.04 -16.05
C LYS D 237 -2.14 -45.53 -15.17
N ALA D 238 -1.63 -44.65 -14.30
CA ALA D 238 -0.54 -45.05 -13.42
C ALA D 238 -1.04 -46.01 -12.34
N MET D 239 -2.15 -45.66 -11.69
CA MET D 239 -2.67 -46.43 -10.57
C MET D 239 -3.63 -47.53 -11.00
N GLU D 240 -4.00 -47.60 -12.27
CA GLU D 240 -4.78 -48.72 -12.81
C GLU D 240 -6.18 -48.81 -12.18
N GLU D 241 -6.74 -47.69 -11.76
CA GLU D 241 -8.06 -47.75 -11.13
C GLU D 241 -9.16 -47.72 -12.21
N PRO D 242 -10.11 -48.64 -12.18
CA PRO D 242 -11.10 -48.72 -13.25
C PRO D 242 -12.05 -47.53 -13.26
N PHE D 243 -12.55 -47.23 -14.43
CA PHE D 243 -13.60 -46.24 -14.63
C PHE D 243 -14.93 -46.95 -14.85
N ILE D 244 -15.97 -46.46 -14.20
CA ILE D 244 -17.31 -47.05 -14.33
C ILE D 244 -18.09 -46.18 -15.30
N ASP D 245 -18.25 -46.68 -16.53
CA ASP D 245 -19.06 -46.00 -17.52
C ASP D 245 -20.54 -46.14 -17.15
N MET D 246 -21.23 -45.01 -17.11
CA MET D 246 -22.65 -44.97 -16.78
C MET D 246 -23.46 -44.40 -17.94
N ASN D 247 -22.96 -44.59 -19.15
CA ASN D 247 -23.67 -44.16 -20.36
C ASN D 247 -24.89 -45.01 -20.65
N ASP D 248 -25.17 -46.02 -19.82
CA ASP D 248 -26.43 -46.74 -19.87
C ASP D 248 -27.52 -46.06 -19.06
N GLN D 249 -27.17 -45.02 -18.31
CA GLN D 249 -28.15 -44.17 -17.62
C GLN D 249 -28.35 -42.83 -18.31
N LEU D 250 -27.28 -42.26 -18.86
CA LEU D 250 -27.34 -40.99 -19.59
C LEU D 250 -26.69 -41.21 -20.94
N LEU D 251 -27.47 -41.01 -22.00
CA LEU D 251 -27.02 -41.36 -23.35
C LEU D 251 -26.09 -40.33 -23.97
N CYS D 252 -26.11 -39.09 -23.50
CA CYS D 252 -25.28 -38.06 -24.11
C CYS D 252 -23.81 -38.29 -23.84
N ASN D 253 -22.99 -38.14 -24.89
CA ASN D 253 -21.57 -38.37 -24.78
C ASN D 253 -20.73 -37.46 -25.66
N ARG D 254 -21.34 -36.50 -26.37
CA ARG D 254 -20.64 -35.61 -27.29
C ARG D 254 -21.09 -34.18 -27.05
N ALA D 255 -20.33 -33.24 -27.60
CA ALA D 255 -20.69 -31.83 -27.49
C ALA D 255 -19.99 -31.03 -28.58
N VAL D 256 -20.73 -30.10 -29.18
CA VAL D 256 -20.18 -29.11 -30.09
C VAL D 256 -20.58 -27.74 -29.58
N ALA D 257 -19.59 -26.90 -29.27
CA ALA D 257 -19.83 -25.65 -28.57
C ALA D 257 -19.07 -24.51 -29.23
N THR D 258 -19.53 -23.29 -28.93
CA THR D 258 -18.86 -22.06 -29.33
C THR D 258 -19.37 -20.94 -28.44
N ALA D 259 -18.97 -19.71 -28.75
CA ALA D 259 -19.47 -18.52 -28.06
C ALA D 259 -19.91 -17.52 -29.12
N ILE D 260 -20.92 -16.72 -28.77
CA ILE D 260 -21.61 -15.85 -29.72
C ILE D 260 -21.70 -14.44 -29.12
N LYS D 261 -21.22 -13.45 -29.87
CA LYS D 261 -21.38 -12.07 -29.47
C LYS D 261 -22.85 -11.67 -29.56
N HIS D 262 -23.31 -10.86 -28.60
CA HIS D 262 -24.73 -10.63 -28.40
C HIS D 262 -25.06 -9.14 -28.34
N ASP D 263 -26.13 -8.76 -29.03
CA ASP D 263 -26.69 -7.41 -28.94
C ASP D 263 -27.36 -7.25 -27.58
N ASP D 264 -26.61 -6.71 -26.62
CA ASP D 264 -27.12 -6.60 -25.26
C ASP D 264 -28.18 -5.52 -25.10
N GLY D 268 -31.14 -7.13 -23.40
CA GLY D 268 -30.56 -7.37 -22.09
C GLY D 268 -29.79 -8.67 -22.00
N VAL D 269 -29.49 -9.09 -20.78
CA VAL D 269 -28.75 -10.33 -20.52
C VAL D 269 -29.60 -11.19 -19.61
N GLU D 270 -29.98 -12.37 -20.10
CA GLU D 270 -30.79 -13.29 -19.31
C GLU D 270 -30.05 -13.72 -18.06
N PRO D 271 -30.54 -13.41 -16.86
CA PRO D 271 -29.89 -13.81 -15.61
C PRO D 271 -30.17 -15.27 -15.25
N TYR D 272 -29.96 -16.17 -16.20
CA TYR D 272 -30.15 -17.60 -15.98
C TYR D 272 -29.47 -18.36 -17.09
N THR D 273 -29.14 -19.61 -16.79
CA THR D 273 -28.73 -20.56 -17.83
C THR D 273 -29.98 -21.14 -18.48
N SER D 274 -29.90 -21.39 -19.78
CA SER D 274 -30.97 -22.05 -20.50
C SER D 274 -30.53 -23.45 -20.90
N ALA D 275 -31.46 -24.39 -20.86
CA ALA D 275 -31.24 -25.76 -21.31
C ALA D 275 -32.32 -26.05 -22.34
N ILE D 276 -31.95 -25.99 -23.62
CA ILE D 276 -32.90 -26.07 -24.72
C ILE D 276 -32.90 -27.49 -25.25
N ALA D 277 -34.06 -28.15 -25.18
CA ALA D 277 -34.17 -29.51 -25.68
C ALA D 277 -33.96 -29.55 -27.19
N MET D 278 -33.29 -30.61 -27.64
CA MET D 278 -32.98 -30.80 -29.05
C MET D 278 -33.47 -32.17 -29.50
N ARG D 279 -33.18 -32.57 -30.73
CA ARG D 279 -33.68 -33.84 -31.24
C ARG D 279 -32.99 -35.03 -30.57
N SER D 280 -31.68 -34.94 -30.36
CA SER D 280 -30.91 -36.02 -29.76
C SER D 280 -30.07 -35.51 -28.59
N GLY D 281 -30.60 -34.54 -27.86
CA GLY D 281 -29.89 -33.99 -26.71
C GLY D 281 -30.50 -32.67 -26.32
N TRP D 282 -29.66 -31.82 -25.72
CA TRP D 282 -30.07 -30.50 -25.28
C TRP D 282 -28.92 -29.54 -25.49
N SER D 283 -29.21 -28.25 -25.42
CA SER D 283 -28.20 -27.22 -25.63
C SER D 283 -28.24 -26.23 -24.49
N TRP D 284 -27.06 -25.74 -24.09
CA TRP D 284 -26.98 -24.75 -23.04
C TRP D 284 -26.83 -23.36 -23.62
N LYS D 285 -27.24 -22.37 -22.83
CA LYS D 285 -26.99 -20.97 -23.13
C LYS D 285 -26.56 -20.30 -21.82
N ILE D 286 -25.33 -19.81 -21.80
CA ILE D 286 -24.73 -19.22 -20.61
C ILE D 286 -24.42 -17.76 -20.91
N PRO D 287 -25.31 -16.84 -20.55
CA PRO D 287 -25.14 -15.44 -20.94
C PRO D 287 -24.16 -14.72 -20.02
N MET D 288 -23.32 -13.89 -20.65
CA MET D 288 -22.40 -12.99 -19.96
C MET D 288 -22.50 -11.62 -20.60
N LEU D 289 -21.68 -10.68 -20.10
CA LEU D 289 -21.72 -9.33 -20.62
C LEU D 289 -21.12 -9.29 -22.01
N GLY D 290 -21.95 -9.02 -23.01
CA GLY D 290 -21.50 -8.87 -24.38
C GLY D 290 -21.49 -10.14 -25.21
N ARG D 291 -21.67 -11.30 -24.59
CA ARG D 291 -21.62 -12.57 -25.31
C ARG D 291 -22.26 -13.64 -24.44
N PHE D 292 -22.59 -14.77 -25.07
CA PHE D 292 -23.07 -15.93 -24.33
C PHE D 292 -22.45 -17.20 -24.89
N GLY D 293 -22.10 -18.12 -24.00
CA GLY D 293 -21.62 -19.42 -24.41
C GLY D 293 -22.77 -20.38 -24.68
N THR D 294 -22.56 -21.29 -25.63
CA THR D 294 -23.61 -22.23 -25.99
C THR D 294 -22.97 -23.49 -26.56
N GLY D 295 -23.60 -24.62 -26.27
CA GLY D 295 -23.11 -25.89 -26.76
C GLY D 295 -24.22 -26.90 -26.85
N TYR D 296 -24.14 -27.77 -27.85
CA TYR D 296 -25.11 -28.84 -28.07
C TYR D 296 -24.55 -30.11 -27.45
N VAL D 297 -25.07 -30.49 -26.28
CA VAL D 297 -24.77 -31.78 -25.68
C VAL D 297 -25.66 -32.83 -26.31
N TYR D 298 -25.06 -33.84 -26.93
CA TYR D 298 -25.83 -34.82 -27.68
C TYR D 298 -25.21 -36.20 -27.52
N SER D 299 -25.97 -37.21 -27.93
CA SER D 299 -25.57 -38.61 -27.85
C SER D 299 -25.07 -39.10 -29.20
N SER D 300 -24.01 -39.91 -29.18
CA SER D 300 -23.41 -40.36 -30.43
C SER D 300 -24.22 -41.45 -31.13
N ARG D 301 -25.13 -42.11 -30.42
CA ARG D 301 -25.96 -43.13 -31.07
C ARG D 301 -26.98 -42.52 -32.00
N PHE D 302 -27.51 -41.34 -31.66
CA PHE D 302 -28.68 -40.81 -32.32
C PHE D 302 -28.40 -39.54 -33.13
N ALA D 303 -27.18 -39.04 -33.12
CA ALA D 303 -26.81 -37.90 -33.94
C ALA D 303 -25.36 -38.04 -34.38
N GLU D 304 -25.13 -37.99 -35.69
CA GLU D 304 -23.77 -38.00 -36.18
C GLU D 304 -23.09 -36.67 -35.89
N LYS D 305 -21.76 -36.66 -36.05
CA LYS D 305 -20.98 -35.46 -35.76
C LYS D 305 -21.47 -34.26 -36.56
N ASP D 306 -21.53 -34.41 -37.88
CA ASP D 306 -21.95 -33.29 -38.72
C ASP D 306 -23.45 -33.03 -38.59
N GLU D 307 -24.26 -34.06 -38.38
CA GLU D 307 -25.68 -33.85 -38.16
C GLU D 307 -25.93 -32.98 -36.94
N ALA D 308 -25.21 -33.26 -35.85
CA ALA D 308 -25.31 -32.41 -34.67
C ALA D 308 -24.72 -31.03 -34.94
N THR D 309 -23.63 -30.98 -35.72
CA THR D 309 -23.04 -29.70 -36.08
C THR D 309 -24.04 -28.80 -36.81
N LEU D 310 -24.78 -29.38 -37.76
CA LEU D 310 -25.74 -28.60 -38.53
C LEU D 310 -26.88 -28.10 -37.65
N ASP D 311 -27.45 -28.98 -36.83
CA ASP D 311 -28.59 -28.60 -36.00
C ASP D 311 -28.20 -27.54 -34.97
N PHE D 312 -26.94 -27.53 -34.55
CA PHE D 312 -26.49 -26.49 -33.61
C PHE D 312 -26.38 -25.13 -34.28
N CYS D 313 -25.79 -25.09 -35.48
CA CYS D 313 -25.65 -23.82 -36.19
C CYS D 313 -26.99 -23.32 -36.70
N ARG D 314 -27.85 -24.24 -37.18
CA ARG D 314 -29.15 -23.83 -37.69
C ARG D 314 -30.01 -23.20 -36.60
N MET D 315 -29.83 -23.64 -35.35
CA MET D 315 -30.62 -23.09 -34.25
C MET D 315 -30.23 -21.65 -33.96
N TRP D 316 -28.93 -21.34 -34.04
CA TRP D 316 -28.44 -19.98 -33.81
C TRP D 316 -28.20 -19.21 -35.11
N GLY D 317 -28.61 -19.78 -36.25
CA GLY D 317 -28.47 -19.11 -37.53
C GLY D 317 -27.04 -18.79 -37.92
N LEU D 318 -26.18 -19.79 -37.92
CA LEU D 318 -24.75 -19.62 -38.17
C LEU D 318 -24.32 -20.52 -39.32
N ASP D 319 -23.20 -20.15 -39.94
CA ASP D 319 -22.68 -20.90 -41.07
C ASP D 319 -21.75 -21.99 -40.56
N PRO D 320 -22.04 -23.27 -40.83
CA PRO D 320 -21.22 -24.34 -40.27
C PRO D 320 -19.77 -24.29 -40.74
N GLU D 321 -19.46 -23.67 -41.87
CA GLU D 321 -18.12 -23.68 -42.42
C GLU D 321 -17.21 -22.56 -41.95
N ASN D 322 -17.79 -21.41 -41.63
CA ASN D 322 -17.01 -20.27 -41.15
C ASN D 322 -16.86 -20.26 -39.64
N THR D 323 -17.82 -20.83 -38.89
CA THR D 323 -17.90 -20.68 -37.44
C THR D 323 -16.84 -21.53 -36.73
N PRO D 324 -16.15 -20.99 -35.72
CA PRO D 324 -15.29 -21.82 -34.88
C PRO D 324 -16.13 -22.66 -33.92
N LEU D 325 -15.88 -23.97 -33.91
CA LEU D 325 -16.64 -24.90 -33.10
C LEU D 325 -15.71 -25.78 -32.30
N ASN D 326 -15.92 -25.84 -30.99
CA ASN D 326 -15.21 -26.78 -30.12
C ASN D 326 -16.01 -28.08 -30.07
N GLN D 327 -15.50 -29.11 -30.73
CA GLN D 327 -16.09 -30.43 -30.67
C GLN D 327 -15.32 -31.29 -29.68
N VAL D 328 -16.05 -32.02 -28.84
CA VAL D 328 -15.46 -32.75 -27.71
C VAL D 328 -16.32 -33.97 -27.42
N ALA D 329 -15.66 -35.08 -27.10
CA ALA D 329 -16.33 -36.29 -26.64
C ALA D 329 -16.28 -36.36 -25.12
N PHE D 330 -17.25 -37.06 -24.54
CA PHE D 330 -17.40 -37.19 -23.10
C PHE D 330 -17.30 -38.64 -22.67
N ARG D 331 -16.63 -38.88 -21.56
CA ARG D 331 -16.77 -40.12 -20.81
C ARG D 331 -17.72 -39.84 -19.64
N VAL D 332 -18.81 -40.59 -19.57
CA VAL D 332 -19.83 -40.37 -18.55
C VAL D 332 -19.64 -41.39 -17.45
N GLY D 333 -19.51 -40.92 -16.22
CA GLY D 333 -19.36 -41.82 -15.09
C GLY D 333 -18.33 -41.34 -14.08
N ARG D 334 -17.74 -42.28 -13.35
CA ARG D 334 -16.80 -41.95 -12.29
C ARG D 334 -15.86 -43.13 -12.09
N ASN D 335 -14.70 -42.84 -11.52
CA ASN D 335 -13.81 -43.93 -11.10
C ASN D 335 -14.48 -44.77 -10.02
N ARG D 336 -14.13 -46.06 -10.00
CA ARG D 336 -14.56 -46.93 -8.91
C ARG D 336 -14.24 -46.30 -7.56
N ARG D 337 -13.03 -45.75 -7.43
CA ARG D 337 -12.63 -45.00 -6.26
C ARG D 337 -11.94 -43.71 -6.72
N ALA D 338 -12.28 -42.60 -6.07
CA ALA D 338 -11.68 -41.32 -6.46
C ALA D 338 -10.30 -41.13 -5.85
N TRP D 339 -10.07 -41.70 -4.67
CA TRP D 339 -8.80 -41.60 -3.97
C TRP D 339 -8.27 -43.01 -3.79
N VAL D 340 -7.10 -43.29 -4.37
CA VAL D 340 -6.47 -44.60 -4.34
C VAL D 340 -5.05 -44.43 -3.84
N LYS D 341 -4.67 -45.21 -2.82
CA LYS D 341 -3.37 -45.10 -2.17
C LYS D 341 -3.07 -43.65 -1.83
N ASN D 342 -2.03 -43.06 -2.43
CA ASN D 342 -1.72 -41.65 -2.21
C ASN D 342 -2.01 -40.79 -3.43
N CYS D 343 -3.06 -41.14 -4.17
CA CYS D 343 -3.44 -40.42 -5.39
C CYS D 343 -4.91 -40.05 -5.29
N VAL D 344 -5.20 -38.75 -5.35
CA VAL D 344 -6.55 -38.22 -5.24
C VAL D 344 -6.95 -37.60 -6.57
N SER D 345 -8.07 -38.06 -7.13
CA SER D 345 -8.56 -37.55 -8.40
C SER D 345 -9.62 -36.48 -8.17
N ILE D 346 -9.53 -35.39 -8.93
CA ILE D 346 -10.42 -34.25 -8.82
C ILE D 346 -10.71 -33.71 -10.21
N GLY D 347 -11.98 -33.50 -10.52
CA GLY D 347 -12.36 -32.99 -11.81
C GLY D 347 -12.64 -34.09 -12.82
N LEU D 348 -12.40 -33.82 -14.10
CA LEU D 348 -12.67 -34.80 -15.14
C LEU D 348 -11.86 -36.08 -14.96
N ALA D 349 -10.73 -36.00 -14.27
CA ALA D 349 -9.98 -37.21 -13.93
C ALA D 349 -10.79 -38.10 -12.99
N SER D 350 -11.64 -37.51 -12.17
CA SER D 350 -12.41 -38.24 -11.17
C SER D 350 -13.77 -38.70 -11.67
N CYS D 351 -14.51 -37.83 -12.37
CA CYS D 351 -15.88 -38.12 -12.77
C CYS D 351 -16.35 -37.07 -13.76
N PHE D 352 -17.52 -37.33 -14.36
CA PHE D 352 -18.16 -36.34 -15.22
C PHE D 352 -19.61 -36.68 -15.52
N LEU D 353 -20.49 -35.69 -15.38
CA LEU D 353 -21.84 -35.73 -15.88
C LEU D 353 -22.05 -34.55 -16.81
N GLU D 354 -23.03 -34.68 -17.70
CA GLU D 354 -23.36 -33.56 -18.57
C GLU D 354 -23.81 -32.38 -17.72
N PRO D 355 -23.45 -31.14 -18.09
CA PRO D 355 -23.71 -29.99 -17.22
C PRO D 355 -25.16 -29.53 -17.21
N LEU D 356 -26.11 -30.47 -17.19
CA LEU D 356 -27.52 -30.10 -17.27
C LEU D 356 -27.98 -29.31 -16.05
N GLU D 357 -27.44 -29.60 -14.87
CA GLU D 357 -27.72 -28.82 -13.67
C GLU D 357 -26.48 -28.07 -13.18
N SER D 358 -25.45 -27.99 -14.01
CA SER D 358 -24.24 -27.21 -13.73
C SER D 358 -23.61 -27.61 -12.40
N THR D 359 -23.17 -28.86 -12.32
CA THR D 359 -22.55 -29.40 -11.12
C THR D 359 -21.05 -29.57 -11.23
N GLY D 360 -20.46 -29.34 -12.41
CA GLY D 360 -19.04 -29.51 -12.62
C GLY D 360 -18.15 -28.88 -11.57
N ILE D 361 -18.26 -27.56 -11.39
CA ILE D 361 -17.46 -26.89 -10.38
C ILE D 361 -17.86 -27.33 -8.99
N TYR D 362 -19.13 -27.67 -8.78
CA TYR D 362 -19.57 -28.15 -7.48
C TYR D 362 -18.87 -29.46 -7.10
N PHE D 363 -18.77 -30.39 -8.06
CA PHE D 363 -18.04 -31.64 -7.81
C PHE D 363 -16.57 -31.38 -7.51
N ILE D 364 -15.99 -30.32 -8.10
CA ILE D 364 -14.59 -30.00 -7.84
C ILE D 364 -14.42 -29.47 -6.43
N THR D 365 -15.21 -28.45 -6.05
CA THR D 365 -15.03 -27.84 -4.74
C THR D 365 -15.44 -28.80 -3.62
N ALA D 366 -16.35 -29.74 -3.90
CA ALA D 366 -16.69 -30.75 -2.90
C ALA D 366 -15.55 -31.73 -2.66
N ALA D 367 -14.91 -32.20 -3.74
CA ALA D 367 -13.77 -33.10 -3.59
C ALA D 367 -12.63 -32.43 -2.83
N ILE D 368 -12.37 -31.16 -3.12
CA ILE D 368 -11.33 -30.43 -2.39
C ILE D 368 -11.73 -30.28 -0.93
N TYR D 369 -12.97 -29.89 -0.67
CA TYR D 369 -13.42 -29.73 0.71
C TYR D 369 -13.38 -31.06 1.43
N GLN D 370 -13.87 -32.13 0.79
CA GLN D 370 -13.84 -33.44 1.42
C GLN D 370 -12.41 -33.92 1.63
N LEU D 371 -11.48 -33.50 0.77
CA LEU D 371 -10.08 -33.87 0.98
C LEU D 371 -9.56 -33.29 2.28
N THR D 372 -9.80 -31.99 2.52
CA THR D 372 -9.31 -31.40 3.77
C THR D 372 -10.00 -32.00 4.98
N GLN D 373 -11.27 -32.40 4.85
CA GLN D 373 -11.96 -33.04 5.97
C GLN D 373 -11.49 -34.47 6.21
N HIS D 374 -10.80 -35.07 5.24
CA HIS D 374 -10.27 -36.43 5.37
C HIS D 374 -8.77 -36.45 5.11
N PHE D 375 -8.08 -35.39 5.52
CA PHE D 375 -6.70 -35.18 5.08
C PHE D 375 -5.77 -36.20 5.74
N PRO D 376 -4.96 -36.90 4.96
CA PRO D 376 -4.14 -37.98 5.52
C PRO D 376 -2.87 -37.45 6.16
N ASP D 377 -2.22 -38.32 6.92
CA ASP D 377 -0.80 -38.18 7.18
C ASP D 377 -0.08 -39.22 6.32
N ARG D 378 1.23 -39.37 6.54
CA ARG D 378 1.99 -40.22 5.63
C ARG D 378 1.67 -41.70 5.78
N THR D 379 0.97 -42.10 6.84
CA THR D 379 0.57 -43.50 6.98
C THR D 379 -0.63 -43.85 6.12
N PHE D 380 -1.39 -42.85 5.65
CA PHE D 380 -2.50 -43.03 4.73
C PHE D 380 -3.50 -44.08 5.23
N ALA D 381 -4.06 -43.80 6.39
CA ALA D 381 -5.06 -44.67 6.99
C ALA D 381 -6.22 -44.91 6.02
N LEU D 382 -6.51 -46.19 5.78
CA LEU D 382 -7.55 -46.54 4.80
C LEU D 382 -8.91 -45.96 5.16
N ALA D 383 -9.20 -45.81 6.46
CA ALA D 383 -10.49 -45.24 6.85
C ALA D 383 -10.68 -43.83 6.29
N LEU D 384 -9.59 -43.09 6.08
CA LEU D 384 -9.72 -41.74 5.55
C LEU D 384 -10.11 -41.75 4.09
N SER D 385 -9.40 -42.54 3.27
CA SER D 385 -9.72 -42.58 1.84
C SER D 385 -11.04 -43.31 1.57
N ASP D 386 -11.38 -44.30 2.40
CA ASP D 386 -12.67 -44.97 2.24
C ASP D 386 -13.83 -44.02 2.54
N ALA D 387 -13.70 -43.20 3.59
CA ALA D 387 -14.74 -42.23 3.89
C ALA D 387 -14.82 -41.17 2.79
N PHE D 388 -13.67 -40.73 2.28
CA PHE D 388 -13.64 -39.78 1.18
C PHE D 388 -14.33 -40.36 -0.04
N ASN D 389 -13.95 -41.58 -0.43
CA ASN D 389 -14.55 -42.19 -1.63
C ASN D 389 -16.05 -42.36 -1.47
N HIS D 390 -16.50 -42.66 -0.24
CA HIS D 390 -17.93 -42.85 -0.01
C HIS D 390 -18.71 -41.55 -0.18
N GLU D 391 -18.18 -40.44 0.36
CA GLU D 391 -18.85 -39.16 0.19
C GLU D 391 -18.91 -38.76 -1.28
N ILE D 392 -17.84 -39.02 -2.03
CA ILE D 392 -17.78 -38.60 -3.42
C ILE D 392 -18.70 -39.46 -4.29
N GLU D 393 -18.65 -40.78 -4.08
CA GLU D 393 -19.52 -41.67 -4.84
C GLU D 393 -20.99 -41.33 -4.64
N ALA D 394 -21.39 -41.11 -3.38
CA ALA D 394 -22.79 -40.81 -3.09
C ALA D 394 -23.22 -39.51 -3.75
N MET D 395 -22.40 -38.46 -3.60
CA MET D 395 -22.71 -37.17 -4.21
C MET D 395 -22.90 -37.31 -5.72
N PHE D 396 -22.00 -38.04 -6.37
CA PHE D 396 -22.08 -38.20 -7.82
C PHE D 396 -23.31 -39.01 -8.21
N ASP D 397 -23.54 -40.14 -7.54
CA ASP D 397 -24.65 -41.01 -7.93
C ASP D 397 -25.99 -40.34 -7.71
N ASP D 398 -26.11 -39.52 -6.67
CA ASP D 398 -27.37 -38.83 -6.39
C ASP D 398 -27.68 -37.79 -7.47
N THR D 399 -26.66 -37.02 -7.89
CA THR D 399 -26.87 -36.05 -8.96
C THR D 399 -27.06 -36.73 -10.31
N ARG D 400 -26.36 -37.84 -10.53
CA ARG D 400 -26.54 -38.62 -11.75
C ARG D 400 -28.00 -39.06 -11.91
N ASP D 401 -28.58 -39.63 -10.85
CA ASP D 401 -29.98 -40.06 -10.92
C ASP D 401 -30.90 -38.88 -11.18
N PHE D 402 -30.67 -37.76 -10.48
CA PHE D 402 -31.50 -36.57 -10.68
C PHE D 402 -31.45 -36.10 -12.12
N ILE D 403 -30.27 -36.16 -12.75
CA ILE D 403 -30.16 -35.72 -14.14
C ILE D 403 -30.89 -36.68 -15.07
N GLN D 404 -30.77 -37.99 -14.82
CA GLN D 404 -31.50 -38.94 -15.65
C GLN D 404 -33.01 -38.70 -15.59
N ALA D 405 -33.53 -38.36 -14.40
CA ALA D 405 -34.95 -38.08 -14.25
C ALA D 405 -35.41 -36.93 -15.13
N HIS D 406 -34.50 -36.04 -15.54
CA HIS D 406 -34.89 -34.99 -16.47
C HIS D 406 -35.33 -35.58 -17.81
N PHE D 407 -34.64 -36.62 -18.27
CA PHE D 407 -34.96 -37.25 -19.54
C PHE D 407 -36.06 -38.30 -19.40
N TYR D 408 -36.05 -39.07 -18.32
CA TYR D 408 -36.98 -40.18 -18.18
C TYR D 408 -38.42 -39.71 -18.04
N VAL D 409 -38.63 -38.61 -17.30
CA VAL D 409 -39.99 -38.13 -17.03
C VAL D 409 -40.50 -37.17 -18.10
N SER D 410 -39.63 -36.66 -18.96
CA SER D 410 -40.08 -35.80 -20.05
C SER D 410 -41.18 -36.51 -20.85
N PRO D 411 -42.26 -35.82 -21.19
CA PRO D 411 -43.34 -36.47 -21.96
C PRO D 411 -43.06 -36.65 -23.44
N ARG D 412 -41.87 -36.28 -23.92
CA ARG D 412 -41.60 -36.28 -25.35
C ARG D 412 -41.29 -37.68 -25.86
N THR D 413 -41.80 -37.97 -27.06
CA THR D 413 -41.59 -39.26 -27.71
C THR D 413 -41.34 -39.11 -29.21
N ASP D 414 -40.96 -37.93 -29.68
CA ASP D 414 -40.98 -37.61 -31.10
C ASP D 414 -39.71 -38.01 -31.85
N THR D 415 -38.59 -38.18 -31.16
CA THR D 415 -37.37 -38.61 -31.85
C THR D 415 -36.90 -39.94 -31.29
N PRO D 416 -35.99 -40.65 -31.97
CA PRO D 416 -35.45 -41.88 -31.37
C PRO D 416 -34.78 -41.67 -30.03
N PHE D 417 -34.19 -40.49 -29.80
CA PHE D 417 -33.44 -40.24 -28.58
C PHE D 417 -34.38 -40.12 -27.38
N TRP D 418 -35.42 -39.29 -27.49
CA TRP D 418 -36.36 -39.14 -26.40
C TRP D 418 -37.11 -40.44 -26.12
N LYS D 419 -37.34 -41.25 -27.15
CA LYS D 419 -37.97 -42.55 -26.91
C LYS D 419 -37.00 -43.51 -26.23
N ALA D 420 -35.74 -43.51 -26.65
CA ALA D 420 -34.79 -44.43 -26.05
C ALA D 420 -34.53 -44.10 -24.59
N ASN D 421 -34.67 -42.83 -24.20
CA ASN D 421 -34.51 -42.46 -22.80
C ASN D 421 -35.48 -43.20 -21.90
N LYS D 422 -36.73 -43.32 -22.33
CA LYS D 422 -37.73 -44.03 -21.54
C LYS D 422 -37.51 -45.54 -21.52
N ASP D 423 -36.65 -46.07 -22.38
CA ASP D 423 -36.34 -47.49 -22.38
C ASP D 423 -35.18 -47.85 -21.46
N LEU D 424 -34.46 -46.86 -20.94
CA LEU D 424 -33.35 -47.14 -20.04
C LEU D 424 -33.87 -47.60 -18.68
N HIS D 425 -32.98 -48.21 -17.90
CA HIS D 425 -33.35 -48.72 -16.59
C HIS D 425 -33.36 -47.58 -15.56
N LEU D 426 -34.43 -47.50 -14.79
CA LEU D 426 -34.54 -46.50 -13.74
C LEU D 426 -34.04 -47.10 -12.43
N PRO D 427 -33.01 -46.52 -11.80
CA PRO D 427 -32.54 -47.07 -10.52
C PRO D 427 -33.65 -47.05 -9.48
N GLU D 428 -33.55 -47.99 -8.54
CA GLU D 428 -34.66 -48.22 -7.62
C GLU D 428 -34.95 -46.98 -6.78
N GLN D 429 -33.90 -46.27 -6.34
CA GLN D 429 -34.12 -45.12 -5.47
C GLN D 429 -34.88 -44.00 -6.18
N MET D 430 -34.73 -43.88 -7.50
CA MET D 430 -35.51 -42.88 -8.21
C MET D 430 -36.93 -43.36 -8.47
N ARG D 431 -37.11 -44.67 -8.68
CA ARG D 431 -38.46 -45.23 -8.77
C ARG D 431 -39.25 -44.96 -7.49
N GLU D 432 -38.59 -45.13 -6.33
CA GLU D 432 -39.27 -44.86 -5.06
C GLU D 432 -39.63 -43.38 -4.94
N LYS D 433 -38.73 -42.49 -5.36
CA LYS D 433 -38.98 -41.06 -5.24
C LYS D 433 -40.18 -40.65 -6.08
N ILE D 434 -40.29 -41.17 -7.29
CA ILE D 434 -41.39 -40.80 -8.16
C ILE D 434 -42.72 -41.31 -7.59
N ALA D 435 -42.73 -42.53 -7.04
CA ALA D 435 -43.94 -43.02 -6.41
C ALA D 435 -44.29 -42.19 -5.17
N MET D 436 -43.27 -41.85 -4.36
CA MET D 436 -43.50 -40.95 -3.24
C MET D 436 -44.11 -39.63 -3.71
N TYR D 437 -43.57 -39.09 -4.81
CA TYR D 437 -44.05 -37.82 -5.33
C TYR D 437 -45.49 -37.92 -5.81
N LYS D 438 -45.81 -38.98 -6.58
CA LYS D 438 -47.17 -39.16 -7.06
C LYS D 438 -48.16 -39.30 -5.92
N ALA D 439 -47.72 -39.88 -4.79
CA ALA D 439 -48.58 -40.04 -3.63
C ALA D 439 -48.67 -38.77 -2.78
N GLY D 440 -48.00 -37.69 -3.18
CA GLY D 440 -48.13 -36.42 -2.51
C GLY D 440 -47.14 -36.17 -1.39
N LEU D 441 -46.17 -37.07 -1.17
CA LEU D 441 -45.15 -36.89 -0.17
C LEU D 441 -44.05 -35.93 -0.65
N PRO D 442 -43.44 -35.18 0.26
CA PRO D 442 -42.24 -34.43 -0.10
C PRO D 442 -41.06 -35.34 -0.36
N ILE D 443 -40.20 -34.92 -1.28
CA ILE D 443 -38.98 -35.64 -1.63
C ILE D 443 -37.82 -34.89 -0.99
N ASN D 444 -37.33 -35.38 0.14
CA ASN D 444 -36.12 -34.85 0.76
C ASN D 444 -36.30 -33.35 1.07
N ALA D 445 -37.31 -33.05 1.88
CA ALA D 445 -37.60 -31.67 2.22
C ALA D 445 -36.47 -31.08 3.06
N PRO D 446 -36.15 -29.81 2.88
CA PRO D 446 -35.15 -29.18 3.75
C PRO D 446 -35.73 -28.90 5.13
N VAL D 447 -34.90 -29.10 6.16
CA VAL D 447 -35.28 -28.78 7.53
C VAL D 447 -34.65 -27.47 7.99
N THR D 448 -34.00 -26.74 7.10
CA THR D 448 -33.25 -25.54 7.42
C THR D 448 -33.86 -24.33 6.72
N ASP D 449 -33.34 -23.14 7.05
CA ASP D 449 -33.60 -21.95 6.25
C ASP D 449 -32.43 -21.73 5.30
N GLU D 450 -32.68 -20.93 4.26
CA GLU D 450 -31.69 -20.75 3.19
C GLU D 450 -30.34 -20.31 3.75
N SER D 451 -30.34 -19.41 4.74
CA SER D 451 -29.09 -18.93 5.33
C SER D 451 -28.25 -20.09 5.85
N THR D 452 -28.86 -20.97 6.64
CA THR D 452 -28.15 -22.14 7.15
C THR D 452 -27.80 -23.10 6.01
N TYR D 453 -28.74 -23.34 5.10
CA TYR D 453 -28.50 -24.27 4.01
C TYR D 453 -27.33 -23.81 3.15
N TYR D 454 -27.31 -22.54 2.78
CA TYR D 454 -26.29 -22.09 1.84
C TYR D 454 -25.10 -21.44 2.55
N ARG D 456 -23.73 -23.47 6.25
CA ARG D 456 -23.02 -24.70 6.61
C ARG D 456 -22.96 -25.61 5.39
N PHE D 457 -21.73 -25.92 4.95
CA PHE D 457 -21.55 -26.72 3.74
C PHE D 457 -22.04 -28.15 3.93
N GLU D 458 -21.81 -28.72 5.13
CA GLU D 458 -22.17 -30.12 5.36
C GLU D 458 -23.68 -30.36 5.27
N ALA D 459 -24.49 -29.39 5.70
CA ALA D 459 -25.94 -29.55 5.67
C ALA D 459 -26.46 -29.64 4.24
N GLU D 460 -25.99 -28.73 3.37
CA GLU D 460 -26.34 -28.81 1.96
C GLU D 460 -25.83 -30.11 1.35
N PHE D 461 -24.60 -30.50 1.71
CA PHE D 461 -24.05 -31.75 1.21
C PHE D 461 -24.91 -32.94 1.63
N ARG D 462 -25.49 -32.90 2.83
CA ARG D 462 -26.35 -33.99 3.28
C ARG D 462 -27.69 -33.99 2.56
N ASN D 463 -28.06 -32.89 1.89
CA ASN D 463 -29.38 -32.76 1.32
C ASN D 463 -29.29 -31.78 0.14
N PHE D 464 -28.72 -32.23 -0.97
CA PHE D 464 -28.46 -31.30 -2.07
C PHE D 464 -29.69 -31.10 -2.94
N TRP D 465 -30.20 -32.17 -3.54
CA TRP D 465 -31.39 -32.07 -4.39
C TRP D 465 -32.61 -32.24 -3.50
N THR D 466 -33.23 -31.11 -3.16
CA THR D 466 -34.29 -31.05 -2.16
C THR D 466 -35.67 -31.04 -2.84
N ASN D 467 -36.71 -30.96 -2.01
CA ASN D 467 -38.09 -31.12 -2.48
C ASN D 467 -38.43 -30.11 -3.57
N GLY D 468 -38.06 -28.85 -3.39
CA GLY D 468 -38.33 -27.85 -4.42
C GLY D 468 -37.72 -28.22 -5.76
N SER D 469 -36.55 -28.86 -5.75
CA SER D 469 -35.90 -29.20 -7.01
C SER D 469 -36.60 -30.35 -7.70
N TYR D 470 -37.08 -31.33 -6.93
CA TYR D 470 -37.85 -32.41 -7.53
C TYR D 470 -39.19 -31.90 -8.08
N TYR D 471 -39.82 -30.95 -7.39
CA TYR D 471 -41.03 -30.35 -7.93
C TYR D 471 -40.73 -29.52 -9.18
N CYS D 472 -39.65 -28.73 -9.16
CA CYS D 472 -39.29 -27.92 -10.32
C CYS D 472 -39.18 -28.77 -11.59
N ILE D 473 -38.54 -29.93 -11.48
CA ILE D 473 -38.35 -30.79 -12.63
C ILE D 473 -39.62 -31.57 -12.94
N PHE D 474 -40.13 -32.31 -11.95
CA PHE D 474 -41.31 -33.15 -12.17
C PHE D 474 -42.50 -32.32 -12.63
N ALA D 475 -42.85 -31.29 -11.86
CA ALA D 475 -43.99 -30.45 -12.25
C ALA D 475 -43.68 -29.63 -13.49
N GLY D 476 -42.40 -29.28 -13.69
CA GLY D 476 -42.03 -28.59 -14.92
C GLY D 476 -42.25 -29.44 -16.15
N LEU D 477 -41.94 -30.73 -16.06
CA LEU D 477 -42.14 -31.65 -17.17
C LEU D 477 -43.58 -32.13 -17.28
N GLY D 478 -44.48 -31.69 -16.40
CA GLY D 478 -45.88 -32.05 -16.48
C GLY D 478 -46.31 -33.20 -15.60
N LEU D 479 -45.43 -33.68 -14.72
CA LEU D 479 -45.77 -34.73 -13.77
C LEU D 479 -46.22 -34.09 -12.47
N ARG D 480 -47.44 -34.38 -12.05
CA ARG D 480 -48.03 -33.88 -10.82
C ARG D 480 -48.48 -35.04 -9.95
N PRO D 481 -48.61 -34.83 -8.64
CA PRO D 481 -49.08 -35.92 -7.77
C PRO D 481 -50.46 -36.42 -8.18
N ASP D 482 -50.70 -37.71 -7.91
CA ASP D 482 -52.03 -38.28 -8.16
C ASP D 482 -53.09 -37.60 -7.32
N ASN D 483 -52.70 -37.08 -6.15
CA ASN D 483 -53.64 -36.51 -5.20
C ASN D 483 -52.83 -35.65 -4.24
N PRO D 484 -53.50 -34.73 -3.52
CA PRO D 484 -52.78 -33.97 -2.50
C PRO D 484 -52.27 -34.89 -1.39
N LEU D 485 -51.29 -34.38 -0.65
CA LEU D 485 -50.86 -35.01 0.58
C LEU D 485 -52.09 -35.29 1.45
N PRO D 486 -52.40 -36.55 1.76
CA PRO D 486 -53.70 -36.87 2.39
C PRO D 486 -53.99 -36.08 3.66
N MET D 487 -52.97 -35.76 4.46
CA MET D 487 -53.21 -35.01 5.70
C MET D 487 -53.84 -33.66 5.42
N LEU D 488 -53.56 -33.06 4.26
CA LEU D 488 -54.09 -31.73 3.95
C LEU D 488 -55.61 -31.69 3.98
N ARG D 489 -56.27 -32.80 3.64
CA ARG D 489 -57.73 -32.82 3.66
C ARG D 489 -58.30 -32.78 5.08
N HIS D 490 -57.47 -32.98 6.10
CA HIS D 490 -57.89 -32.93 7.49
C HIS D 490 -57.64 -31.57 8.13
N ARG D 491 -56.91 -30.69 7.46
CA ARG D 491 -56.50 -29.39 7.99
C ARG D 491 -57.02 -28.29 7.06
N PRO D 492 -58.32 -28.07 7.00
CA PRO D 492 -58.85 -27.06 6.07
C PRO D 492 -58.53 -25.64 6.47
N GLU D 493 -58.44 -25.36 7.77
CA GLU D 493 -58.02 -24.03 8.21
C GLU D 493 -56.57 -23.77 7.89
N GLN D 494 -55.76 -24.83 7.84
CA GLN D 494 -54.35 -24.68 7.50
C GLN D 494 -54.16 -24.42 6.01
N VAL D 495 -54.90 -25.14 5.16
CA VAL D 495 -54.81 -24.95 3.72
C VAL D 495 -55.19 -23.52 3.34
N ARG D 496 -56.33 -23.06 3.86
CA ARG D 496 -56.79 -21.71 3.51
C ARG D 496 -55.86 -20.64 4.07
N GLU D 497 -55.23 -20.89 5.21
CA GLU D 497 -54.33 -19.90 5.79
C GLU D 497 -53.05 -19.77 4.98
N ALA D 498 -52.53 -20.89 4.46
CA ALA D 498 -51.30 -20.84 3.68
C ALA D 498 -51.49 -20.19 2.32
N GLN D 499 -52.74 -20.01 1.87
CA GLN D 499 -52.98 -19.33 0.61
C GLN D 499 -52.39 -17.92 0.59
N ALA D 500 -52.14 -17.34 1.76
CA ALA D 500 -51.45 -16.07 1.85
C ALA D 500 -50.01 -16.17 1.34
N LEU D 501 -49.44 -17.37 1.29
CA LEU D 501 -48.09 -17.51 0.75
C LEU D 501 -48.07 -17.24 -0.75
N PHE D 502 -49.07 -17.72 -1.48
CA PHE D 502 -49.16 -17.39 -2.90
C PHE D 502 -49.45 -15.91 -3.12
N ALA D 503 -50.11 -15.27 -2.15
CA ALA D 503 -50.34 -13.83 -2.23
C ALA D 503 -49.05 -13.05 -1.99
N GLY D 504 -48.31 -13.43 -0.94
CA GLY D 504 -47.03 -12.78 -0.69
C GLY D 504 -46.03 -13.03 -1.80
N VAL D 505 -46.05 -14.23 -2.38
CA VAL D 505 -45.26 -14.50 -3.57
C VAL D 505 -45.72 -13.60 -4.72
N LYS D 506 -47.03 -13.36 -4.80
CA LYS D 506 -47.54 -12.46 -5.84
C LYS D 506 -47.13 -11.01 -5.57
N ASP D 507 -47.09 -10.61 -4.30
CA ASP D 507 -46.60 -9.27 -3.98
C ASP D 507 -45.12 -9.14 -4.33
N LYS D 508 -44.31 -10.08 -3.86
CA LYS D 508 -42.89 -10.10 -4.21
C LYS D 508 -42.70 -10.13 -5.72
N GLN D 509 -43.55 -10.87 -6.43
CA GLN D 509 -43.45 -10.89 -7.88
C GLN D 509 -43.65 -9.51 -8.50
N ARG D 510 -44.43 -8.65 -7.83
CA ARG D 510 -44.58 -7.29 -8.32
C ARG D 510 -43.47 -6.38 -7.79
N GLU D 511 -43.03 -6.60 -6.55
CA GLU D 511 -42.04 -5.70 -5.96
C GLU D 511 -40.70 -5.81 -6.68
N LEU D 512 -40.33 -7.01 -7.11
CA LEU D 512 -39.03 -7.20 -7.75
C LEU D 512 -39.01 -6.62 -9.16
N VAL D 513 -40.12 -6.74 -9.89
CA VAL D 513 -40.11 -6.32 -11.29
C VAL D 513 -40.09 -4.80 -11.39
N GLU D 514 -40.55 -4.09 -10.35
CA GLU D 514 -40.68 -2.64 -10.38
C GLU D 514 -39.62 -1.95 -9.52
N THR D 515 -38.58 -2.66 -9.09
CA THR D 515 -37.57 -2.07 -8.23
C THR D 515 -36.14 -2.50 -8.55
N LEU D 516 -35.91 -3.74 -8.97
CA LEU D 516 -34.56 -4.17 -9.30
C LEU D 516 -34.09 -3.56 -10.62
N PRO D 517 -32.80 -3.24 -10.73
CA PRO D 517 -32.26 -2.86 -12.03
C PRO D 517 -32.22 -4.06 -12.96
N SER D 518 -32.08 -3.76 -14.25
CA SER D 518 -31.91 -4.84 -15.23
C SER D 518 -30.59 -5.55 -14.99
N ASN D 519 -30.53 -6.81 -15.39
CA ASN D 519 -29.28 -7.56 -15.29
C ASN D 519 -28.18 -6.88 -16.10
N LEU D 520 -28.53 -6.26 -17.22
CA LEU D 520 -27.54 -5.55 -18.00
C LEU D 520 -27.00 -4.34 -17.25
N GLU D 521 -27.89 -3.62 -16.54
CA GLU D 521 -27.46 -2.41 -15.83
C GLU D 521 -26.50 -2.75 -14.70
N PHE D 522 -26.84 -3.74 -13.87
CA PHE D 522 -25.99 -4.09 -12.74
C PHE D 522 -24.63 -4.58 -13.18
N LEU D 523 -24.58 -5.33 -14.29
CA LEU D 523 -23.33 -5.98 -14.70
C LEU D 523 -22.31 -4.95 -15.18
N ARG D 524 -22.71 -4.08 -16.12
CA ARG D 524 -21.75 -3.11 -16.65
C ARG D 524 -21.31 -2.09 -15.61
N SER D 525 -22.10 -1.88 -14.55
CA SER D 525 -21.63 -1.07 -13.44
C SER D 525 -20.48 -1.73 -12.71
N LEU D 526 -20.43 -3.07 -12.72
CA LEU D 526 -19.37 -3.80 -12.04
C LEU D 526 -18.16 -4.05 -12.93
N HIS D 527 -18.37 -4.26 -14.23
CA HIS D 527 -17.27 -4.56 -15.14
C HIS D 527 -16.61 -3.31 -15.69
#